data_9PHK
# 
_entry.id   9PHK 
# 
_audit_conform.dict_name       mmcif_pdbx.dic 
_audit_conform.dict_version    5.406 
_audit_conform.dict_location   http://mmcif.pdb.org/dictionaries/ascii/mmcif_pdbx.dic 
# 
loop_
_database_2.database_id 
_database_2.database_code 
_database_2.pdbx_database_accession 
_database_2.pdbx_DOI 
PDB   9PHK         pdb_00009phk 10.2210/pdb9phk/pdb 
WWPDB D_1000297852 ?            ?                   
# 
loop_
_pdbx_audit_revision_history.ordinal 
_pdbx_audit_revision_history.data_content_type 
_pdbx_audit_revision_history.major_revision 
_pdbx_audit_revision_history.minor_revision 
_pdbx_audit_revision_history.revision_date 
_pdbx_audit_revision_history.part_number 
1 'Structure model' 1 0 2025-08-27 ? 
2 'Structure model' 1 1 2025-11-05 ? 
# 
_pdbx_audit_revision_details.ordinal             1 
_pdbx_audit_revision_details.revision_ordinal    1 
_pdbx_audit_revision_details.data_content_type   'Structure model' 
_pdbx_audit_revision_details.provider            repository 
_pdbx_audit_revision_details.type                'Initial release' 
_pdbx_audit_revision_details.description         ? 
_pdbx_audit_revision_details.details             ? 
# 
_pdbx_audit_revision_group.ordinal             1 
_pdbx_audit_revision_group.revision_ordinal    2 
_pdbx_audit_revision_group.data_content_type   'Structure model' 
_pdbx_audit_revision_group.group               'Structure summary' 
# 
_pdbx_audit_revision_category.ordinal             1 
_pdbx_audit_revision_category.revision_ordinal    2 
_pdbx_audit_revision_category.data_content_type   'Structure model' 
_pdbx_audit_revision_category.category            struct 
# 
_pdbx_audit_revision_item.ordinal             1 
_pdbx_audit_revision_item.revision_ordinal    2 
_pdbx_audit_revision_item.data_content_type   'Structure model' 
_pdbx_audit_revision_item.item                '_struct.title' 
# 
_pdbx_database_status.status_code                     REL 
_pdbx_database_status.status_code_sf                  REL 
_pdbx_database_status.status_code_mr                  ? 
_pdbx_database_status.entry_id                        9PHK 
_pdbx_database_status.recvd_initial_deposition_date   2025-07-09 
_pdbx_database_status.SG_entry                        N 
_pdbx_database_status.deposit_site                    RCSB 
_pdbx_database_status.process_site                    RCSB 
_pdbx_database_status.status_code_cs                  ? 
_pdbx_database_status.status_code_nmr_data            ? 
_pdbx_database_status.methods_development_category    ? 
_pdbx_database_status.pdb_format_compatible           Y 
# 
_pdbx_contact_author.id                 4 
_pdbx_contact_author.email              rs17@nyu.edu 
_pdbx_contact_author.name_first         Ruojie 
_pdbx_contact_author.name_last          Sha 
_pdbx_contact_author.name_mi            ? 
_pdbx_contact_author.role               'principal investigator/group leader' 
_pdbx_contact_author.identifier_ORCID   0000-0002-0807-734X 
# 
loop_
_audit_author.name 
_audit_author.pdbx_ordinal 
_audit_author.identifier_ORCID 
'Horvath, A.'   1 0009-0008-5770-8014 
'Woloszyn, K.'  2 0000-0003-1200-583X 
'Vecchioni, S.' 3 0000-0001-8243-650X 
'Ohayon, Y.P.'  4 0000-0001-7500-4282 
'Sha, R.'       5 0000-0002-0807-734X 
# 
_citation.abstract                  ? 
_citation.abstract_id_CAS           ? 
_citation.book_id_ISBN              ? 
_citation.book_publisher            ? 
_citation.book_publisher_city       ? 
_citation.book_title                ? 
_citation.coordinate_linkage        ? 
_citation.country                   ? 
_citation.database_id_Medline       ? 
_citation.details                   ? 
_citation.id                        primary 
_citation.journal_abbrev            'To Be Published' 
_citation.journal_id_ASTM           ? 
_citation.journal_id_CSD            0353 
_citation.journal_id_ISSN           ? 
_citation.journal_full              ? 
_citation.journal_issue             ? 
_citation.journal_volume            ? 
_citation.language                  ? 
_citation.page_first                ? 
_citation.page_last                 ? 
_citation.title                     'Shifted tensegrity triangles' 
_citation.year                      ? 
_citation.database_id_CSD           ? 
_citation.pdbx_database_id_DOI      ? 
_citation.pdbx_database_id_PubMed   ? 
_citation.pdbx_database_id_patent   ? 
_citation.unpublished_flag          ? 
# 
loop_
_citation_author.citation_id 
_citation_author.name 
_citation_author.ordinal 
_citation_author.identifier_ORCID 
primary 'Horvath, A.'   1 0009-0008-5770-8014 
primary 'Woloszyn, K.'  2 0000-0003-1200-583X 
primary 'Vecchioni, S.' 3 0000-0001-8243-650X 
primary 'Ohayon, Y.P.'  4 0000-0001-7500-4282 
primary 'Sha, R.'       5 0000-0002-0807-734X 
# 
loop_
_entity.id 
_entity.type 
_entity.src_method 
_entity.pdbx_description 
_entity.formula_weight 
_entity.pdbx_number_of_molecules 
_entity.pdbx_ec 
_entity.pdbx_mutation 
_entity.pdbx_fragment 
_entity.details 
1 polymer syn 
;DNA (5'-D(*GP*GP*AP*GP*CP*CP*TP*GP*TP*AP*CP*GP*GP*AP*CP*AP*TP*CP*T)-3')
;
5845.785 1 ? ? ? ? 
2 polymer syn 
;DNA (5'-D(P*CP*CP*GP*TP*AP*CP*A)-3')
;
2082.400 1 ? ? ? ? 
3 polymer syn 
;DNA (5'-D(P*GP*GP*CP*TP*CP*C)-3')
;
1785.193 1 ? ? ? ? 
4 polymer syn 
;DNA (5'-D(*AP*GP*AP*TP*GP*T)-3')
;
1848.253 1 ? ? ? ? 
# 
loop_
_entity_poly.entity_id 
_entity_poly.type 
_entity_poly.nstd_linkage 
_entity_poly.nstd_monomer 
_entity_poly.pdbx_seq_one_letter_code 
_entity_poly.pdbx_seq_one_letter_code_can 
_entity_poly.pdbx_strand_id 
_entity_poly.pdbx_target_identifier 
1 polydeoxyribonucleotide no no '(DG)(DG)(DA)(DG)(DC)(DC)(DT)(DG)(DT)(DA)(DC)(DG)(DG)(DA)(DC)(DA)(DT)(DC)(DT)' GGAGCCTGTACGGACATCT 
E ? 
2 polydeoxyribonucleotide no no '(DC)(DC)(DG)(DT)(DA)(DC)(DA)'                                                 CCGTACA             
F ? 
3 polydeoxyribonucleotide no no '(DG)(DG)(DC)(DT)(DC)(DC)'                                                     GGCTCC              
G ? 
4 polydeoxyribonucleotide no no '(DA)(DG)(DA)(DT)(DG)(DT)'                                                     AGATGT              
H ? 
# 
loop_
_entity_poly_seq.entity_id 
_entity_poly_seq.num 
_entity_poly_seq.mon_id 
_entity_poly_seq.hetero 
1 1  DG n 
1 2  DG n 
1 3  DA n 
1 4  DG n 
1 5  DC n 
1 6  DC n 
1 7  DT n 
1 8  DG n 
1 9  DT n 
1 10 DA n 
1 11 DC n 
1 12 DG n 
1 13 DG n 
1 14 DA n 
1 15 DC n 
1 16 DA n 
1 17 DT n 
1 18 DC n 
1 19 DT n 
2 1  DC n 
2 2  DC n 
2 3  DG n 
2 4  DT n 
2 5  DA n 
2 6  DC n 
2 7  DA n 
3 1  DG n 
3 2  DG n 
3 3  DC n 
3 4  DT n 
3 5  DC n 
3 6  DC n 
4 1  DA n 
4 2  DG n 
4 3  DA n 
4 4  DT n 
4 5  DG n 
4 6  DT n 
# 
loop_
_pdbx_entity_src_syn.entity_id 
_pdbx_entity_src_syn.pdbx_src_id 
_pdbx_entity_src_syn.pdbx_alt_source_flag 
_pdbx_entity_src_syn.pdbx_beg_seq_num 
_pdbx_entity_src_syn.pdbx_end_seq_num 
_pdbx_entity_src_syn.organism_scientific 
_pdbx_entity_src_syn.organism_common_name 
_pdbx_entity_src_syn.ncbi_taxonomy_id 
_pdbx_entity_src_syn.details 
1 1 sample 1 19 'synthetic construct' ? 32630 ? 
2 1 sample 1 7  'synthetic construct' ? 32630 ? 
3 1 sample 1 6  'synthetic construct' ? 32630 ? 
4 1 sample 1 6  'synthetic construct' ? 32630 ? 
# 
loop_
_chem_comp.id 
_chem_comp.type 
_chem_comp.mon_nstd_flag 
_chem_comp.name 
_chem_comp.pdbx_synonyms 
_chem_comp.formula 
_chem_comp.formula_weight 
DA 'DNA linking' y "2'-DEOXYADENOSINE-5'-MONOPHOSPHATE" ? 'C10 H14 N5 O6 P' 331.222 
DC 'DNA linking' y "2'-DEOXYCYTIDINE-5'-MONOPHOSPHATE"  ? 'C9 H14 N3 O7 P'  307.197 
DG 'DNA linking' y "2'-DEOXYGUANOSINE-5'-MONOPHOSPHATE" ? 'C10 H14 N5 O7 P' 347.221 
DT 'DNA linking' y "THYMIDINE-5'-MONOPHOSPHATE"         ? 'C10 H15 N2 O8 P' 322.208 
# 
loop_
_pdbx_poly_seq_scheme.asym_id 
_pdbx_poly_seq_scheme.entity_id 
_pdbx_poly_seq_scheme.seq_id 
_pdbx_poly_seq_scheme.mon_id 
_pdbx_poly_seq_scheme.ndb_seq_num 
_pdbx_poly_seq_scheme.pdb_seq_num 
_pdbx_poly_seq_scheme.auth_seq_num 
_pdbx_poly_seq_scheme.pdb_mon_id 
_pdbx_poly_seq_scheme.auth_mon_id 
_pdbx_poly_seq_scheme.pdb_strand_id 
_pdbx_poly_seq_scheme.pdb_ins_code 
_pdbx_poly_seq_scheme.hetero 
A 1 1  DG 1  105 105 DG DG E . n 
A 1 2  DG 2  106 106 DG DG E . n 
A 1 3  DA 3  107 107 DA DA E . n 
A 1 4  DG 4  108 108 DG DG E . n 
A 1 5  DC 5  109 109 DC DC E . n 
A 1 6  DC 6  110 110 DC DC E . n 
A 1 7  DT 7  111 111 DT DT E . n 
A 1 8  DG 8  112 112 DG DG E . n 
A 1 9  DT 9  113 113 DT DT E . n 
A 1 10 DA 10 114 114 DA DA E . n 
A 1 11 DC 11 115 115 DC DC E . n 
A 1 12 DG 12 116 116 DG DG E . n 
A 1 13 DG 13 117 117 DG DG E . n 
A 1 14 DA 14 118 118 DA DA E . n 
A 1 15 DC 15 119 119 DC DC E . n 
A 1 16 DA 16 120 120 DA DA E . n 
A 1 17 DT 17 121 121 DT DT E . n 
A 1 18 DC 18 122 122 DC DC E . n 
A 1 19 DT 19 123 123 DT DT E . n 
B 2 1  DC 1  119 119 DC DC F . n 
B 2 2  DC 2  120 120 DC DC F . n 
B 2 3  DG 3  121 121 DG DG F . n 
B 2 4  DT 4  122 122 DT DT F . n 
B 2 5  DA 5  123 123 DA DA F . n 
B 2 6  DC 6  124 124 DC DC F . n 
B 2 7  DA 7  125 125 DA DA F . n 
C 3 1  DG 1  209 209 DG DG G . n 
C 3 2  DG 2  210 210 DG DG G . n 
C 3 3  DC 3  211 211 DC DC G . n 
C 3 4  DT 4  212 212 DT DT G . n 
C 3 5  DC 5  213 213 DC DC G . n 
C 3 6  DC 6  214 214 DC DC G . n 
D 4 1  DA 1  104 104 DA DA H . n 
D 4 2  DG 2  105 105 DG DG H . n 
D 4 3  DA 3  106 106 DA DA H . n 
D 4 4  DT 4  107 107 DT DT H . n 
D 4 5  DG 5  108 108 DG DG H . n 
D 4 6  DT 6  109 109 DT DT H . n 
# 
loop_
_software.citation_id 
_software.classification 
_software.compiler_name 
_software.compiler_version 
_software.contact_author 
_software.contact_author_email 
_software.date 
_software.description 
_software.dependencies 
_software.hardware 
_software.language 
_software.location 
_software.mods 
_software.name 
_software.os 
_software.os_version 
_software.type 
_software.version 
_software.pdbx_reference_DOI 
_software.pdbx_ordinal 
? refinement       ? ? ? ? ? ? ? ? ? ? ? PHENIX    ? ? ? 1.21.2_5419 ? 1 
? 'data reduction' ? ? ? ? ? ? ? ? ? ? ? autoPROC  ? ? ? .           ? 2 
? 'data scaling'   ? ? ? ? ? ? ? ? ? ? ? STARANISO ? ? ? .           ? 3 
? phasing          ? ? ? ? ? ? ? ? ? ? ? PHASER    ? ? ? .           ? 4 
# 
_cell.angle_alpha                  90.000 
_cell.angle_alpha_esd              ? 
_cell.angle_beta                   90.000 
_cell.angle_beta_esd               ? 
_cell.angle_gamma                  90.000 
_cell.angle_gamma_esd              ? 
_cell.entry_id                     9PHK 
_cell.details                      ? 
_cell.formula_units_Z              ? 
_cell.length_a                     157.208 
_cell.length_a_esd                 ? 
_cell.length_b                     157.208 
_cell.length_b_esd                 ? 
_cell.length_c                     157.208 
_cell.length_c_esd                 ? 
_cell.volume                       3885294.362 
_cell.volume_esd                   ? 
_cell.Z_PDB                        48 
_cell.reciprocal_angle_alpha       ? 
_cell.reciprocal_angle_beta        ? 
_cell.reciprocal_angle_gamma       ? 
_cell.reciprocal_angle_alpha_esd   ? 
_cell.reciprocal_angle_beta_esd    ? 
_cell.reciprocal_angle_gamma_esd   ? 
_cell.reciprocal_length_a          ? 
_cell.reciprocal_length_b          ? 
_cell.reciprocal_length_c          ? 
_cell.reciprocal_length_a_esd      ? 
_cell.reciprocal_length_b_esd      ? 
_cell.reciprocal_length_c_esd      ? 
_cell.pdbx_unique_axis             ? 
_cell.pdbx_esd_method              ? 
# 
_symmetry.entry_id                         9PHK 
_symmetry.cell_setting                     ? 
_symmetry.Int_Tables_number                214 
_symmetry.space_group_name_Hall            'I 4bd 2c 3' 
_symmetry.space_group_name_H-M             'I 41 3 2' 
_symmetry.pdbx_full_space_group_name_H-M   ? 
# 
_exptl.absorpt_coefficient_mu     ? 
_exptl.absorpt_correction_T_max   ? 
_exptl.absorpt_correction_T_min   ? 
_exptl.absorpt_correction_type    ? 
_exptl.absorpt_process_details    ? 
_exptl.entry_id                   9PHK 
_exptl.crystals_number            1 
_exptl.details                    ? 
_exptl.method                     'X-RAY DIFFRACTION' 
_exptl.method_details             ? 
# 
_exptl_crystal.colour                       ? 
_exptl_crystal.density_diffrn               ? 
_exptl_crystal.density_Matthews             7.00 
_exptl_crystal.density_method               ? 
_exptl_crystal.density_percent_sol          82.43 
_exptl_crystal.description                  ? 
_exptl_crystal.F_000                        ? 
_exptl_crystal.id                           1 
_exptl_crystal.preparation                  ? 
_exptl_crystal.size_max                     ? 
_exptl_crystal.size_mid                     ? 
_exptl_crystal.size_min                     ? 
_exptl_crystal.size_rad                     ? 
_exptl_crystal.colour_lustre                ? 
_exptl_crystal.colour_modifier              ? 
_exptl_crystal.colour_primary               ? 
_exptl_crystal.density_meas                 ? 
_exptl_crystal.density_meas_esd             ? 
_exptl_crystal.density_meas_gt              ? 
_exptl_crystal.density_meas_lt              ? 
_exptl_crystal.density_meas_temp            ? 
_exptl_crystal.density_meas_temp_esd        ? 
_exptl_crystal.density_meas_temp_gt         ? 
_exptl_crystal.density_meas_temp_lt         ? 
_exptl_crystal.pdbx_crystal_image_url       ? 
_exptl_crystal.pdbx_crystal_image_format    ? 
_exptl_crystal.pdbx_mosaicity               ? 
_exptl_crystal.pdbx_mosaicity_esd           ? 
_exptl_crystal.pdbx_mosaic_method           ? 
_exptl_crystal.pdbx_mosaic_block_size       ? 
_exptl_crystal.pdbx_mosaic_block_size_esd   ? 
# 
_exptl_crystal_grow.apparatus       ? 
_exptl_crystal_grow.atmosphere      ? 
_exptl_crystal_grow.crystal_id      1 
_exptl_crystal_grow.details         ? 
_exptl_crystal_grow.method          'VAPOR DIFFUSION, HANGING DROP' 
_exptl_crystal_grow.method_ref      ? 
_exptl_crystal_grow.pH              ? 
_exptl_crystal_grow.pressure        ? 
_exptl_crystal_grow.pressure_esd    ? 
_exptl_crystal_grow.seeding         ? 
_exptl_crystal_grow.seeding_ref     ? 
_exptl_crystal_grow.temp_details    '338-293 at 0.4/hr' 
_exptl_crystal_grow.temp_esd        ? 
_exptl_crystal_grow.time            ? 
_exptl_crystal_grow.pdbx_details    '100 mM MOPS, 1.25 M magnesium sulfate' 
_exptl_crystal_grow.pdbx_pH_range   ? 
_exptl_crystal_grow.temp            293 
# 
_diffrn.ambient_environment              ? 
_diffrn.ambient_temp                     100 
_diffrn.ambient_temp_details             ? 
_diffrn.ambient_temp_esd                 ? 
_diffrn.crystal_id                       1 
_diffrn.crystal_support                  ? 
_diffrn.crystal_treatment                ? 
_diffrn.details                          ? 
_diffrn.id                               1 
_diffrn.ambient_pressure                 ? 
_diffrn.ambient_pressure_esd             ? 
_diffrn.ambient_pressure_gt              ? 
_diffrn.ambient_pressure_lt              ? 
_diffrn.ambient_temp_gt                  ? 
_diffrn.ambient_temp_lt                  ? 
_diffrn.pdbx_serial_crystal_experiment   N 
# 
_diffrn_detector.details                      ? 
_diffrn_detector.detector                     PIXEL 
_diffrn_detector.diffrn_id                    1 
_diffrn_detector.type                         'DECTRIS EIGER X 9M' 
_diffrn_detector.area_resol_mean              ? 
_diffrn_detector.dtime                        ? 
_diffrn_detector.pdbx_frames_total            ? 
_diffrn_detector.pdbx_collection_time_total   ? 
_diffrn_detector.pdbx_collection_date         2022-12-11 
_diffrn_detector.pdbx_frequency               ? 
_diffrn_detector.id                           ? 
_diffrn_detector.number_of_axes               ? 
# 
_diffrn_radiation.collimation                      ? 
_diffrn_radiation.diffrn_id                        1 
_diffrn_radiation.filter_edge                      ? 
_diffrn_radiation.inhomogeneity                    ? 
_diffrn_radiation.monochromator                    ? 
_diffrn_radiation.polarisn_norm                    ? 
_diffrn_radiation.polarisn_ratio                   ? 
_diffrn_radiation.probe                            ? 
_diffrn_radiation.type                             ? 
_diffrn_radiation.xray_symbol                      ? 
_diffrn_radiation.wavelength_id                    1 
_diffrn_radiation.pdbx_monochromatic_or_laue_m_l   M 
_diffrn_radiation.pdbx_wavelength_list             ? 
_diffrn_radiation.pdbx_wavelength                  ? 
_diffrn_radiation.pdbx_diffrn_protocol             'SINGLE WAVELENGTH' 
_diffrn_radiation.pdbx_analyzer                    ? 
_diffrn_radiation.pdbx_scattering_type             x-ray 
# 
_diffrn_radiation_wavelength.id           1 
_diffrn_radiation_wavelength.wavelength   1.007430 
_diffrn_radiation_wavelength.wt           1.0 
# 
_diffrn_source.current                     ? 
_diffrn_source.details                     ? 
_diffrn_source.diffrn_id                   1 
_diffrn_source.power                       ? 
_diffrn_source.size                        ? 
_diffrn_source.source                      SYNCHROTRON 
_diffrn_source.target                      ? 
_diffrn_source.type                        'APS BEAMLINE 17-ID' 
_diffrn_source.voltage                     ? 
_diffrn_source.take-off_angle              ? 
_diffrn_source.pdbx_wavelength_list        1.007430 
_diffrn_source.pdbx_wavelength             ? 
_diffrn_source.pdbx_synchrotron_beamline   17-ID 
_diffrn_source.pdbx_synchrotron_site       APS 
# 
_reflns.B_iso_Wilson_estimate                          334.84 
_reflns.entry_id                                       9PHK 
_reflns.data_reduction_details                         ? 
_reflns.data_reduction_method                          ? 
_reflns.d_resolution_high                              6.01 
_reflns.d_resolution_low                               64.180 
_reflns.details                                        ? 
_reflns.limit_h_max                                    ? 
_reflns.limit_h_min                                    ? 
_reflns.limit_k_max                                    ? 
_reflns.limit_k_min                                    ? 
_reflns.limit_l_max                                    ? 
_reflns.limit_l_min                                    ? 
_reflns.number_all                                     ? 
_reflns.number_obs                                     948 
_reflns.observed_criterion                             ? 
_reflns.observed_criterion_F_max                       ? 
_reflns.observed_criterion_F_min                       ? 
_reflns.observed_criterion_I_max                       ? 
_reflns.observed_criterion_I_min                       ? 
_reflns.observed_criterion_sigma_F                     ? 
_reflns.observed_criterion_sigma_I                     ? 
_reflns.percent_possible_obs                           100 
_reflns.R_free_details                                 ? 
_reflns.Rmerge_F_all                                   ? 
_reflns.Rmerge_F_obs                                   ? 
_reflns.Friedel_coverage                               ? 
_reflns.number_gt                                      ? 
_reflns.threshold_expression                           ? 
_reflns.pdbx_redundancy                                70.3 
_reflns.pdbx_netI_over_av_sigmaI                       ? 
_reflns.pdbx_netI_over_sigmaI                          52.8 
_reflns.pdbx_res_netI_over_av_sigmaI_2                 ? 
_reflns.pdbx_res_netI_over_sigmaI_2                    ? 
_reflns.pdbx_chi_squared                               ? 
_reflns.pdbx_scaling_rejects                           ? 
_reflns.pdbx_d_res_high_opt                            ? 
_reflns.pdbx_d_res_low_opt                             ? 
_reflns.pdbx_d_res_opt_method                          ? 
_reflns.phase_calculation_details                      ? 
_reflns.pdbx_Rrim_I_all                                ? 
_reflns.pdbx_Rpim_I_all                                ? 
_reflns.pdbx_d_opt                                     ? 
_reflns.pdbx_number_measured_all                       ? 
_reflns.pdbx_diffrn_id                                 1 
_reflns.pdbx_ordinal                                   1 
_reflns.pdbx_CC_half                                   1.000 
_reflns.pdbx_CC_star                                   ? 
_reflns.pdbx_R_split                                   ? 
_reflns.pdbx_Rmerge_I_obs                              ? 
_reflns.pdbx_Rmerge_I_all                              ? 
_reflns.pdbx_Rsym_value                                ? 
_reflns.pdbx_CC_split_method                           ? 
_reflns.pdbx_aniso_diffraction_limit_axis_1_ortho[1]   ? 
_reflns.pdbx_aniso_diffraction_limit_axis_1_ortho[2]   ? 
_reflns.pdbx_aniso_diffraction_limit_axis_1_ortho[3]   ? 
_reflns.pdbx_aniso_diffraction_limit_axis_2_ortho[1]   ? 
_reflns.pdbx_aniso_diffraction_limit_axis_2_ortho[2]   ? 
_reflns.pdbx_aniso_diffraction_limit_axis_2_ortho[3]   ? 
_reflns.pdbx_aniso_diffraction_limit_axis_3_ortho[1]   ? 
_reflns.pdbx_aniso_diffraction_limit_axis_3_ortho[2]   ? 
_reflns.pdbx_aniso_diffraction_limit_axis_3_ortho[3]   ? 
_reflns.pdbx_aniso_diffraction_limit_1                 ? 
_reflns.pdbx_aniso_diffraction_limit_2                 ? 
_reflns.pdbx_aniso_diffraction_limit_3                 ? 
_reflns.pdbx_aniso_B_tensor_eigenvector_1_ortho[1]     ? 
_reflns.pdbx_aniso_B_tensor_eigenvector_1_ortho[2]     ? 
_reflns.pdbx_aniso_B_tensor_eigenvector_1_ortho[3]     ? 
_reflns.pdbx_aniso_B_tensor_eigenvector_2_ortho[1]     ? 
_reflns.pdbx_aniso_B_tensor_eigenvector_2_ortho[2]     ? 
_reflns.pdbx_aniso_B_tensor_eigenvector_2_ortho[3]     ? 
_reflns.pdbx_aniso_B_tensor_eigenvector_3_ortho[1]     ? 
_reflns.pdbx_aniso_B_tensor_eigenvector_3_ortho[2]     ? 
_reflns.pdbx_aniso_B_tensor_eigenvector_3_ortho[3]     ? 
_reflns.pdbx_aniso_B_tensor_eigenvalue_1               ? 
_reflns.pdbx_aniso_B_tensor_eigenvalue_2               ? 
_reflns.pdbx_aniso_B_tensor_eigenvalue_3               ? 
_reflns.pdbx_orthogonalization_convention              ? 
_reflns.pdbx_percent_possible_ellipsoidal              ? 
_reflns.pdbx_percent_possible_spherical                ? 
_reflns.pdbx_percent_possible_ellipsoidal_anomalous    ? 
_reflns.pdbx_percent_possible_spherical_anomalous      ? 
_reflns.pdbx_redundancy_anomalous                      ? 
_reflns.pdbx_CC_half_anomalous                         ? 
_reflns.pdbx_absDiff_over_sigma_anomalous              ? 
_reflns.pdbx_percent_possible_anomalous                ? 
_reflns.pdbx_observed_signal_threshold                 ? 
_reflns.pdbx_signal_type                               ? 
_reflns.pdbx_signal_details                            ? 
_reflns.pdbx_signal_software_id                        ? 
# 
loop_
_reflns_shell.d_res_high 
_reflns_shell.d_res_low 
_reflns_shell.meanI_over_sigI_all 
_reflns_shell.meanI_over_sigI_obs 
_reflns_shell.number_measured_all 
_reflns_shell.number_measured_obs 
_reflns_shell.number_possible 
_reflns_shell.number_unique_all 
_reflns_shell.number_unique_obs 
_reflns_shell.percent_possible_obs 
_reflns_shell.Rmerge_F_all 
_reflns_shell.Rmerge_F_obs 
_reflns_shell.meanI_over_sigI_gt 
_reflns_shell.meanI_over_uI_all 
_reflns_shell.meanI_over_uI_gt 
_reflns_shell.number_measured_gt 
_reflns_shell.number_unique_gt 
_reflns_shell.percent_possible_gt 
_reflns_shell.Rmerge_F_gt 
_reflns_shell.Rmerge_I_gt 
_reflns_shell.pdbx_redundancy 
_reflns_shell.pdbx_chi_squared 
_reflns_shell.pdbx_netI_over_sigmaI_all 
_reflns_shell.pdbx_netI_over_sigmaI_obs 
_reflns_shell.pdbx_Rrim_I_all 
_reflns_shell.pdbx_Rpim_I_all 
_reflns_shell.pdbx_rejects 
_reflns_shell.pdbx_ordinal 
_reflns_shell.pdbx_diffrn_id 
_reflns_shell.pdbx_CC_half 
_reflns_shell.pdbx_CC_star 
_reflns_shell.pdbx_R_split 
_reflns_shell.percent_possible_all 
_reflns_shell.Rmerge_I_all 
_reflns_shell.Rmerge_I_obs 
_reflns_shell.pdbx_Rsym_value 
_reflns_shell.pdbx_percent_possible_ellipsoidal 
_reflns_shell.pdbx_percent_possible_spherical 
_reflns_shell.pdbx_percent_possible_ellipsoidal_anomalous 
_reflns_shell.pdbx_percent_possible_spherical_anomalous 
_reflns_shell.pdbx_redundancy_anomalous 
_reflns_shell.pdbx_CC_half_anomalous 
_reflns_shell.pdbx_absDiff_over_sigma_anomalous 
_reflns_shell.pdbx_percent_possible_anomalous 
6.011  6.505  ? ? ? ? ? ? 189 ? ? ? ? ? ? ? ? ? ? ? ? ? ? ? ? ? ? 1 1 0.993 ? ? ? ? ? ? ? ? ? ? ? ? ? ? 
10.747 64.180 ? ? ? ? ? ? 188 ? ? ? ? ? ? ? ? ? ? ? ? ? ? ? ? ? ? 2 1 1.000 ? ? ? ? ? ? ? ? ? ? ? ? ? ? 
# 
_refine.aniso_B[1][1]                            ? 
_refine.aniso_B[1][2]                            ? 
_refine.aniso_B[1][3]                            ? 
_refine.aniso_B[2][2]                            ? 
_refine.aniso_B[2][3]                            ? 
_refine.aniso_B[3][3]                            ? 
_refine.B_iso_max                                ? 
_refine.B_iso_mean                               362.01 
_refine.B_iso_min                                ? 
_refine.correlation_coeff_Fo_to_Fc               ? 
_refine.correlation_coeff_Fo_to_Fc_free          ? 
_refine.details                                  ? 
_refine.diff_density_max                         ? 
_refine.diff_density_max_esd                     ? 
_refine.diff_density_min                         ? 
_refine.diff_density_min_esd                     ? 
_refine.diff_density_rms                         ? 
_refine.diff_density_rms_esd                     ? 
_refine.entry_id                                 9PHK 
_refine.pdbx_refine_id                           'X-RAY DIFFRACTION' 
_refine.ls_abs_structure_details                 ? 
_refine.ls_abs_structure_Flack                   ? 
_refine.ls_abs_structure_Flack_esd               ? 
_refine.ls_abs_structure_Rogers                  ? 
_refine.ls_abs_structure_Rogers_esd              ? 
_refine.ls_d_res_high                            6.01 
_refine.ls_d_res_low                             33.52 
_refine.ls_extinction_coef                       ? 
_refine.ls_extinction_coef_esd                   ? 
_refine.ls_extinction_expression                 ? 
_refine.ls_extinction_method                     ? 
_refine.ls_goodness_of_fit_all                   ? 
_refine.ls_goodness_of_fit_all_esd               ? 
_refine.ls_goodness_of_fit_obs                   ? 
_refine.ls_goodness_of_fit_obs_esd               ? 
_refine.ls_hydrogen_treatment                    ? 
_refine.ls_matrix_type                           ? 
_refine.ls_number_constraints                    ? 
_refine.ls_number_parameters                     ? 
_refine.ls_number_reflns_all                     ? 
_refine.ls_number_reflns_obs                     931 
_refine.ls_number_reflns_R_free                  35 
_refine.ls_number_reflns_R_work                  896 
_refine.ls_number_restraints                     ? 
_refine.ls_percent_reflns_obs                    99.15 
_refine.ls_percent_reflns_R_free                 3.76 
_refine.ls_R_factor_all                          ? 
_refine.ls_R_factor_obs                          0.1355 
_refine.ls_R_factor_R_free                       0.2539 
_refine.ls_R_factor_R_free_error                 ? 
_refine.ls_R_factor_R_free_error_details         ? 
_refine.ls_R_factor_R_work                       0.1317 
_refine.ls_R_Fsqd_factor_obs                     ? 
_refine.ls_R_I_factor_obs                        ? 
_refine.ls_redundancy_reflns_all                 ? 
_refine.ls_redundancy_reflns_obs                 ? 
_refine.ls_restrained_S_all                      ? 
_refine.ls_restrained_S_obs                      ? 
_refine.ls_shift_over_esd_max                    ? 
_refine.ls_shift_over_esd_mean                   ? 
_refine.ls_structure_factor_coef                 ? 
_refine.ls_weighting_details                     ? 
_refine.ls_weighting_scheme                      ? 
_refine.ls_wR_factor_all                         ? 
_refine.ls_wR_factor_obs                         ? 
_refine.ls_wR_factor_R_free                      ? 
_refine.ls_wR_factor_R_work                      ? 
_refine.occupancy_max                            ? 
_refine.occupancy_min                            ? 
_refine.solvent_model_details                    'FLAT BULK SOLVENT MODEL' 
_refine.solvent_model_param_bsol                 ? 
_refine.solvent_model_param_ksol                 ? 
_refine.correlation_coeff_I_to_Fcsqd_work        ? 
_refine.correlation_coeff_I_to_Fcsqd_free        ? 
_refine.pdbx_R_complete                          ? 
_refine.ls_R_factor_gt                           ? 
_refine.ls_goodness_of_fit_gt                    ? 
_refine.ls_goodness_of_fit_ref                   ? 
_refine.ls_shift_over_su_max                     ? 
_refine.ls_shift_over_su_max_lt                  ? 
_refine.ls_shift_over_su_mean                    ? 
_refine.ls_shift_over_su_mean_lt                 ? 
_refine.pdbx_ls_sigma_I                          ? 
_refine.pdbx_ls_sigma_F                          1.38 
_refine.pdbx_ls_sigma_Fsqd                       ? 
_refine.pdbx_data_cutoff_high_absF               ? 
_refine.pdbx_data_cutoff_high_rms_absF           ? 
_refine.pdbx_data_cutoff_low_absF                ? 
_refine.pdbx_isotropic_thermal_model             ? 
_refine.pdbx_ls_cross_valid_method               'FREE R-VALUE' 
_refine.pdbx_method_to_determine_struct          'MOLECULAR REPLACEMENT' 
_refine.pdbx_starting_model                      ? 
_refine.pdbx_stereochemistry_target_values       'GeoStd + Monomer Library + CDL v1.2' 
_refine.pdbx_R_Free_selection_details            ? 
_refine.pdbx_stereochem_target_val_spec_case     ? 
_refine.pdbx_overall_ESU_R                       ? 
_refine.pdbx_overall_ESU_R_Free                  ? 
_refine.pdbx_solvent_vdw_probe_radii             1.1000 
_refine.pdbx_solvent_ion_probe_radii             ? 
_refine.pdbx_solvent_shrinkage_radii             0.9000 
_refine.pdbx_real_space_R                        ? 
_refine.pdbx_density_correlation                 ? 
_refine.pdbx_pd_number_of_powder_patterns        ? 
_refine.pdbx_pd_number_of_points                 ? 
_refine.pdbx_pd_meas_number_of_points            ? 
_refine.pdbx_pd_proc_ls_prof_R_factor            ? 
_refine.pdbx_pd_proc_ls_prof_wR_factor           ? 
_refine.pdbx_pd_Marquardt_correlation_coeff      ? 
_refine.pdbx_pd_Fsqrd_R_factor                   ? 
_refine.pdbx_pd_ls_matrix_band_width             ? 
_refine.pdbx_overall_phase_error                 18.9134 
_refine.pdbx_overall_SU_R_free_Cruickshank_DPI   ? 
_refine.pdbx_overall_SU_R_free_Blow_DPI          ? 
_refine.pdbx_overall_SU_R_Blow_DPI               ? 
_refine.pdbx_TLS_residual_ADP_flag               ? 
_refine.pdbx_diffrn_id                           1 
_refine.overall_SU_B                             ? 
_refine.overall_SU_ML                            0.9341 
_refine.overall_SU_R_Cruickshank_DPI             ? 
_refine.overall_SU_R_free                        ? 
_refine.overall_FOM_free_R_set                   ? 
_refine.overall_FOM_work_R_set                   ? 
_refine.pdbx_average_fsc_overall                 ? 
_refine.pdbx_average_fsc_work                    ? 
_refine.pdbx_average_fsc_free                    ? 
# 
_refine_hist.pdbx_refine_id                   'X-RAY DIFFRACTION' 
_refine_hist.cycle_id                         LAST 
_refine_hist.details                          ? 
_refine_hist.d_res_high                       6.01 
_refine_hist.d_res_low                        33.52 
_refine_hist.number_atoms_solvent             0 
_refine_hist.number_atoms_total               773 
_refine_hist.number_reflns_all                ? 
_refine_hist.number_reflns_obs                ? 
_refine_hist.number_reflns_R_free             ? 
_refine_hist.number_reflns_R_work             ? 
_refine_hist.R_factor_all                     ? 
_refine_hist.R_factor_obs                     ? 
_refine_hist.R_factor_R_free                  ? 
_refine_hist.R_factor_R_work                  ? 
_refine_hist.pdbx_number_residues_total       ? 
_refine_hist.pdbx_B_iso_mean_ligand           ? 
_refine_hist.pdbx_B_iso_mean_solvent          ? 
_refine_hist.pdbx_number_atoms_protein        0 
_refine_hist.pdbx_number_atoms_nucleic_acid   773 
_refine_hist.pdbx_number_atoms_ligand         0 
_refine_hist.pdbx_number_atoms_lipid          ? 
_refine_hist.pdbx_number_atoms_carb           ? 
_refine_hist.pdbx_pseudo_atom_details         ? 
# 
loop_
_refine_ls_restr.pdbx_refine_id 
_refine_ls_restr.criterion 
_refine_ls_restr.dev_ideal 
_refine_ls_restr.dev_ideal_target 
_refine_ls_restr.number 
_refine_ls_restr.rejects 
_refine_ls_restr.type 
_refine_ls_restr.weight 
_refine_ls_restr.pdbx_Zscore 
_refine_ls_restr.pdbx_restraint_function 
'X-RAY DIFFRACTION' ? 0.0057  ? 864  ? f_bond_d           ? ? ? 
'X-RAY DIFFRACTION' ? 0.6819  ? 1325 ? f_angle_d          ? ? ? 
'X-RAY DIFFRACTION' ? 0.0358  ? 150  ? f_chiral_restr     ? ? ? 
'X-RAY DIFFRACTION' ? 0.0034  ? 38   ? f_plane_restr      ? ? ? 
'X-RAY DIFFRACTION' ? 34.7469 ? 396  ? f_dihedral_angle_d ? ? ? 
# 
_refine_ls_shell.pdbx_refine_id                      'X-RAY DIFFRACTION' 
_refine_ls_shell.d_res_high                          6.01 
_refine_ls_shell.d_res_low                           33.52 
_refine_ls_shell.number_reflns_all                   ? 
_refine_ls_shell.number_reflns_obs                   ? 
_refine_ls_shell.number_reflns_R_free                35 
_refine_ls_shell.number_reflns_R_work                896 
_refine_ls_shell.percent_reflns_obs                  99.15 
_refine_ls_shell.percent_reflns_R_free               ? 
_refine_ls_shell.R_factor_all                        ? 
_refine_ls_shell.R_factor_obs                        ? 
_refine_ls_shell.R_factor_R_free_error               ? 
_refine_ls_shell.R_factor_R_work                     0.1317 
_refine_ls_shell.redundancy_reflns_all               ? 
_refine_ls_shell.redundancy_reflns_obs               ? 
_refine_ls_shell.wR_factor_all                       ? 
_refine_ls_shell.wR_factor_obs                       ? 
_refine_ls_shell.wR_factor_R_free                    ? 
_refine_ls_shell.wR_factor_R_work                    ? 
_refine_ls_shell.pdbx_R_complete                     ? 
_refine_ls_shell.correlation_coeff_Fo_to_Fc          ? 
_refine_ls_shell.correlation_coeff_Fo_to_Fc_free     ? 
_refine_ls_shell.correlation_coeff_I_to_Fcsqd_work   ? 
_refine_ls_shell.correlation_coeff_I_to_Fcsqd_free   ? 
_refine_ls_shell.pdbx_total_number_of_bins_used      ? 
_refine_ls_shell.pdbx_phase_error                    ? 
_refine_ls_shell.pdbx_fsc_work                       ? 
_refine_ls_shell.pdbx_fsc_free                       ? 
_refine_ls_shell.R_factor_R_free                     0.2539 
# 
_struct.entry_id                     9PHK 
_struct.title                        
'[19-7B G|T] 19 bp tensegrity triangle that propagates via blunt-end stacking with G stacking on T at the interface' 
_struct.pdbx_model_details           ? 
_struct.pdbx_formula_weight          ? 
_struct.pdbx_formula_weight_method   ? 
_struct.pdbx_model_type_details      ? 
_struct.pdbx_CASP_flag               N 
# 
_struct_keywords.entry_id        9PHK 
_struct_keywords.text            'tensegrity triangle, DNA' 
_struct_keywords.pdbx_keywords   DNA 
# 
loop_
_struct_asym.id 
_struct_asym.pdbx_blank_PDB_chainid_flag 
_struct_asym.pdbx_modified 
_struct_asym.entity_id 
_struct_asym.details 
A N N 1 ? 
B N N 2 ? 
C N N 3 ? 
D N N 4 ? 
# 
loop_
_struct_ref.id 
_struct_ref.db_name 
_struct_ref.db_code 
_struct_ref.pdbx_db_accession 
_struct_ref.pdbx_db_isoform 
_struct_ref.entity_id 
_struct_ref.pdbx_seq_one_letter_code 
_struct_ref.pdbx_align_begin 
1 PDB 9PHK 9PHK ? 1 ? 1 
2 PDB 9PHK 9PHK ? 2 ? 1 
3 PDB 9PHK 9PHK ? 3 ? 1 
4 PDB 9PHK 9PHK ? 4 ? 1 
# 
loop_
_struct_ref_seq.align_id 
_struct_ref_seq.ref_id 
_struct_ref_seq.pdbx_PDB_id_code 
_struct_ref_seq.pdbx_strand_id 
_struct_ref_seq.seq_align_beg 
_struct_ref_seq.pdbx_seq_align_beg_ins_code 
_struct_ref_seq.seq_align_end 
_struct_ref_seq.pdbx_seq_align_end_ins_code 
_struct_ref_seq.pdbx_db_accession 
_struct_ref_seq.db_align_beg 
_struct_ref_seq.pdbx_db_align_beg_ins_code 
_struct_ref_seq.db_align_end 
_struct_ref_seq.pdbx_db_align_end_ins_code 
_struct_ref_seq.pdbx_auth_seq_align_beg 
_struct_ref_seq.pdbx_auth_seq_align_end 
1 1 9PHK E 1 ? 19 ? 9PHK 105 ? 123 ? 105 123 
2 2 9PHK F 1 ? 7  ? 9PHK 119 ? 125 ? 119 125 
3 3 9PHK G 1 ? 6  ? 9PHK 209 ? 214 ? 209 214 
4 4 9PHK H 1 ? 6  ? 9PHK 104 ? 109 ? 104 109 
# 
_pdbx_struct_assembly.id                   1 
_pdbx_struct_assembly.details              author_defined_assembly 
_pdbx_struct_assembly.method_details       ? 
_pdbx_struct_assembly.oligomeric_details   dodecameric 
_pdbx_struct_assembly.oligomeric_count     12 
# 
loop_
_pdbx_struct_assembly_gen.assembly_id 
_pdbx_struct_assembly_gen.oper_expression 
_pdbx_struct_assembly_gen.asym_id_list 
1 1 A,B,C,D 
1 2 A,B,C,D 
1 3 A,B,C,D 
# 
_pdbx_struct_assembly_auth_evidence.id                     1 
_pdbx_struct_assembly_auth_evidence.assembly_id            1 
_pdbx_struct_assembly_auth_evidence.experimental_support   'native gel electrophoresis' 
_pdbx_struct_assembly_auth_evidence.details                ? 
# 
loop_
_pdbx_struct_oper_list.id 
_pdbx_struct_oper_list.type 
_pdbx_struct_oper_list.name 
_pdbx_struct_oper_list.symmetry_operation 
_pdbx_struct_oper_list.matrix[1][1] 
_pdbx_struct_oper_list.matrix[1][2] 
_pdbx_struct_oper_list.matrix[1][3] 
_pdbx_struct_oper_list.vector[1] 
_pdbx_struct_oper_list.matrix[2][1] 
_pdbx_struct_oper_list.matrix[2][2] 
_pdbx_struct_oper_list.matrix[2][3] 
_pdbx_struct_oper_list.vector[2] 
_pdbx_struct_oper_list.matrix[3][1] 
_pdbx_struct_oper_list.matrix[3][2] 
_pdbx_struct_oper_list.matrix[3][3] 
_pdbx_struct_oper_list.vector[3] 
1 'identity operation'         1_555 x,y,z 1.0000000000  0.0000000000  0.0000000000  0.0000000000   0.0000000000  1.0000000000 0.0000000000  0.0000000000   0.0000000000  0.0000000000  1.0000000000  0.0000000000   
2 'crystal symmetry operation' 5_555 z,x,y -0.0832107453 -0.9075020321 0.4117232489  -20.3934736033 -0.3276560544 0.4151000664 0.8487245990  -7.9163144635  -0.9411256462 -0.0642806088 -0.3318893211 -13.6411575382 
3 'crystal symmetry operation' 9_555 y,z,x -0.0832107453 -0.3276560544 -0.9411256462 -17.1288277031 -0.9075020321 0.4151000664 -0.0642806088 -16.0979179876 0.4117232489  0.8487245990  -0.3318893211 10.5878835116 
# 
loop_
_struct_conn.id 
_struct_conn.conn_type_id 
_struct_conn.pdbx_leaving_atom_flag 
_struct_conn.pdbx_PDB_id 
_struct_conn.ptnr1_label_asym_id 
_struct_conn.ptnr1_label_comp_id 
_struct_conn.ptnr1_label_seq_id 
_struct_conn.ptnr1_label_atom_id 
_struct_conn.pdbx_ptnr1_label_alt_id 
_struct_conn.pdbx_ptnr1_PDB_ins_code 
_struct_conn.pdbx_ptnr1_standard_comp_id 
_struct_conn.ptnr1_symmetry 
_struct_conn.ptnr2_label_asym_id 
_struct_conn.ptnr2_label_comp_id 
_struct_conn.ptnr2_label_seq_id 
_struct_conn.ptnr2_label_atom_id 
_struct_conn.pdbx_ptnr2_label_alt_id 
_struct_conn.pdbx_ptnr2_PDB_ins_code 
_struct_conn.ptnr1_auth_asym_id 
_struct_conn.ptnr1_auth_comp_id 
_struct_conn.ptnr1_auth_seq_id 
_struct_conn.ptnr2_auth_asym_id 
_struct_conn.ptnr2_auth_comp_id 
_struct_conn.ptnr2_auth_seq_id 
_struct_conn.ptnr2_symmetry 
_struct_conn.pdbx_ptnr3_label_atom_id 
_struct_conn.pdbx_ptnr3_label_seq_id 
_struct_conn.pdbx_ptnr3_label_comp_id 
_struct_conn.pdbx_ptnr3_label_asym_id 
_struct_conn.pdbx_ptnr3_label_alt_id 
_struct_conn.pdbx_ptnr3_PDB_ins_code 
_struct_conn.details 
_struct_conn.pdbx_dist_value 
_struct_conn.pdbx_value_order 
_struct_conn.pdbx_role 
hydrog1  hydrog ? ? A DG 1  N1 ? ? ? 1_555 C DC 6 N3 ? ? E DG 105 G DC 214 1_555 ? ? ? ? ? ? WATSON-CRICK ? ? ? 
hydrog2  hydrog ? ? A DG 1  N2 ? ? ? 1_555 C DC 6 O2 ? ? E DG 105 G DC 214 1_555 ? ? ? ? ? ? WATSON-CRICK ? ? ? 
hydrog3  hydrog ? ? A DG 1  O6 ? ? ? 1_555 C DC 6 N4 ? ? E DG 105 G DC 214 1_555 ? ? ? ? ? ? WATSON-CRICK ? ? ? 
hydrog4  hydrog ? ? A DG 2  N1 ? ? ? 1_555 C DC 5 N3 ? ? E DG 106 G DC 213 1_555 ? ? ? ? ? ? WATSON-CRICK ? ? ? 
hydrog5  hydrog ? ? A DG 2  N2 ? ? ? 1_555 C DC 5 O2 ? ? E DG 106 G DC 213 1_555 ? ? ? ? ? ? WATSON-CRICK ? ? ? 
hydrog6  hydrog ? ? A DG 2  O6 ? ? ? 1_555 C DC 5 N4 ? ? E DG 106 G DC 213 1_555 ? ? ? ? ? ? WATSON-CRICK ? ? ? 
hydrog7  hydrog ? ? A DA 3  N6 ? ? ? 1_555 C DT 4 O4 ? ? E DA 107 G DT 212 1_555 ? ? ? ? ? ? 'DA-DT PAIR' ? ? ? 
hydrog8  hydrog ? ? A DG 4  N1 ? ? ? 1_555 C DC 3 N3 ? ? E DG 108 G DC 211 1_555 ? ? ? ? ? ? WATSON-CRICK ? ? ? 
hydrog9  hydrog ? ? A DG 4  N2 ? ? ? 1_555 C DC 3 O2 ? ? E DG 108 G DC 211 1_555 ? ? ? ? ? ? WATSON-CRICK ? ? ? 
hydrog10 hydrog ? ? A DG 4  O6 ? ? ? 1_555 C DC 3 N4 ? ? E DG 108 G DC 211 1_555 ? ? ? ? ? ? WATSON-CRICK ? ? ? 
hydrog11 hydrog ? ? A DC 5  N3 ? ? ? 1_555 C DG 2 N1 ? ? E DC 109 G DG 210 1_555 ? ? ? ? ? ? WATSON-CRICK ? ? ? 
hydrog12 hydrog ? ? A DC 5  N4 ? ? ? 1_555 C DG 2 O6 ? ? E DC 109 G DG 210 1_555 ? ? ? ? ? ? WATSON-CRICK ? ? ? 
hydrog13 hydrog ? ? A DC 5  O2 ? ? ? 1_555 C DG 2 N2 ? ? E DC 109 G DG 210 1_555 ? ? ? ? ? ? WATSON-CRICK ? ? ? 
hydrog14 hydrog ? ? A DC 6  N3 ? ? ? 1_555 C DG 1 N1 ? ? E DC 110 G DG 209 1_555 ? ? ? ? ? ? WATSON-CRICK ? ? ? 
hydrog15 hydrog ? ? A DC 6  N4 ? ? ? 1_555 C DG 1 O6 ? ? E DC 110 G DG 209 1_555 ? ? ? ? ? ? WATSON-CRICK ? ? ? 
hydrog16 hydrog ? ? A DC 6  O2 ? ? ? 1_555 C DG 1 N2 ? ? E DC 110 G DG 209 1_555 ? ? ? ? ? ? WATSON-CRICK ? ? ? 
hydrog17 hydrog ? ? A DT 7  N3 ? ? ? 1_555 B DA 7 N1 ? ? E DT 111 F DA 125 1_555 ? ? ? ? ? ? WATSON-CRICK ? ? ? 
hydrog18 hydrog ? ? A DT 7  O4 ? ? ? 1_555 B DA 7 N6 ? ? E DT 111 F DA 125 1_555 ? ? ? ? ? ? WATSON-CRICK ? ? ? 
hydrog19 hydrog ? ? A DG 8  N1 ? ? ? 1_555 B DC 6 N3 ? ? E DG 112 F DC 124 1_555 ? ? ? ? ? ? WATSON-CRICK ? ? ? 
hydrog20 hydrog ? ? A DG 8  N2 ? ? ? 1_555 B DC 6 O2 ? ? E DG 112 F DC 124 1_555 ? ? ? ? ? ? WATSON-CRICK ? ? ? 
hydrog21 hydrog ? ? A DG 8  O6 ? ? ? 1_555 B DC 6 N4 ? ? E DG 112 F DC 124 1_555 ? ? ? ? ? ? WATSON-CRICK ? ? ? 
hydrog22 hydrog ? ? A DT 9  N3 ? ? ? 1_555 B DA 5 N1 ? ? E DT 113 F DA 123 1_555 ? ? ? ? ? ? WATSON-CRICK ? ? ? 
hydrog23 hydrog ? ? A DT 9  O4 ? ? ? 1_555 B DA 5 N6 ? ? E DT 113 F DA 123 1_555 ? ? ? ? ? ? WATSON-CRICK ? ? ? 
hydrog24 hydrog ? ? A DA 10 N1 ? ? ? 1_555 B DT 4 N3 ? ? E DA 114 F DT 122 1_555 ? ? ? ? ? ? WATSON-CRICK ? ? ? 
hydrog25 hydrog ? ? A DA 10 N6 ? ? ? 1_555 B DT 4 O4 ? ? E DA 114 F DT 122 1_555 ? ? ? ? ? ? WATSON-CRICK ? ? ? 
hydrog26 hydrog ? ? A DC 11 N3 ? ? ? 1_555 B DG 3 N1 ? ? E DC 115 F DG 121 1_555 ? ? ? ? ? ? WATSON-CRICK ? ? ? 
hydrog27 hydrog ? ? A DC 11 N4 ? ? ? 1_555 B DG 3 O6 ? ? E DC 115 F DG 121 1_555 ? ? ? ? ? ? WATSON-CRICK ? ? ? 
hydrog28 hydrog ? ? A DC 11 O2 ? ? ? 1_555 B DG 3 N2 ? ? E DC 115 F DG 121 1_555 ? ? ? ? ? ? WATSON-CRICK ? ? ? 
hydrog29 hydrog ? ? A DG 12 N1 ? ? ? 1_555 B DC 2 N3 ? ? E DG 116 F DC 120 1_555 ? ? ? ? ? ? WATSON-CRICK ? ? ? 
hydrog30 hydrog ? ? A DG 12 N2 ? ? ? 1_555 B DC 2 O2 ? ? E DG 116 F DC 120 1_555 ? ? ? ? ? ? WATSON-CRICK ? ? ? 
hydrog31 hydrog ? ? A DG 12 O6 ? ? ? 1_555 B DC 2 N4 ? ? E DG 116 F DC 120 1_555 ? ? ? ? ? ? WATSON-CRICK ? ? ? 
hydrog32 hydrog ? ? A DG 13 N1 ? ? ? 1_555 B DC 1 N3 ? ? E DG 117 F DC 119 1_555 ? ? ? ? ? ? WATSON-CRICK ? ? ? 
hydrog33 hydrog ? ? A DG 13 N2 ? ? ? 1_555 B DC 1 O2 ? ? E DG 117 F DC 119 1_555 ? ? ? ? ? ? WATSON-CRICK ? ? ? 
hydrog34 hydrog ? ? A DG 13 O6 ? ? ? 1_555 B DC 1 N4 ? ? E DG 117 F DC 119 1_555 ? ? ? ? ? ? WATSON-CRICK ? ? ? 
hydrog35 hydrog ? ? A DA 14 N1 ? ? ? 1_555 D DT 6 N3 ? ? E DA 118 H DT 109 1_555 ? ? ? ? ? ? WATSON-CRICK ? ? ? 
hydrog36 hydrog ? ? A DA 14 N6 ? ? ? 1_555 D DT 6 O4 ? ? E DA 118 H DT 109 1_555 ? ? ? ? ? ? WATSON-CRICK ? ? ? 
hydrog37 hydrog ? ? A DC 15 N3 ? ? ? 1_555 D DG 5 N1 ? ? E DC 119 H DG 108 1_555 ? ? ? ? ? ? WATSON-CRICK ? ? ? 
hydrog38 hydrog ? ? A DC 15 N4 ? ? ? 1_555 D DG 5 O6 ? ? E DC 119 H DG 108 1_555 ? ? ? ? ? ? WATSON-CRICK ? ? ? 
hydrog39 hydrog ? ? A DC 15 O2 ? ? ? 1_555 D DG 5 N2 ? ? E DC 119 H DG 108 1_555 ? ? ? ? ? ? WATSON-CRICK ? ? ? 
hydrog40 hydrog ? ? A DA 16 N1 ? ? ? 1_555 D DT 4 N3 ? ? E DA 120 H DT 107 1_555 ? ? ? ? ? ? WATSON-CRICK ? ? ? 
hydrog41 hydrog ? ? A DA 16 N6 ? ? ? 1_555 D DT 4 O4 ? ? E DA 120 H DT 107 1_555 ? ? ? ? ? ? WATSON-CRICK ? ? ? 
hydrog42 hydrog ? ? A DT 17 N3 ? ? ? 1_555 D DA 3 N1 ? ? E DT 121 H DA 106 1_555 ? ? ? ? ? ? WATSON-CRICK ? ? ? 
hydrog43 hydrog ? ? A DT 17 O4 ? ? ? 1_555 D DA 3 N6 ? ? E DT 121 H DA 106 1_555 ? ? ? ? ? ? WATSON-CRICK ? ? ? 
hydrog44 hydrog ? ? A DC 18 N3 ? ? ? 1_555 D DG 2 N1 ? ? E DC 122 H DG 105 1_555 ? ? ? ? ? ? WATSON-CRICK ? ? ? 
hydrog45 hydrog ? ? A DC 18 N4 ? ? ? 1_555 D DG 2 O6 ? ? E DC 122 H DG 105 1_555 ? ? ? ? ? ? WATSON-CRICK ? ? ? 
hydrog46 hydrog ? ? A DC 18 O2 ? ? ? 1_555 D DG 2 N2 ? ? E DC 122 H DG 105 1_555 ? ? ? ? ? ? WATSON-CRICK ? ? ? 
hydrog47 hydrog ? ? A DT 19 N3 ? ? ? 1_555 D DA 1 N1 ? ? E DT 123 H DA 104 1_555 ? ? ? ? ? ? WATSON-CRICK ? ? ? 
hydrog48 hydrog ? ? A DT 19 O4 ? ? ? 1_555 D DA 1 N6 ? ? E DT 123 H DA 104 1_555 ? ? ? ? ? ? WATSON-CRICK ? ? ? 
# 
_struct_conn_type.id          hydrog 
_struct_conn_type.criteria    ? 
_struct_conn_type.reference   ? 
# 
_pdbx_entry_details.entry_id                   9PHK 
_pdbx_entry_details.compound_details           ? 
_pdbx_entry_details.source_details             ? 
_pdbx_entry_details.nonpolymer_details         ? 
_pdbx_entry_details.sequence_details           ? 
_pdbx_entry_details.has_ligand_of_interest     ? 
_pdbx_entry_details.has_protein_modification   N 
# 
loop_
_space_group_symop.id 
_space_group_symop.operation_xyz 
1  x,y,z                
2  x+1/4,-z+1/4,y+3/4   
3  x+1/4,z+3/4,-y+3/4   
4  z+1/4,y+3/4,-x+3/4   
5  -z+1/4,y+3/4,x+1/4   
6  -y+1/4,x+3/4,z+1/4   
7  y+1/4,-x+1/4,z+3/4   
8  z,x,y                
9  y,z,x                
10 -y,-z+1/2,x          
11 z,-x,-y+1/2          
12 -y+1/2,z,-x          
13 -z,-x+1/2,y          
14 -z+1/2,x,-y          
15 y,-z,-x+1/2          
16 x,-y,-z+1/2          
17 -x+1/2,y,-z          
18 -x,-y+1/2,z          
19 y+1/4,x+3/4,-z+3/4   
20 -y+1/4,-x+1/4,-z+1/4 
21 z+1/4,-y+1/4,x+3/4   
22 -z+1/4,-y+1/4,-x+1/4 
23 -x+1/4,z+3/4,y+1/4   
24 -x+1/4,-z+1/4,-y+1/4 
25 x+1/2,y+1/2,z+1/2    
26 x+3/4,-z+3/4,y+5/4   
27 x+3/4,z+5/4,-y+5/4   
28 z+3/4,y+5/4,-x+5/4   
29 -z+3/4,y+5/4,x+3/4   
30 -y+3/4,x+5/4,z+3/4   
31 y+3/4,-x+3/4,z+5/4   
32 z+1/2,x+1/2,y+1/2    
33 y+1/2,z+1/2,x+1/2    
34 -y+1/2,-z+1,x+1/2    
35 z+1/2,-x+1/2,-y+1    
36 -y+1,z+1/2,-x+1/2    
37 -z+1/2,-x+1,y+1/2    
38 -z+1,x+1/2,-y+1/2    
39 y+1/2,-z+1/2,-x+1    
40 x+1/2,-y+1/2,-z+1    
41 -x+1,y+1/2,-z+1/2    
42 -x+1/2,-y+1,z+1/2    
43 y+3/4,x+5/4,-z+5/4   
44 -y+3/4,-x+3/4,-z+3/4 
45 z+3/4,-y+3/4,x+5/4   
46 -z+3/4,-y+3/4,-x+3/4 
47 -x+3/4,z+5/4,y+3/4   
48 -x+3/4,-z+3/4,-y+3/4 
# 
loop_
_pdbx_refine_tls.id 
_pdbx_refine_tls.pdbx_refine_id 
_pdbx_refine_tls.details 
_pdbx_refine_tls.method 
_pdbx_refine_tls.origin_x 
_pdbx_refine_tls.origin_y 
_pdbx_refine_tls.origin_z 
_pdbx_refine_tls.T[1][1] 
_pdbx_refine_tls.T[1][1]_esd 
_pdbx_refine_tls.T[1][2] 
_pdbx_refine_tls.T[1][2]_esd 
_pdbx_refine_tls.T[1][3] 
_pdbx_refine_tls.T[1][3]_esd 
_pdbx_refine_tls.T[2][2] 
_pdbx_refine_tls.T[2][2]_esd 
_pdbx_refine_tls.T[2][3] 
_pdbx_refine_tls.T[2][3]_esd 
_pdbx_refine_tls.T[3][3] 
_pdbx_refine_tls.T[3][3]_esd 
_pdbx_refine_tls.L[1][1] 
_pdbx_refine_tls.L[1][1]_esd 
_pdbx_refine_tls.L[1][2] 
_pdbx_refine_tls.L[1][2]_esd 
_pdbx_refine_tls.L[1][3] 
_pdbx_refine_tls.L[1][3]_esd 
_pdbx_refine_tls.L[2][2] 
_pdbx_refine_tls.L[2][2]_esd 
_pdbx_refine_tls.L[2][3] 
_pdbx_refine_tls.L[2][3]_esd 
_pdbx_refine_tls.L[3][3] 
_pdbx_refine_tls.L[3][3]_esd 
_pdbx_refine_tls.S[1][1] 
_pdbx_refine_tls.S[1][1]_esd 
_pdbx_refine_tls.S[1][2] 
_pdbx_refine_tls.S[1][2]_esd 
_pdbx_refine_tls.S[1][3] 
_pdbx_refine_tls.S[1][3]_esd 
_pdbx_refine_tls.S[2][1] 
_pdbx_refine_tls.S[2][1]_esd 
_pdbx_refine_tls.S[2][2] 
_pdbx_refine_tls.S[2][2]_esd 
_pdbx_refine_tls.S[2][3] 
_pdbx_refine_tls.S[2][3]_esd 
_pdbx_refine_tls.S[3][1] 
_pdbx_refine_tls.S[3][1]_esd 
_pdbx_refine_tls.S[3][2] 
_pdbx_refine_tls.S[3][2]_esd 
_pdbx_refine_tls.S[3][3] 
_pdbx_refine_tls.S[3][3]_esd 
1 'X-RAY DIFFRACTION' ? refined 0.28770947761  0.56046739217  -0.08532579442  2.89490533661 ? -0.136004060451 ? -0.363012397055 ? 3.70730055846 ? 0.895785122393 ? 2.81801305686 ? 5.45393318950 ? 1.623115819258  ? 3.42807365401  ? 4.186225375   ? 1.84553967385  ? 3.61993249662  ? 0.271356396323  ? 0.590344751020 ? 2.67862907632  ? 0.039123320507  ? -1.392936059482 ? -2.95218224716  ? -0.776302073729 ? 1.174695121937 ? 0.7657816739   ? 
2 'X-RAY DIFFRACTION' ? refined -0.35643474489 -0.83050550119 -0.49113952568  3.05485219270 ? -1.212975886737 ? -0.812453223708 ? 4.10572495884 ? 1.36074398506  ? 4.74142419498 ? 3.80185769542 ? -4.55407133582  ? 0.39143800660  ? 4.65788233879 ? -1.7697940337  ? 12.20924940699 ? 0.873094905284  ? 2.14202917035  ? 0.726958573    ? 1.87391252213   ? -3.133863078202 ? -6.96198971013  ? 2.8442916204    ? -1.21392278513 ? 1.02625125629  ? 
3 'X-RAY DIFFRACTION' ? refined -7.7911424659  16.52071720420 -12.74967956371 3.99805483810 ? -0.131399630226 ? -0.088041045790 ? 3.81964835012 ? 0.934076478251 ? 2.94852613010 ? 2.67214693572 ? -0.155592430104 ? 0.734999946283 ? 2.48541354383 ? 2.028777708101 ? 4.46433856251  ? 1.023641046926  ? 0.41848883754  ? 0.089552842310 ? 6.412582317323  ? -1.51599828532  ? -1.425151494315 ? -1.00122475551  ? -1.67894514659 ? -0.02239730587 ? 
4 'X-RAY DIFFRACTION' ? refined 7.1012943243   -17.2815124658 13.6330495987   4.64693352351 ? -0.429220159075 ? -1.81250434296  ? 4.12956918809 ? 0.94273858325  ? 2.78842337359 ? 7.38293224039 ? 7.3278154185    ? -2.34362942930 ? 7.60347829973 ? -1.32379550240 ? 3.48285364247  ? -1.323799476167 ? -0.58446731986 ? -2.71982356910 ? -1.862862236958 ? 0.19112480925   ? -1.46266008507  ? 6.573432741335  ? -0.10115778263 ? -1.59222716837 ? 
# 
loop_
_pdbx_refine_tls_group.id 
_pdbx_refine_tls_group.pdbx_refine_id 
_pdbx_refine_tls_group.refine_tls_id 
_pdbx_refine_tls_group.beg_label_asym_id 
_pdbx_refine_tls_group.beg_label_seq_id 
_pdbx_refine_tls_group.beg_auth_asym_id 
_pdbx_refine_tls_group.beg_auth_seq_id 
_pdbx_refine_tls_group.beg_PDB_ins_code 
_pdbx_refine_tls_group.end_label_asym_id 
_pdbx_refine_tls_group.end_label_seq_id 
_pdbx_refine_tls_group.end_auth_asym_id 
_pdbx_refine_tls_group.end_auth_seq_id 
_pdbx_refine_tls_group.end_PDB_ins_code 
_pdbx_refine_tls_group.selection 
_pdbx_refine_tls_group.selection_details 
1 'X-RAY DIFFRACTION' 1 A ? E 105 ? A ? E 123 ? ? 
;(chain 'E' and resid 105 through 123)
;
2 'X-RAY DIFFRACTION' 2 B ? F 119 ? B ? F 125 ? ? 
;(chain 'F' and resid 119 through 125)
;
3 'X-RAY DIFFRACTION' 3 C ? G 209 ? C ? G 214 ? ? 
;(chain 'G' and resid 209 through 214)
;
4 'X-RAY DIFFRACTION' 4 D ? H 104 ? D ? H 109 ? ? 
;(chain 'H' and resid 104 through 109)
;
# 
loop_
_chem_comp_atom.comp_id 
_chem_comp_atom.atom_id 
_chem_comp_atom.type_symbol 
_chem_comp_atom.pdbx_aromatic_flag 
_chem_comp_atom.pdbx_stereo_config 
_chem_comp_atom.pdbx_ordinal 
DA OP3    O N N 1   
DA P      P N N 2   
DA OP1    O N N 3   
DA OP2    O N N 4   
DA "O5'"  O N N 5   
DA "C5'"  C N N 6   
DA "C4'"  C N R 7   
DA "O4'"  O N N 8   
DA "C3'"  C N S 9   
DA "O3'"  O N N 10  
DA "C2'"  C N N 11  
DA "C1'"  C N R 12  
DA N9     N Y N 13  
DA C8     C Y N 14  
DA N7     N Y N 15  
DA C5     C Y N 16  
DA C6     C Y N 17  
DA N6     N N N 18  
DA N1     N Y N 19  
DA C2     C Y N 20  
DA N3     N Y N 21  
DA C4     C Y N 22  
DA HOP3   H N N 23  
DA HOP2   H N N 24  
DA "H5'"  H N N 25  
DA "H5''" H N N 26  
DA "H4'"  H N N 27  
DA "H3'"  H N N 28  
DA "HO3'" H N N 29  
DA "H2'"  H N N 30  
DA "H2''" H N N 31  
DA "H1'"  H N N 32  
DA H8     H N N 33  
DA H61    H N N 34  
DA H62    H N N 35  
DA H2     H N N 36  
DC OP3    O N N 37  
DC P      P N N 38  
DC OP1    O N N 39  
DC OP2    O N N 40  
DC "O5'"  O N N 41  
DC "C5'"  C N N 42  
DC "C4'"  C N R 43  
DC "O4'"  O N N 44  
DC "C3'"  C N S 45  
DC "O3'"  O N N 46  
DC "C2'"  C N N 47  
DC "C1'"  C N R 48  
DC N1     N N N 49  
DC C2     C N N 50  
DC O2     O N N 51  
DC N3     N N N 52  
DC C4     C N N 53  
DC N4     N N N 54  
DC C5     C N N 55  
DC C6     C N N 56  
DC HOP3   H N N 57  
DC HOP2   H N N 58  
DC "H5'"  H N N 59  
DC "H5''" H N N 60  
DC "H4'"  H N N 61  
DC "H3'"  H N N 62  
DC "HO3'" H N N 63  
DC "H2'"  H N N 64  
DC "H2''" H N N 65  
DC "H1'"  H N N 66  
DC H41    H N N 67  
DC H42    H N N 68  
DC H5     H N N 69  
DC H6     H N N 70  
DG OP3    O N N 71  
DG P      P N N 72  
DG OP1    O N N 73  
DG OP2    O N N 74  
DG "O5'"  O N N 75  
DG "C5'"  C N N 76  
DG "C4'"  C N R 77  
DG "O4'"  O N N 78  
DG "C3'"  C N S 79  
DG "O3'"  O N N 80  
DG "C2'"  C N N 81  
DG "C1'"  C N R 82  
DG N9     N Y N 83  
DG C8     C Y N 84  
DG N7     N Y N 85  
DG C5     C Y N 86  
DG C6     C N N 87  
DG O6     O N N 88  
DG N1     N N N 89  
DG C2     C N N 90  
DG N2     N N N 91  
DG N3     N N N 92  
DG C4     C Y N 93  
DG HOP3   H N N 94  
DG HOP2   H N N 95  
DG "H5'"  H N N 96  
DG "H5''" H N N 97  
DG "H4'"  H N N 98  
DG "H3'"  H N N 99  
DG "HO3'" H N N 100 
DG "H2'"  H N N 101 
DG "H2''" H N N 102 
DG "H1'"  H N N 103 
DG H8     H N N 104 
DG H1     H N N 105 
DG H21    H N N 106 
DG H22    H N N 107 
DT OP3    O N N 108 
DT P      P N N 109 
DT OP1    O N N 110 
DT OP2    O N N 111 
DT "O5'"  O N N 112 
DT "C5'"  C N N 113 
DT "C4'"  C N R 114 
DT "O4'"  O N N 115 
DT "C3'"  C N S 116 
DT "O3'"  O N N 117 
DT "C2'"  C N N 118 
DT "C1'"  C N R 119 
DT N1     N N N 120 
DT C2     C N N 121 
DT O2     O N N 122 
DT N3     N N N 123 
DT C4     C N N 124 
DT O4     O N N 125 
DT C5     C N N 126 
DT C7     C N N 127 
DT C6     C N N 128 
DT HOP3   H N N 129 
DT HOP2   H N N 130 
DT "H5'"  H N N 131 
DT "H5''" H N N 132 
DT "H4'"  H N N 133 
DT "H3'"  H N N 134 
DT "HO3'" H N N 135 
DT "H2'"  H N N 136 
DT "H2''" H N N 137 
DT "H1'"  H N N 138 
DT H3     H N N 139 
DT H71    H N N 140 
DT H72    H N N 141 
DT H73    H N N 142 
DT H6     H N N 143 
# 
loop_
_chem_comp_bond.comp_id 
_chem_comp_bond.atom_id_1 
_chem_comp_bond.atom_id_2 
_chem_comp_bond.value_order 
_chem_comp_bond.pdbx_aromatic_flag 
_chem_comp_bond.pdbx_stereo_config 
_chem_comp_bond.pdbx_ordinal 
DA OP3   P      sing N N 1   
DA OP3   HOP3   sing N N 2   
DA P     OP1    doub N N 3   
DA P     OP2    sing N N 4   
DA P     "O5'"  sing N N 5   
DA OP2   HOP2   sing N N 6   
DA "O5'" "C5'"  sing N N 7   
DA "C5'" "C4'"  sing N N 8   
DA "C5'" "H5'"  sing N N 9   
DA "C5'" "H5''" sing N N 10  
DA "C4'" "O4'"  sing N N 11  
DA "C4'" "C3'"  sing N N 12  
DA "C4'" "H4'"  sing N N 13  
DA "O4'" "C1'"  sing N N 14  
DA "C3'" "O3'"  sing N N 15  
DA "C3'" "C2'"  sing N N 16  
DA "C3'" "H3'"  sing N N 17  
DA "O3'" "HO3'" sing N N 18  
DA "C2'" "C1'"  sing N N 19  
DA "C2'" "H2'"  sing N N 20  
DA "C2'" "H2''" sing N N 21  
DA "C1'" N9     sing N N 22  
DA "C1'" "H1'"  sing N N 23  
DA N9    C8     sing Y N 24  
DA N9    C4     sing Y N 25  
DA C8    N7     doub Y N 26  
DA C8    H8     sing N N 27  
DA N7    C5     sing Y N 28  
DA C5    C6     sing Y N 29  
DA C5    C4     doub Y N 30  
DA C6    N6     sing N N 31  
DA C6    N1     doub Y N 32  
DA N6    H61    sing N N 33  
DA N6    H62    sing N N 34  
DA N1    C2     sing Y N 35  
DA C2    N3     doub Y N 36  
DA C2    H2     sing N N 37  
DA N3    C4     sing Y N 38  
DC OP3   P      sing N N 39  
DC OP3   HOP3   sing N N 40  
DC P     OP1    doub N N 41  
DC P     OP2    sing N N 42  
DC P     "O5'"  sing N N 43  
DC OP2   HOP2   sing N N 44  
DC "O5'" "C5'"  sing N N 45  
DC "C5'" "C4'"  sing N N 46  
DC "C5'" "H5'"  sing N N 47  
DC "C5'" "H5''" sing N N 48  
DC "C4'" "O4'"  sing N N 49  
DC "C4'" "C3'"  sing N N 50  
DC "C4'" "H4'"  sing N N 51  
DC "O4'" "C1'"  sing N N 52  
DC "C3'" "O3'"  sing N N 53  
DC "C3'" "C2'"  sing N N 54  
DC "C3'" "H3'"  sing N N 55  
DC "O3'" "HO3'" sing N N 56  
DC "C2'" "C1'"  sing N N 57  
DC "C2'" "H2'"  sing N N 58  
DC "C2'" "H2''" sing N N 59  
DC "C1'" N1     sing N N 60  
DC "C1'" "H1'"  sing N N 61  
DC N1    C2     sing N N 62  
DC N1    C6     sing N N 63  
DC C2    O2     doub N N 64  
DC C2    N3     sing N N 65  
DC N3    C4     doub N N 66  
DC C4    N4     sing N N 67  
DC C4    C5     sing N N 68  
DC N4    H41    sing N N 69  
DC N4    H42    sing N N 70  
DC C5    C6     doub N N 71  
DC C5    H5     sing N N 72  
DC C6    H6     sing N N 73  
DG OP3   P      sing N N 74  
DG OP3   HOP3   sing N N 75  
DG P     OP1    doub N N 76  
DG P     OP2    sing N N 77  
DG P     "O5'"  sing N N 78  
DG OP2   HOP2   sing N N 79  
DG "O5'" "C5'"  sing N N 80  
DG "C5'" "C4'"  sing N N 81  
DG "C5'" "H5'"  sing N N 82  
DG "C5'" "H5''" sing N N 83  
DG "C4'" "O4'"  sing N N 84  
DG "C4'" "C3'"  sing N N 85  
DG "C4'" "H4'"  sing N N 86  
DG "O4'" "C1'"  sing N N 87  
DG "C3'" "O3'"  sing N N 88  
DG "C3'" "C2'"  sing N N 89  
DG "C3'" "H3'"  sing N N 90  
DG "O3'" "HO3'" sing N N 91  
DG "C2'" "C1'"  sing N N 92  
DG "C2'" "H2'"  sing N N 93  
DG "C2'" "H2''" sing N N 94  
DG "C1'" N9     sing N N 95  
DG "C1'" "H1'"  sing N N 96  
DG N9    C8     sing Y N 97  
DG N9    C4     sing Y N 98  
DG C8    N7     doub Y N 99  
DG C8    H8     sing N N 100 
DG N7    C5     sing Y N 101 
DG C5    C6     sing N N 102 
DG C5    C4     doub Y N 103 
DG C6    O6     doub N N 104 
DG C6    N1     sing N N 105 
DG N1    C2     sing N N 106 
DG N1    H1     sing N N 107 
DG C2    N2     sing N N 108 
DG C2    N3     doub N N 109 
DG N2    H21    sing N N 110 
DG N2    H22    sing N N 111 
DG N3    C4     sing N N 112 
DT OP3   P      sing N N 113 
DT OP3   HOP3   sing N N 114 
DT P     OP1    doub N N 115 
DT P     OP2    sing N N 116 
DT P     "O5'"  sing N N 117 
DT OP2   HOP2   sing N N 118 
DT "O5'" "C5'"  sing N N 119 
DT "C5'" "C4'"  sing N N 120 
DT "C5'" "H5'"  sing N N 121 
DT "C5'" "H5''" sing N N 122 
DT "C4'" "O4'"  sing N N 123 
DT "C4'" "C3'"  sing N N 124 
DT "C4'" "H4'"  sing N N 125 
DT "O4'" "C1'"  sing N N 126 
DT "C3'" "O3'"  sing N N 127 
DT "C3'" "C2'"  sing N N 128 
DT "C3'" "H3'"  sing N N 129 
DT "O3'" "HO3'" sing N N 130 
DT "C2'" "C1'"  sing N N 131 
DT "C2'" "H2'"  sing N N 132 
DT "C2'" "H2''" sing N N 133 
DT "C1'" N1     sing N N 134 
DT "C1'" "H1'"  sing N N 135 
DT N1    C2     sing N N 136 
DT N1    C6     sing N N 137 
DT C2    O2     doub N N 138 
DT C2    N3     sing N N 139 
DT N3    C4     sing N N 140 
DT N3    H3     sing N N 141 
DT C4    O4     doub N N 142 
DT C4    C5     sing N N 143 
DT C5    C7     sing N N 144 
DT C5    C6     doub N N 145 
DT C7    H71    sing N N 146 
DT C7    H72    sing N N 147 
DT C7    H73    sing N N 148 
DT C6    H6     sing N N 149 
# 
loop_
_ndb_struct_conf_na.entry_id 
_ndb_struct_conf_na.feature 
9PHK 'double helix'        
9PHK 'b-form double helix' 
# 
loop_
_ndb_struct_na_base_pair.model_number 
_ndb_struct_na_base_pair.i_label_asym_id 
_ndb_struct_na_base_pair.i_label_comp_id 
_ndb_struct_na_base_pair.i_label_seq_id 
_ndb_struct_na_base_pair.i_symmetry 
_ndb_struct_na_base_pair.j_label_asym_id 
_ndb_struct_na_base_pair.j_label_comp_id 
_ndb_struct_na_base_pair.j_label_seq_id 
_ndb_struct_na_base_pair.j_symmetry 
_ndb_struct_na_base_pair.shear 
_ndb_struct_na_base_pair.stretch 
_ndb_struct_na_base_pair.stagger 
_ndb_struct_na_base_pair.buckle 
_ndb_struct_na_base_pair.propeller 
_ndb_struct_na_base_pair.opening 
_ndb_struct_na_base_pair.pair_number 
_ndb_struct_na_base_pair.pair_name 
_ndb_struct_na_base_pair.i_auth_asym_id 
_ndb_struct_na_base_pair.i_auth_seq_id 
_ndb_struct_na_base_pair.i_PDB_ins_code 
_ndb_struct_na_base_pair.j_auth_asym_id 
_ndb_struct_na_base_pair.j_auth_seq_id 
_ndb_struct_na_base_pair.j_PDB_ins_code 
_ndb_struct_na_base_pair.hbond_type_28 
_ndb_struct_na_base_pair.hbond_type_12 
1 A DG 1  1_555 C DC 6 1_555 -0.194 -0.072 0.017  2.345  -0.279  0.189   1  E_DG105:DC214_G E 105 ? G 214 ? 19 1 
1 A DG 2  1_555 C DC 5 1_555 -0.133 0.001  0.121  -2.350 -1.939  -1.964  2  E_DG106:DC213_G E 106 ? G 213 ? 19 1 
1 A DA 3  1_555 C DT 4 1_555 1.416  1.043  -0.238 -4.625 -1.277  -15.250 3  E_DA107:DT212_G E 107 ? G 212 ? ?  ? 
1 A DG 4  1_555 C DC 3 1_555 -0.205 -0.148 0.025  2.154  -2.911  -1.643  4  E_DG108:DC211_G E 108 ? G 211 ? 19 1 
1 A DC 5  1_555 C DG 2 1_555 0.209  -0.102 0.045  -0.457 -5.956  0.594   5  E_DC109:DG210_G E 109 ? G 210 ? 19 1 
1 A DC 6  1_555 C DG 1 1_555 0.102  -0.117 -0.058 -1.006 -2.008  -1.437  6  E_DC110:DG209_G E 110 ? G 209 ? 19 1 
1 A DT 7  1_555 B DA 7 1_555 -0.276 -0.203 0.260  2.797  -4.406  2.388   7  E_DT111:DA125_F E 111 ? F 125 ? 20 1 
1 A DG 8  1_555 B DC 6 1_555 -0.186 -0.112 0.199  -0.762 0.102   1.431   8  E_DG112:DC124_F E 112 ? F 124 ? 19 1 
1 A DT 9  1_555 B DA 5 1_555 -0.135 -0.159 0.044  1.262  -0.075  -0.448  9  E_DT113:DA123_F E 113 ? F 123 ? 20 1 
1 A DA 10 1_555 B DT 4 1_555 0.024  -0.136 0.124  3.169  0.251   1.101   10 E_DA114:DT122_F E 114 ? F 122 ? 20 1 
1 A DC 11 1_555 B DG 3 1_555 0.138  -0.092 -0.046 5.090  -4.899  -1.083  11 E_DC115:DG121_F E 115 ? F 121 ? 19 1 
1 A DG 12 1_555 B DC 2 1_555 -0.178 -0.058 0.238  1.899  -9.756  -1.396  12 E_DG116:DC120_F E 116 ? F 120 ? 19 1 
1 A DG 13 1_555 B DC 1 1_555 -0.194 -0.125 0.245  1.392  -10.432 0.514   13 E_DG117:DC119_F E 117 ? F 119 ? 19 1 
1 A DA 14 1_555 D DT 6 1_555 0.175  0.087  0.032  -2.118 -2.175  -1.475  14 E_DA118:DT109_H E 118 ? H 109 ? 20 1 
1 A DC 15 1_555 D DG 5 1_555 0.155  -0.109 0.426  -0.101 -1.742  0.200   15 E_DC119:DG108_H E 119 ? H 108 ? 19 1 
1 A DA 16 1_555 D DT 4 1_555 0.255  0.053  -0.079 -2.195 0.328   -2.592  16 E_DA120:DT107_H E 120 ? H 107 ? 20 1 
1 A DT 17 1_555 D DA 3 1_555 -0.124 -0.135 -0.024 1.016  -1.663  1.017   17 E_DT121:DA106_H E 121 ? H 106 ? 20 1 
1 A DC 18 1_555 D DG 2 1_555 0.155  -0.152 0.061  -1.800 -5.040  1.457   18 E_DC122:DG105_H E 122 ? H 105 ? 19 1 
1 A DT 19 1_555 D DA 1 1_555 -0.078 -0.055 0.098  -2.119 -3.441  -2.326  19 E_DT123:DA104_H E 123 ? H 104 ? 20 1 
# 
loop_
_ndb_struct_na_base_pair_step.model_number 
_ndb_struct_na_base_pair_step.i_label_asym_id_1 
_ndb_struct_na_base_pair_step.i_label_comp_id_1 
_ndb_struct_na_base_pair_step.i_label_seq_id_1 
_ndb_struct_na_base_pair_step.i_symmetry_1 
_ndb_struct_na_base_pair_step.j_label_asym_id_1 
_ndb_struct_na_base_pair_step.j_label_comp_id_1 
_ndb_struct_na_base_pair_step.j_label_seq_id_1 
_ndb_struct_na_base_pair_step.j_symmetry_1 
_ndb_struct_na_base_pair_step.i_label_asym_id_2 
_ndb_struct_na_base_pair_step.i_label_comp_id_2 
_ndb_struct_na_base_pair_step.i_label_seq_id_2 
_ndb_struct_na_base_pair_step.i_symmetry_2 
_ndb_struct_na_base_pair_step.j_label_asym_id_2 
_ndb_struct_na_base_pair_step.j_label_comp_id_2 
_ndb_struct_na_base_pair_step.j_label_seq_id_2 
_ndb_struct_na_base_pair_step.j_symmetry_2 
_ndb_struct_na_base_pair_step.shift 
_ndb_struct_na_base_pair_step.slide 
_ndb_struct_na_base_pair_step.rise 
_ndb_struct_na_base_pair_step.tilt 
_ndb_struct_na_base_pair_step.roll 
_ndb_struct_na_base_pair_step.twist 
_ndb_struct_na_base_pair_step.x_displacement 
_ndb_struct_na_base_pair_step.y_displacement 
_ndb_struct_na_base_pair_step.helical_rise 
_ndb_struct_na_base_pair_step.inclination 
_ndb_struct_na_base_pair_step.tip 
_ndb_struct_na_base_pair_step.helical_twist 
_ndb_struct_na_base_pair_step.step_number 
_ndb_struct_na_base_pair_step.step_name 
_ndb_struct_na_base_pair_step.i_auth_asym_id_1 
_ndb_struct_na_base_pair_step.i_auth_seq_id_1 
_ndb_struct_na_base_pair_step.i_PDB_ins_code_1 
_ndb_struct_na_base_pair_step.j_auth_asym_id_1 
_ndb_struct_na_base_pair_step.j_auth_seq_id_1 
_ndb_struct_na_base_pair_step.j_PDB_ins_code_1 
_ndb_struct_na_base_pair_step.i_auth_asym_id_2 
_ndb_struct_na_base_pair_step.i_auth_seq_id_2 
_ndb_struct_na_base_pair_step.i_PDB_ins_code_2 
_ndb_struct_na_base_pair_step.j_auth_asym_id_2 
_ndb_struct_na_base_pair_step.j_auth_seq_id_2 
_ndb_struct_na_base_pair_step.j_PDB_ins_code_2 
1 A DG 1  1_555 C DC 6 1_555 A DG 2  1_555 C DC 5 1_555 -0.384 -0.944 3.698 1.046  -0.097 31.773 -1.703 0.917  3.687 -0.177  
-1.910 31.789 1  EE_DG105DG106:DC213DC214_GG E 105 ? G 214 ? E 106 ? G 213 ? 
1 A DG 2  1_555 C DC 5 1_555 A DA 3  1_555 C DT 4 1_555 -0.930 1.086  3.583 -2.656 1.317  44.846 1.288  0.951  3.658 1.724   3.476 
44.939 2  EE_DG106DA107:DT212DC213_GG E 106 ? G 213 ? E 107 ? G 212 ? 
1 A DA 3  1_555 C DT 4 1_555 A DG 4  1_555 C DC 3 1_555 1.143  -0.555 3.085 -4.867 4.388  27.221 -2.084 -3.402 2.722 9.155   
10.155 27.984 3  EE_DA107DG108:DC211DT212_GG E 107 ? G 212 ? E 108 ? G 211 ? 
1 A DG 4  1_555 C DC 3 1_555 A DC 5  1_555 C DG 2 1_555 0.305  -0.636 3.161 -0.840 -0.156 35.131 -1.031 -0.627 3.156 -0.258  1.391 
35.141 4  EE_DG108DC109:DG210DC211_GG E 108 ? G 211 ? E 109 ? G 210 ? 
1 A DC 5  1_555 C DG 2 1_555 A DC 6  1_555 C DG 1 1_555 0.349  -0.805 3.175 1.028  1.054  45.147 -1.140 -0.366 3.163 1.373   
-1.338 45.169 5  EE_DC109DC110:DG209DG210_GG E 109 ? G 210 ? E 110 ? G 209 ? 
1 A DC 6  1_555 C DG 1 1_555 A DT 7  1_555 B DA 7 1_555 -1.644 -0.591 3.473 -3.836 1.739  15.618 -3.484 2.796  3.679 6.252   
13.794 16.172 6  EE_DC110DT111:DA125DG209_FG E 110 ? G 209 ? E 111 ? F 125 ? 
1 A DT 7  1_555 B DA 7 1_555 A DG 8  1_555 B DC 6 1_555 -0.613 0.131  3.584 -6.945 6.388  33.589 -0.868 -0.158 3.600 10.791  
11.733 34.853 7  EE_DT111DG112:DC124DA125_FF E 111 ? F 125 ? E 112 ? F 124 ? 
1 A DG 8  1_555 B DC 6 1_555 A DT 9  1_555 B DA 5 1_555 -0.434 -0.732 3.187 0.774  0.640  30.912 -1.493 0.960  3.160 1.200   
-1.451 30.928 8  EE_DG112DT113:DA123DC124_FF E 112 ? F 124 ? E 113 ? F 123 ? 
1 A DT 9  1_555 B DA 5 1_555 A DA 10 1_555 B DT 4 1_555 0.236  0.422  3.586 0.766  2.144  43.612 0.341  -0.237 3.605 2.883   
-1.030 43.669 9  EE_DT113DA114:DT122DA123_FF E 113 ? F 123 ? E 114 ? F 122 ? 
1 A DA 10 1_555 B DT 4 1_555 A DC 11 1_555 B DG 3 1_555 -1.047 0.093  3.237 1.593  2.497  28.728 -0.359 2.447  3.172 5.015   
-3.199 28.877 10 EE_DA114DC115:DG121DT122_FF E 114 ? F 122 ? E 115 ? F 121 ? 
1 A DC 11 1_555 B DG 3 1_555 A DG 12 1_555 B DC 2 1_555 0.093  2.949  3.630 3.680  -5.189 44.906 4.315  0.226  3.285 -6.753  
-4.789 45.331 11 EE_DC115DG116:DC120DG121_FF E 115 ? F 121 ? E 116 ? F 120 ? 
1 A DG 12 1_555 B DC 2 1_555 A DG 13 1_555 B DC 1 1_555 0.049  2.423  3.692 -6.854 -6.082 46.529 3.550  -0.663 3.329 -7.612  8.579 
47.374 12 EE_DG116DG117:DC119DC120_FF E 116 ? F 120 ? E 117 ? F 119 ? 
1 A DG 13 1_555 B DC 1 1_555 A DA 14 1_555 D DT 6 1_555 -1.134 -0.204 3.233 -3.046 -4.477 32.577 0.407  1.474  3.321 -7.913  5.383 
33.012 13 EE_DG117DA118:DT109DC119_HF E 117 ? F 119 ? E 118 ? H 109 ? 
1 A DA 14 1_555 D DT 6 1_555 A DC 15 1_555 D DG 5 1_555 0.154  -1.503 3.112 -2.121 0.922  27.688 -3.339 -0.801 3.041 1.923   4.421 
27.783 14 EE_DA118DC119:DG108DT109_HH E 118 ? H 109 ? E 119 ? H 108 ? 
1 A DC 15 1_555 D DG 5 1_555 A DA 16 1_555 D DT 4 1_555 -0.251 -0.443 3.210 1.603  -7.263 41.556 0.125  0.513  3.228 -10.138 
-2.238 42.187 15 EE_DC119DA120:DT107DG108_HH E 119 ? H 108 ? E 120 ? H 107 ? 
1 A DA 16 1_555 D DT 4 1_555 A DT 17 1_555 D DA 3 1_555 0.929  -1.197 3.141 -0.025 0.967  32.159 -2.325 -1.681 3.104 1.745   0.046 
32.173 16 EE_DA120DT121:DA106DT107_HH E 120 ? H 107 ? E 121 ? H 106 ? 
1 A DT 17 1_555 D DA 3 1_555 A DC 18 1_555 D DG 2 1_555 0.096  -0.868 3.093 1.311  0.485  41.518 -1.272 -0.004 3.084 0.684   
-1.848 41.540 17 EE_DT121DC122:DG105DA106_HH E 121 ? H 106 ? E 122 ? H 105 ? 
1 A DC 18 1_555 D DG 2 1_555 A DT 19 1_555 D DA 1 1_555 0.287  -0.816 3.265 0.776  0.065  39.267 -1.222 -0.335 3.269 0.096   
-1.154 39.274 18 EE_DC122DT123:DA104DG105_HH E 122 ? H 105 ? E 123 ? H 104 ? 
# 
loop_
_pdbx_audit_support.funding_organization 
_pdbx_audit_support.country 
_pdbx_audit_support.grant_number 
_pdbx_audit_support.ordinal 
'Office of Naval Research (ONR)'                   'United States' N000141912596 1 
'Department of Energy (DOE, United States)'        'United States' DE-SC0007991  2 
'National Science Foundation (NSF, United States)' 'United States' CCF-2106790   3 
'National Science Foundation (NSF, United States)' 'United States' GCR-2317843   4 
# 
_pdbx_initial_refinement_model.id               1 
_pdbx_initial_refinement_model.entity_id_list   ? 
_pdbx_initial_refinement_model.type             'experimental model' 
_pdbx_initial_refinement_model.source_name      PDB 
_pdbx_initial_refinement_model.accession_code   8D93 
_pdbx_initial_refinement_model.details          ? 
# 
_space_group.name_H-M_alt     'I 41 3 2' 
_space_group.name_Hall        'I 4bd 2c 3' 
_space_group.IT_number        214 
_space_group.crystal_system   cubic 
_space_group.id               1 
# 
_atom_sites.entry_id                    9PHK 
_atom_sites.Cartn_transf_matrix[1][1]   ? 
_atom_sites.Cartn_transf_matrix[1][2]   ? 
_atom_sites.Cartn_transf_matrix[1][3]   ? 
_atom_sites.Cartn_transf_matrix[2][1]   ? 
_atom_sites.Cartn_transf_matrix[2][2]   ? 
_atom_sites.Cartn_transf_matrix[2][3]   ? 
_atom_sites.Cartn_transf_matrix[3][1]   ? 
_atom_sites.Cartn_transf_matrix[3][2]   ? 
_atom_sites.Cartn_transf_matrix[3][3]   ? 
_atom_sites.Cartn_transf_vector[1]      ? 
_atom_sites.Cartn_transf_vector[2]      ? 
_atom_sites.Cartn_transf_vector[3]      ? 
_atom_sites.Cartn_transform_axes        ? 
_atom_sites.fract_transf_matrix[1][1]   -0.00041910 
_atom_sites.fract_transf_matrix[1][2]   0.00565472 
_atom_sites.fract_transf_matrix[1][3]   -0.00288286 
_atom_sites.fract_transf_matrix[2][1]   -0.00628373 
_atom_sites.fract_transf_matrix[2][2]   0.00003784 
_atom_sites.fract_transf_matrix[2][3]   0.00098772 
_atom_sites.fract_transf_matrix[3][1]   0.00089520 
_atom_sites.fract_transf_matrix[3][2]   0.00291291 
_atom_sites.fract_transf_matrix[3][3]   0.00558353 
_atom_sites.fract_transf_vector[1]      0.056318 
_atom_sites.fract_transf_vector[2]      -0.058056 
_atom_sites.fract_transf_vector[3]      0.059425 
_atom_sites.solution_primary            ? 
_atom_sites.solution_secondary          ? 
_atom_sites.solution_hydrogens          ? 
_atom_sites.special_details             ? 
# 
loop_
_atom_type.symbol 
_atom_type.scat_dispersion_real 
_atom_type.scat_dispersion_imag 
_atom_type.scat_Cromer_Mann_a1 
_atom_type.scat_Cromer_Mann_a2 
_atom_type.scat_Cromer_Mann_a3 
_atom_type.scat_Cromer_Mann_a4 
_atom_type.scat_Cromer_Mann_b1 
_atom_type.scat_Cromer_Mann_b2 
_atom_type.scat_Cromer_Mann_b3 
_atom_type.scat_Cromer_Mann_b4 
_atom_type.scat_Cromer_Mann_c 
_atom_type.scat_source 
_atom_type.scat_dispersion_source 
C ? ? 5.96793  ? ? ? 14.89577 ? ? ? 0.0 
;1-Gaussian fit: Grosse-Kunstleve RW, Sauter NK, Adams PD: Newsletter of the IUCr Commission on Crystallographic Computing 2004, 3, 22-31.
;
? 
N ? ? 6.96715  ? ? ? 11.43723 ? ? ? 0.0 
;1-Gaussian fit: Grosse-Kunstleve RW, Sauter NK, Adams PD: Newsletter of the IUCr Commission on Crystallographic Computing 2004, 3, 22-31.
;
? 
O ? ? 7.96527  ? ? ? 9.05267  ? ? ? 0.0 
;1-Gaussian fit: Grosse-Kunstleve RW, Sauter NK, Adams PD: Newsletter of the IUCr Commission on Crystallographic Computing 2004, 3, 22-31.
;
? 
P ? ? 14.90797 ? ? ? 11.91318 ? ? ? 0.0 
;1-Gaussian fit: Grosse-Kunstleve RW, Sauter NK, Adams PD: Newsletter of the IUCr Commission on Crystallographic Computing 2004, 3, 22-31.
;
? 
# 
loop_
_atom_site.group_PDB 
_atom_site.id 
_atom_site.type_symbol 
_atom_site.label_atom_id 
_atom_site.label_alt_id 
_atom_site.label_comp_id 
_atom_site.label_asym_id 
_atom_site.label_entity_id 
_atom_site.label_seq_id 
_atom_site.pdbx_PDB_ins_code 
_atom_site.Cartn_x 
_atom_site.Cartn_y 
_atom_site.Cartn_z 
_atom_site.occupancy 
_atom_site.B_iso_or_equiv 
_atom_site.pdbx_formal_charge 
_atom_site.auth_seq_id 
_atom_site.auth_comp_id 
_atom_site.auth_asym_id 
_atom_site.auth_atom_id 
_atom_site.pdbx_PDB_model_num 
ATOM 1   O "O5'" . DG A 1 1  ? -7.35491  12.50791  -26.18415 1.000 387.65554 ? 105 DG E "O5'" 1 
ATOM 2   C "C5'" . DG A 1 1  ? -7.80146  13.81265  -25.83054 1.000 383.24389 ? 105 DG E "C5'" 1 
ATOM 3   C "C4'" . DG A 1 1  ? -6.62442  14.76041  -25.72133 1.000 396.06542 ? 105 DG E "C4'" 1 
ATOM 4   O "O4'" . DG A 1 1  ? -7.08741  16.08760  -25.35720 1.000 402.71461 ? 105 DG E "O4'" 1 
ATOM 5   C "C3'" . DG A 1 1  ? -5.58307  14.35824  -24.67947 1.000 387.04963 ? 105 DG E "C3'" 1 
ATOM 6   O "O3'" . DG A 1 1  ? -4.29358  14.39134  -25.26025 1.000 403.26754 ? 105 DG E "O3'" 1 
ATOM 7   C "C2'" . DG A 1 1  ? -5.74200  15.40562  -23.57352 1.000 383.24509 ? 105 DG E "C2'" 1 
ATOM 8   C "C1'" . DG A 1 1  ? -6.26597  16.61251  -24.33976 1.000 401.88469 ? 105 DG E "C1'" 1 
ATOM 9   N N9    . DG A 1 1  ? -7.07106  17.52848  -23.51547 1.000 387.33851 ? 105 DG E N9    1 
ATOM 10  C C8    . DG A 1 1  ? -8.43519  17.49081  -23.32925 1.000 377.75968 ? 105 DG E C8    1 
ATOM 11  N N7    . DG A 1 1  ? -8.88280  18.43329  -22.53912 1.000 378.57435 ? 105 DG E N7    1 
ATOM 12  C C5    . DG A 1 1  ? -7.74614  19.14422  -22.17262 1.000 386.43883 ? 105 DG E C5    1 
ATOM 13  C C6    . DG A 1 1  ? -7.60962  20.27940  -21.32775 1.000 394.09942 ? 105 DG E C6    1 
ATOM 14  O O6    . DG A 1 1  ? -8.50356  20.89086  -20.72270 1.000 388.48357 ? 105 DG E O6    1 
ATOM 15  N N1    . DG A 1 1  ? -6.27804  20.69376  -21.22255 1.000 417.61570 ? 105 DG E N1    1 
ATOM 16  C C2    . DG A 1 1  ? -5.21724  20.08154  -21.85468 1.000 430.65947 ? 105 DG E C2    1 
ATOM 17  N N2    . DG A 1 1  ? -4.00356  20.61192  -21.64317 1.000 452.35538 ? 105 DG E N2    1 
ATOM 18  N N3    . DG A 1 1  ? -5.33427  19.01835  -22.64890 1.000 421.35525 ? 105 DG E N3    1 
ATOM 19  C C4    . DG A 1 1  ? -6.61882  18.60290  -22.76093 1.000 399.62208 ? 105 DG E C4    1 
ATOM 20  P P     . DG A 1 2  ? -3.12481  13.44533  -24.69867 1.000 471.34160 ? 106 DG E P     1 
ATOM 21  O OP1   . DG A 1 2  ? -2.76065  12.50176  -25.77759 1.000 474.80127 ? 106 DG E OP1   1 
ATOM 22  O OP2   . DG A 1 2  ? -3.53669  12.92442  -23.37500 1.000 454.72228 ? 106 DG E OP2   1 
ATOM 23  O "O5'" . DG A 1 2  ? -1.90806  14.45545  -24.48954 1.000 489.39313 ? 106 DG E "O5'" 1 
ATOM 24  C "C5'" . DG A 1 2  ? -2.15647  15.77537  -24.02801 1.000 499.36228 ? 106 DG E "C5'" 1 
ATOM 25  C "C4'" . DG A 1 2  ? -1.45944  16.00679  -22.70767 1.000 506.22961 ? 106 DG E "C4'" 1 
ATOM 26  O "O4'" . DG A 1 2  ? -2.28586  16.86186  -21.86496 1.000 505.87323 ? 106 DG E "O4'" 1 
ATOM 27  C "C3'" . DG A 1 2  ? -1.21742  14.73456  -21.90293 1.000 496.06407 ? 106 DG E "C3'" 1 
ATOM 28  O "O3'" . DG A 1 2  ? 0.02308   14.81466  -21.22454 1.000 506.17787 ? 106 DG E "O3'" 1 
ATOM 29  C "C2'" . DG A 1 2  ? -2.38818  14.73965  -20.93289 1.000 482.42376 ? 106 DG E "C2'" 1 
ATOM 30  C "C1'" . DG A 1 2  ? -2.49028  16.22551  -20.62519 1.000 494.00607 ? 106 DG E "C1'" 1 
ATOM 31  N N9    . DG A 1 2  ? -3.79178  16.62811  -20.08308 1.000 358.61572 ? 106 DG E N9    1 
ATOM 32  C C8    . DG A 1 2  ? -5.00002  16.03020  -20.33206 1.000 351.15673 ? 106 DG E C8    1 
ATOM 33  N N7    . DG A 1 2  ? -6.00004  16.59300  -19.71184 1.000 348.57953 ? 106 DG E N7    1 
ATOM 34  C C5    . DG A 1 2  ? -5.42000  17.63199  -18.99267 1.000 354.64103 ? 106 DG E C5    1 
ATOM 35  C C6    . DG A 1 2  ? -6.01475  18.58999  -18.13008 1.000 355.59774 ? 106 DG E C6    1 
ATOM 36  O O6    . DG A 1 2  ? -7.20926  18.70721  -17.82667 1.000 351.21134 ? 106 DG E O6    1 
ATOM 37  N N1    . DG A 1 2  ? -5.07114  19.47391  -17.59923 1.000 362.88774 ? 106 DG E N1    1 
ATOM 38  C C2    . DG A 1 2  ? -3.72328  19.43048  -17.86964 1.000 368.52349 ? 106 DG E C2    1 
ATOM 39  N N2    . DG A 1 2  ? -2.96486  20.36279  -17.26644 1.000 375.39359 ? 106 DG E N2    1 
ATOM 40  N N3    . DG A 1 2  ? -3.15264  18.53705  -18.67747 1.000 367.87488 ? 106 DG E N3    1 
ATOM 41  C C4    . DG A 1 2  ? -4.05865  17.67020  -19.20281 1.000 360.77798 ? 106 DG E C4    1 
ATOM 42  P P     . DA A 1 3  ? 0.89303   13.48623  -20.98838 1.000 406.31461 ? 107 DA E P     1 
ATOM 43  O OP1   . DA A 1 3  ? 1.62290   13.18578  -22.23682 1.000 419.95210 ? 107 DA E OP1   1 
ATOM 44  O OP2   . DA A 1 3  ? -0.01812  12.46670  -20.42380 1.000 387.49711 ? 107 DA E OP2   1 
ATOM 45  O "O5'" . DA A 1 3  ? 1.94121   13.90488  -19.85129 1.000 413.85429 ? 107 DA E "O5'" 1 
ATOM 46  C "C5'" . DA A 1 3  ? 2.95707   14.85816  -20.13171 1.000 433.15654 ? 107 DA E "C5'" 1 
ATOM 47  C "C4'" . DA A 1 3  ? 3.12331   15.84446  -18.98410 1.000 441.36629 ? 107 DA E "C4'" 1 
ATOM 48  O "O4'" . DA A 1 3  ? 1.84100   16.43987  -18.66802 1.000 436.77978 ? 107 DA E "O4'" 1 
ATOM 49  C "C3'" . DA A 1 3  ? 3.64174   15.25186  -17.67720 1.000 434.22852 ? 107 DA E "C3'" 1 
ATOM 50  O "O3'" . DA A 1 3  ? 4.43746   16.20639  -16.99152 1.000 448.36196 ? 107 DA E "O3'" 1 
ATOM 51  C "C2'" . DA A 1 3  ? 2.36271   14.94935  -16.91104 1.000 417.12153 ? 107 DA E "C2'" 1 
ATOM 52  C "C1'" . DA A 1 3  ? 1.45194   16.08929  -17.35391 1.000 422.18959 ? 107 DA E "C1'" 1 
ATOM 53  N N9    . DA A 1 3  ? 0.04520   15.71528  -17.37985 1.000 397.51096 ? 107 DA E N9    1 
ATOM 54  C C8    . DA A 1 3  ? -0.52217  14.72185  -18.12126 1.000 384.58621 ? 107 DA E C8    1 
ATOM 55  N N7    . DA A 1 3  ? -1.81386  14.59602  -17.93798 1.000 369.61873 ? 107 DA E N7    1 
ATOM 56  C C5    . DA A 1 3  ? -2.11843  15.58175  -17.02003 1.000 372.34550 ? 107 DA E C5    1 
ATOM 57  C C6    . DA A 1 3  ? -3.32794  15.97135  -16.41480 1.000 358.74505 ? 107 DA E C6    1 
ATOM 58  N N6    . DA A 1 3  ? -4.50280  15.38343  -16.67086 1.000 350.38271 ? 107 DA E N6    1 
ATOM 59  N N1    . DA A 1 3  ? -3.28300  16.99041  -15.53020 1.000 362.66030 ? 107 DA E N1    1 
ATOM 60  C C2    . DA A 1 3  ? -2.10421  17.57707  -15.27818 1.000 382.96173 ? 107 DA E C2    1 
ATOM 61  N N3    . DA A 1 3  ? -0.90309  17.29646  -15.78343 1.000 398.33617 ? 107 DA E N3    1 
ATOM 62  C C4    . DA A 1 3  ? -0.98134  16.28081  -16.65880 1.000 390.39409 ? 107 DA E C4    1 
ATOM 63  P P     . DG A 1 4  ? 5.21282   15.80010  -15.64265 1.000 441.32623 ? 108 DG E P     1 
ATOM 64  O OP1   . DG A 1 4  ? 6.39364   16.68722  -15.54292 1.000 460.11816 ? 108 DG E OP1   1 
ATOM 65  O OP2   . DG A 1 4  ? 5.40330   14.33174  -15.64960 1.000 427.50845 ? 108 DG E OP2   1 
ATOM 66  O "O5'" . DG A 1 4  ? 4.18078   16.17255  -14.47016 1.000 434.66698 ? 108 DG E "O5'" 1 
ATOM 67  C "C5'" . DG A 1 4  ? 3.80285   17.53310  -14.26094 1.000 448.30603 ? 108 DG E "C5'" 1 
ATOM 68  C "C4'" . DG A 1 4  ? 2.87143   17.67738  -13.06596 1.000 440.49782 ? 108 DG E "C4'" 1 
ATOM 69  O "O4'" . DG A 1 4  ? 1.51320   17.33403  -13.45879 1.000 425.35006 ? 108 DG E "O4'" 1 
ATOM 70  C "C3'" . DG A 1 4  ? 3.20250   16.78293  -11.86368 1.000 430.39107 ? 108 DG E "C3'" 1 
ATOM 71  O "O3'" . DG A 1 4  ? 3.00009   17.49688  -10.64575 1.000 435.90253 ? 108 DG E "O3'" 1 
ATOM 72  C "C2'" . DG A 1 4  ? 2.18864   15.66406  -12.00794 1.000 409.14812 ? 108 DG E "C2'" 1 
ATOM 73  C "C1'" . DG A 1 4  ? 0.98945   16.44328  -12.50949 1.000 407.42210 ? 108 DG E "C1'" 1 
ATOM 74  N N9    . DG A 1 4  ? -0.01288  15.60005  -13.13989 1.000 388.07612 ? 108 DG E N9    1 
ATOM 75  C C8    . DG A 1 4  ? 0.19681   14.65399  -14.11160 1.000 382.73033 ? 108 DG E C8    1 
ATOM 76  N N7    . DG A 1 4  ? -0.89034  14.03691  -14.47558 1.000 367.89313 ? 108 DG E N7    1 
ATOM 77  C C5    . DG A 1 4  ? -1.88295  14.60528  -13.69051 1.000 359.73488 ? 108 DG E C5    1 
ATOM 78  C C6    . DG A 1 4  ? -3.26665  14.33170  -13.64158 1.000 343.93989 ? 108 DG E C6    1 
ATOM 79  O O6    . DG A 1 4  ? -3.90320  13.50885  -14.31404 1.000 334.64097 ? 108 DG E O6    1 
ATOM 80  N N1    . DG A 1 4  ? -3.91795  15.13006  -12.70351 1.000 337.37657 ? 108 DG E N1    1 
ATOM 81  C C2    . DG A 1 4  ? -3.30277  16.07605  -11.91181 1.000 346.23736 ? 108 DG E C2    1 
ATOM 82  N N2    . DG A 1 4  ? -4.09226  16.74765  -11.05929 1.000 341.36136 ? 108 DG E N2    1 
ATOM 83  N N3    . DG A 1 4  ? -2.00113  16.33577  -11.94495 1.000 363.61455 ? 108 DG E N3    1 
ATOM 84  C C4    . DG A 1 4  ? -1.35881  15.56785  -12.85823 1.000 370.53878 ? 108 DG E C4    1 
ATOM 85  P P     . DC A 1 5  ? 3.60141   16.94058  -9.26025  1.000 467.02841 ? 109 DC E P     1 
ATOM 86  O OP1   . DC A 1 5  ? 3.28622   17.93399  -8.21107  1.000 466.45799 ? 109 DC E OP1   1 
ATOM 87  O OP2   . DC A 1 5  ? 5.00298   16.54198  -9.49547  1.000 475.57790 ? 109 DC E OP2   1 
ATOM 88  O "O5'" . DC A 1 5  ? 2.78166   15.59659  -8.97935  1.000 443.04163 ? 109 DC E "O5'" 1 
ATOM 89  C "C5'" . DC A 1 5  ? 2.41738   15.24765  -7.64870  1.000 421.75326 ? 109 DC E "C5'" 1 
ATOM 90  C "C4'" . DC A 1 5  ? 1.06142   15.83061  -7.30437  1.000 404.14016 ? 109 DC E "C4'" 1 
ATOM 91  O "O4'" . DC A 1 5  ? 0.38060   16.18804  -8.53828  1.000 412.02154 ? 109 DC E "O4'" 1 
ATOM 92  C "C3'" . DC A 1 5  ? 0.10478   14.88179  -6.58999  1.000 370.87640 ? 109 DC E "C3'" 1 
ATOM 93  O "O3'" . DC A 1 5  ? 0.31160   14.90530  -5.14611  1.000 358.97194 ? 109 DC E "O3'" 1 
ATOM 94  C "C2'" . DC A 1 5  ? -1.24356  15.43823  -7.01226  1.000 359.98625 ? 109 DC E "C2'" 1 
ATOM 95  C "C1'" . DC A 1 5  ? -0.97773  15.79256  -8.46510  1.000 385.03129 ? 109 DC E "C1'" 1 
ATOM 96  N N1    . DC A 1 5  ? -1.21877  14.65963  -9.43957  1.000 378.14256 ? 109 DC E N1    1 
ATOM 97  C C2    . DC A 1 5  ? -2.51838  14.14716  -9.61342  1.000 352.71388 ? 109 DC E C2    1 
ATOM 98  O O2    . DC A 1 5  ? -3.45079  14.62721  -8.95120  1.000 343.06722 ? 109 DC E O2    1 
ATOM 99  N N3    . DC A 1 5  ? -2.71729  13.14304  -10.51086 1.000 347.13170 ? 109 DC E N3    1 
ATOM 100 C C4    . DC A 1 5  ? -1.68626  12.65631  -11.20808 1.000 363.28474 ? 109 DC E C4    1 
ATOM 101 N N4    . DC A 1 5  ? -1.92725  11.66709  -12.07932 1.000 354.75918 ? 109 DC E N4    1 
ATOM 102 C C5    . DC A 1 5  ? -0.36076  13.16323  -11.04421 1.000 385.22549 ? 109 DC E C5    1 
ATOM 103 C C6    . DC A 1 5  ? -0.17612  14.15376  -10.16124 1.000 393.47662 ? 109 DC E C6    1 
ATOM 104 P P     . DC A 1 6  ? -0.59135  15.79740  -4.14819  1.000 392.43342 ? 110 DC E P     1 
ATOM 105 O OP1   . DC A 1 6  ? -0.61092  17.19710  -4.62846  1.000 404.09370 ? 110 DC E OP1   1 
ATOM 106 O OP2   . DC A 1 6  ? -0.07380  15.52109  -2.79209  1.000 392.30212 ? 110 DC E OP2   1 
ATOM 107 O "O5'" . DC A 1 6  ? -2.06289  15.15833  -4.21464  1.000 382.05255 ? 110 DC E "O5'" 1 
ATOM 108 C "C5'" . DC A 1 6  ? -3.21362  16.01693  -4.26029  1.000 382.30617 ? 110 DC E "C5'" 1 
ATOM 109 C "C4'" . DC A 1 6  ? -4.50317  15.21219  -4.31848  1.000 371.63053 ? 110 DC E "C4'" 1 
ATOM 110 O "O4'" . DC A 1 6  ? -4.58514  14.47041  -5.56758  1.000 367.23377 ? 110 DC E "O4'" 1 
ATOM 111 C "C3'" . DC A 1 6  ? -4.67817  14.19352  -3.20227  1.000 363.07229 ? 110 DC E "C3'" 1 
ATOM 112 O "O3'" . DC A 1 6  ? -6.01348  14.20487  -2.77293  1.000 356.00242 ? 110 DC E "O3'" 1 
ATOM 113 C "C2'" . DC A 1 6  ? -4.32221  12.87176  -3.87461  1.000 356.88648 ? 110 DC E "C2'" 1 
ATOM 114 C "C1'" . DC A 1 6  ? -4.78701  13.09498  -5.30810  1.000 357.47112 ? 110 DC E "C1'" 1 
ATOM 115 N N1    . DC A 1 6  ? -3.98842  12.32858  -6.31181  1.000 356.58776 ? 110 DC E N1    1 
ATOM 116 C C2    . DC A 1 6  ? -4.60123  11.38214  -7.15379  1.000 348.16333 ? 110 DC E C2    1 
ATOM 117 O O2    . DC A 1 6  ? -5.81491  11.17212  -7.05591  1.000 341.43637 ? 110 DC E O2    1 
ATOM 118 N N3    . DC A 1 6  ? -3.82848  10.71704  -8.05979  1.000 347.35006 ? 110 DC E N3    1 
ATOM 119 C C4    . DC A 1 6  ? -2.52055  10.97015  -8.13769  1.000 354.22434 ? 110 DC E C4    1 
ATOM 120 N N4    . DC A 1 6  ? -1.79301  10.29616  -9.03945  1.000 352.58403 ? 110 DC E N4    1 
ATOM 121 C C5    . DC A 1 6  ? -1.89280  11.92678  -7.29219  1.000 362.85446 ? 110 DC E C5    1 
ATOM 122 C C6    . DC A 1 6  ? -2.65598  12.56996  -6.40659  1.000 363.82407 ? 110 DC E C6    1 
ATOM 123 P P     . DT A 1 7  ? -6.38961  13.81332  -1.26450  1.000 442.68846 ? 111 DT E P     1 
ATOM 124 O OP1   . DT A 1 7  ? -6.37433  15.06164  -0.46958  1.000 459.83860 ? 111 DT E OP1   1 
ATOM 125 O OP2   . DT A 1 7  ? -5.54125  12.67081  -0.84393  1.000 433.27248 ? 111 DT E OP2   1 
ATOM 126 O "O5'" . DT A 1 7  ? -7.89662  13.31165  -1.41156  1.000 424.59245 ? 111 DT E "O5'" 1 
ATOM 127 C "C5'" . DT A 1 7  ? -8.35636  12.84135  -2.68251  1.000 417.63264 ? 111 DT E "C5'" 1 
ATOM 128 C "C4'" . DT A 1 7  ? -8.83389  11.40801  -2.57858  1.000 394.93565 ? 111 DT E "C4'" 1 
ATOM 129 O "O4'" . DT A 1 7  ? -8.21273  10.60112  -3.61937  1.000 390.71411 ? 111 DT E "O4'" 1 
ATOM 130 C "C3'" . DT A 1 7  ? -8.48679  10.71813  -1.25925  1.000 384.20531 ? 111 DT E "C3'" 1 
ATOM 131 O "O3'" . DT A 1 7  ? -9.54684  9.88261   -0.87410  1.000 364.95194 ? 111 DT E "O3'" 1 
ATOM 132 C "C2'" . DT A 1 7  ? -7.26031  9.89972   -1.62766  1.000 380.66393 ? 111 DT E "C2'" 1 
ATOM 133 C "C1'" . DT A 1 7  ? -7.64881  9.45552   -3.02203  1.000 376.94565 ? 111 DT E "C1'" 1 
ATOM 134 N N1    . DT A 1 7  ? -6.49592  8.99610   -3.82925  1.000 378.56112 ? 111 DT E N1    1 
ATOM 135 C C2    . DT A 1 7  ? -6.67907  8.00342   -4.76794  1.000 364.80923 ? 111 DT E C2    1 
ATOM 136 O O2    . DT A 1 7  ? -7.75837  7.47845   -4.99157  1.000 351.65195 ? 111 DT E O2    1 
ATOM 137 N N3    . DT A 1 7  ? -5.53823  7.65318   -5.44394  1.000 366.73222 ? 111 DT E N3    1 
ATOM 138 C C4    . DT A 1 7  ? -4.27209  8.17244   -5.28055  1.000 379.39750 ? 111 DT E C4    1 
ATOM 139 O O4    . DT A 1 7  ? -3.31358  7.78752   -5.93969  1.000 378.47097 ? 111 DT E O4    1 
ATOM 140 C C5    . DT A 1 7  ? -4.14828  9.19881   -4.27673  1.000 393.37481 ? 111 DT E C5    1 
ATOM 141 C C7    . DT A 1 7  ? -2.81254  9.83046   -4.01109  1.000 407.74182 ? 111 DT E C7    1 
ATOM 142 C C6    . DT A 1 7  ? -5.25342  9.55441   -3.60359  1.000 392.54315 ? 111 DT E C6    1 
ATOM 143 P P     . DG A 1 8  ? -9.70999  9.43514   0.65766   1.000 408.49785 ? 112 DG E P     1 
ATOM 144 O OP1   . DG A 1 8  ? -10.63409 10.40041  1.29309   1.000 409.19447 ? 112 DG E OP1   1 
ATOM 145 O OP2   . DG A 1 8  ? -8.35839  9.22359   1.22909   1.000 416.27511 ? 112 DG E OP2   1 
ATOM 146 O "O5'" . DG A 1 8  ? -10.45480 8.03015   0.54282   1.000 384.08687 ? 112 DG E "O5'" 1 
ATOM 147 C "C5'" . DG A 1 8  ? -11.55237 7.89274   -0.35822  1.000 371.33791 ? 112 DG E "C5'" 1 
ATOM 148 C "C4'" . DG A 1 8  ? -11.58973 6.49694   -0.94154  1.000 351.79406 ? 112 DG E "C4'" 1 
ATOM 149 O "O4'" . DG A 1 8  ? -10.49554 6.34165   -1.88438  1.000 362.78827 ? 112 DG E "O4'" 1 
ATOM 150 C "C3'" . DG A 1 8  ? -11.42737 5.37724   0.08592   1.000 335.74615 ? 112 DG E "C3'" 1 
ATOM 151 O "O3'" . DG A 1 8  ? -12.26743 4.28095   -0.24217  1.000 313.17898 ? 112 DG E "O3'" 1 
ATOM 152 C "C2'" . DG A 1 8  ? -9.95817  5.00861   -0.04019  1.000 347.90078 ? 112 DG E "C2'" 1 
ATOM 153 C "C1'" . DG A 1 8  ? -9.72379  5.22034   -1.52428  1.000 354.82393 ? 112 DG E "C1'" 1 
ATOM 154 N N9    . DG A 1 8  ? -8.33249  5.48440   -1.86706  1.000 372.96460 ? 112 DG E N9    1 
ATOM 155 C C8    . DG A 1 8  ? -7.54762  6.52812   -1.44341  1.000 393.79505 ? 112 DG E C8    1 
ATOM 156 N N7    . DG A 1 8  ? -6.33598  6.49192   -1.92971  1.000 404.11535 ? 112 DG E N7    1 
ATOM 157 C C5    . DG A 1 8  ? -6.32493  5.35204   -2.72271  1.000 390.16899 ? 112 DG E C5    1 
ATOM 158 C C6    . DG A 1 8  ? -5.28997  4.78383   -3.50954  1.000 391.34558 ? 112 DG E C6    1 
ATOM 159 O O6    . DG A 1 8  ? -4.13182  5.19616   -3.66460  1.000 405.18618 ? 112 DG E O6    1 
ATOM 160 N N1    . DG A 1 8  ? -5.70831  3.62274   -4.15421  1.000 372.07722 ? 112 DG E N1    1 
ATOM 161 C C2    . DG A 1 8  ? -6.96795  3.08064   -4.04982  1.000 354.20750 ? 112 DG E C2    1 
ATOM 162 N N2    . DG A 1 8  ? -7.19565  1.95765   -4.73806  1.000 341.70945 ? 112 DG E N2    1 
ATOM 163 N N3    . DG A 1 8  ? -7.93936  3.60036   -3.31994  1.000 352.13482 ? 112 DG E N3    1 
ATOM 164 C C4    . DG A 1 8  ? -7.55096  4.72483   -2.69124  1.000 370.64616 ? 112 DG E C4    1 
ATOM 165 P P     . DT A 1 9  ? -13.20399 3.63113   0.89081   1.000 336.48954 ? 113 DT E P     1 
ATOM 166 O OP1   . DT A 1 9  ? -14.61587 3.92763   0.54632   1.000 322.83527 ? 113 DT E OP1   1 
ATOM 167 O OP2   . DT A 1 9  ? -12.65252 4.05218   2.19921   1.000 347.43217 ? 113 DT E OP2   1 
ATOM 168 O "O5'" . DT A 1 9  ? -12.94899 2.05835   0.75358   1.000 318.80418 ? 113 DT E "O5'" 1 
ATOM 169 C "C5'" . DT A 1 9  ? -11.63683 1.52924   0.94117   1.000 322.60007 ? 113 DT E "C5'" 1 
ATOM 170 C "C4'" . DT A 1 9  ? -11.28909 0.57210   -0.18132  1.000 323.29640 ? 113 DT E "C4'" 1 
ATOM 171 O "O4'" . DT A 1 9  ? -10.22136 1.13982   -0.98207  1.000 339.40537 ? 113 DT E "O4'" 1 
ATOM 172 C "C3'" . DT A 1 9  ? -10.81321 -0.80441  0.26630   1.000 315.93812 ? 113 DT E "C3'" 1 
ATOM 173 O "O3'" . DT A 1 9  ? -11.37297 -1.81896  -0.58412  1.000 306.24928 ? 113 DT E "O3'" 1 
ATOM 174 C "C2'" . DT A 1 9  ? -9.29409  -0.70089  0.14151   1.000 329.95080 ? 113 DT E "C2'" 1 
ATOM 175 C "C1'" . DT A 1 9  ? -9.11508  0.27091   -1.01451  1.000 341.98205 ? 113 DT E "C1'" 1 
ATOM 176 N N1    . DT A 1 9  ? -7.85957  1.10625   -0.93357  1.000 359.44835 ? 113 DT E N1    1 
ATOM 177 C C2    . DT A 1 9  ? -6.75704  0.73790   -1.67148  1.000 366.17630 ? 113 DT E C2    1 
ATOM 178 O O2    . DT A 1 9  ? -6.73060  -0.24703  -2.38290  1.000 359.91600 ? 113 DT E O2    1 
ATOM 179 N N3    . DT A 1 9  ? -5.67491  1.56901   -1.53796  1.000 390.48681 ? 113 DT E N3    1 
ATOM 180 C C4    . DT A 1 9  ? -5.58571  2.70709   -0.76646  1.000 407.94782 ? 113 DT E C4    1 
ATOM 181 O O4    . DT A 1 9  ? -4.56897  3.38793   -0.71236  1.000 427.72537 ? 113 DT E O4    1 
ATOM 182 C C5    . DT A 1 9  ? -6.77257  3.04489   -0.02471  1.000 399.64441 ? 113 DT E C5    1 
ATOM 183 C C7    . DT A 1 9  ? -6.78014  4.25925   0.85451   1.000 415.55311 ? 113 DT E C7    1 
ATOM 184 C C6    . DT A 1 9  ? -7.84384  2.23957   -0.14377  1.000 376.12488 ? 113 DT E C6    1 
ATOM 185 P P     . DA A 1 10 ? -11.06815 -3.38009  -0.33488  1.000 285.35522 ? 114 DA E P     1 
ATOM 186 O OP1   . DA A 1 10 ? -12.16103 -4.15548  -0.96618  1.000 270.86393 ? 114 DA E OP1   1 
ATOM 187 O OP2   . DA A 1 10 ? -10.75913 -3.59771  1.09404   1.000 284.12573 ? 114 DA E OP2   1 
ATOM 188 O "O5'" . DA A 1 10 ? -9.71978  -3.61801  -1.15448  1.000 296.89948 ? 114 DA E "O5'" 1 
ATOM 189 C "C5'" . DA A 1 10 ? -9.59424  -4.73402  -2.01230  1.000 290.92896 ? 114 DA E "C5'" 1 
ATOM 190 C "C4'" . DA A 1 10 ? -8.23033  -5.37277  -1.85400  1.000 297.43544 ? 114 DA E "C4'" 1 
ATOM 191 O "O4'" . DA A 1 10 ? -7.23015  -4.34156  -1.62245  1.000 312.71229 ? 114 DA E "O4'" 1 
ATOM 192 C "C3'" . DA A 1 10 ? -8.10886  -6.32907  -0.67081  1.000 289.05507 ? 114 DA E "C3'" 1 
ATOM 193 O "O3'" . DA A 1 10 ? -7.18477  -7.33299  -0.97922  1.000 291.06699 ? 114 DA E "O3'" 1 
ATOM 194 C "C2'" . DA A 1 10 ? -7.55124  -5.42778  0.41511   1.000 297.59198 ? 114 DA E "C2'" 1 
ATOM 195 C "C1'" . DA A 1 10 ? -6.56705  -4.60759  -0.40224  1.000 313.46565 ? 114 DA E "C1'" 1 
ATOM 196 N N9    . DA A 1 10 ? -6.19607  -3.34321  0.22306   1.000 324.06653 ? 114 DA E N9    1 
ATOM 197 C C8    . DA A 1 10 ? -6.96522  -2.58953  1.05462   1.000 321.00792 ? 114 DA E C8    1 
ATOM 198 N N7    . DA A 1 10 ? -6.38218  -1.49084  1.47179   1.000 332.60974 ? 114 DA E N7    1 
ATOM 199 C C5    . DA A 1 10 ? -5.13128  -1.53415  0.88339   1.000 344.02068 ? 114 DA E C5    1 
ATOM 200 C C6    . DA A 1 10 ? -4.02747  -0.66067  0.93649   1.000 358.85810 ? 114 DA E C6    1 
ATOM 201 N N6    . DA A 1 10 ? -4.01632  0.47432   1.64345   1.000 365.09794 ? 114 DA E N6    1 
ATOM 202 N N1    . DA A 1 10 ? -2.93135  -1.00088  0.23185   1.000 366.68355 ? 114 DA E N1    1 
ATOM 203 C C2    . DA A 1 10 ? -2.94381  -2.13879  -0.47586  1.000 360.23006 ? 114 DA E C2    1 
ATOM 204 N N3    . DA A 1 10 ? -3.92005  -3.03795  -0.60225  1.000 346.60649 ? 114 DA E N3    1 
ATOM 205 C C4    . DA A 1 10 ? -4.99758  -2.67217  0.10963   1.000 338.94102 ? 114 DA E C4    1 
ATOM 206 P P     . DC A 1 11 ? -7.64518  -8.66000  -1.74733  1.000 298.33041 ? 115 DC E P     1 
ATOM 207 O OP1   . DC A 1 11 ? -7.94376  -8.29553  -3.15277  1.000 301.53809 ? 115 DC E OP1   1 
ATOM 208 O OP2   . DC A 1 11 ? -8.65198  -9.32466  -0.88623  1.000 284.10108 ? 115 DC E OP2   1 
ATOM 209 O "O5'" . DC A 1 11 ? -6.32408  -9.55480  -1.73503  1.000 303.63688 ? 115 DC E "O5'" 1 
ATOM 210 C "C5'" . DC A 1 11 ? -5.52002  -9.59139  -0.56045  1.000 309.45207 ? 115 DC E "C5'" 1 
ATOM 211 C "C4'" . DC A 1 11 ? -4.06431  -9.32865  -0.88760  1.000 323.17879 ? 115 DC E "C4'" 1 
ATOM 212 O "O4'" . DC A 1 11 ? -3.76214  -7.91519  -0.68883  1.000 333.46079 ? 115 DC E "O4'" 1 
ATOM 213 C "C3'" . DC A 1 11 ? -3.08506  -10.06827 0.00478   1.000 325.65637 ? 115 DC E "C3'" 1 
ATOM 214 O "O3'" . DC A 1 11 ? -1.88613  -10.26353 -0.68392  1.000 335.05201 ? 115 DC E "O3'" 1 
ATOM 215 C "C2'" . DC A 1 11 ? -2.89806  -9.06752  1.12273   1.000 330.57607 ? 115 DC E "C2'" 1 
ATOM 216 C "C1'" . DC A 1 11 ? -2.78317  -7.79227  0.32194   1.000 339.84544 ? 115 DC E "C1'" 1 
ATOM 217 N N1    . DC A 1 11 ? -3.06362  -6.57854  1.12357   1.000 342.91044 ? 115 DC E N1    1 
ATOM 218 C C2    . DC A 1 11 ? -2.09376  -5.57682  1.22831   1.000 356.79771 ? 115 DC E C2    1 
ATOM 219 O O2    . DC A 1 11 ? -1.02279  -5.71627  0.63540   1.000 365.71227 ? 115 DC E O2    1 
ATOM 220 N N3    . DC A 1 11 ? -2.36366  -4.47256  1.97285   1.000 359.70934 ? 115 DC E N3    1 
ATOM 221 C C4    . DC A 1 11 ? -3.53342  -4.36293  2.59685   1.000 349.31278 ? 115 DC E C4    1 
ATOM 222 N N4    . DC A 1 11 ? -3.76244  -3.25986  3.32227   1.000 352.40375 ? 115 DC E N4    1 
ATOM 223 C C5    . DC A 1 11 ? -4.52967  -5.38119  2.50730   1.000 334.96072 ? 115 DC E C5    1 
ATOM 224 C C6    . DC A 1 11 ? -4.25293  -6.46112  1.77153   1.000 332.35307 ? 115 DC E C6    1 
ATOM 225 P P     . DG A 1 12 ? -1.50443  -11.71120 -1.25954  1.000 318.13471 ? 116 DG E P     1 
ATOM 226 O OP1   . DG A 1 12 ? -2.57507  -12.12059 -2.19552  1.000 307.32495 ? 116 DG E OP1   1 
ATOM 227 O OP2   . DG A 1 12 ? -1.17146  -12.59777 -0.12409  1.000 315.21277 ? 116 DG E OP2   1 
ATOM 228 O "O5'" . DG A 1 12 ? -0.16381  -11.42669 -2.08711  1.000 332.91888 ? 116 DG E "O5'" 1 
ATOM 229 C "C5'" . DG A 1 12 ? 0.97051   -12.26466 -1.91666  1.000 338.33142 ? 116 DG E "C5'" 1 
ATOM 230 C "C4'" . DG A 1 12 ? 2.12803   -11.51456 -1.28022  1.000 351.08435 ? 116 DG E "C4'" 1 
ATOM 231 O "O4'" . DG A 1 12 ? 1.61925   -10.46762 -0.39870  1.000 348.92655 ? 116 DG E "O4'" 1 
ATOM 232 C "C3'" . DG A 1 12 ? 3.00700   -12.37743 -0.39550  1.000 353.23857 ? 116 DG E "C3'" 1 
ATOM 233 O "O3'" . DG A 1 12 ? 4.31488   -11.81527 -0.32699  1.000 366.95214 ? 116 DG E "O3'" 1 
ATOM 234 C "C2'" . DG A 1 12 ? 2.27466   -12.25533 0.93266   1.000 344.21618 ? 116 DG E "C2'" 1 
ATOM 235 C "C1'" . DG A 1 12 ? 1.98823   -10.76428 0.93578   1.000 349.12605 ? 116 DG E "C1'" 1 
ATOM 236 N N9    . DG A 1 12 ? 0.89744   -10.37074 1.83067   1.000 341.40702 ? 116 DG E N9    1 
ATOM 237 C C8    . DG A 1 12 ? -0.20283  -11.11970 2.17083   1.000 327.84660 ? 116 DG E C8    1 
ATOM 238 N N7    . DG A 1 12 ? -1.00990  -10.51505 2.99614   1.000 323.00507 ? 116 DG E N7    1 
ATOM 239 C C5    . DG A 1 12 ? -0.41408  -9.27633  3.21086   1.000 334.28796 ? 116 DG E C5    1 
ATOM 240 C C6    . DG A 1 12 ? -0.83679  -8.18118  4.00862   1.000 335.16463 ? 116 DG E C6    1 
ATOM 241 O O6    . DG A 1 12 ? -1.85497  -8.09015  4.70662   1.000 325.71693 ? 116 DG E O6    1 
ATOM 242 N N1    . DG A 1 12 ? 0.06157   -7.11867  3.95045   1.000 348.45706 ? 116 DG E N1    1 
ATOM 243 C C2    . DG A 1 12 ? 1.22124   -7.11301  3.20929   1.000 359.27397 ? 116 DG E C2    1 
ATOM 244 N N2    . DG A 1 12 ? 1.96320   -5.99958  3.27570   1.000 370.97721 ? 116 DG E N2    1 
ATOM 245 N N3    . DG A 1 12 ? 1.62654   -8.12770  2.45452   1.000 358.35881 ? 116 DG E N3    1 
ATOM 246 C C4    . DG A 1 12 ? 0.76298   -9.17046  2.50084   1.000 345.75012 ? 116 DG E C4    1 
ATOM 247 P P     . DG A 1 13 ? 5.61030   -12.70717 -0.66573  1.000 367.81261 ? 117 DG E P     1 
ATOM 248 O OP1   . DG A 1 13 ? 5.65867   -12.86253 -2.13515  1.000 368.33595 ? 117 DG E OP1   1 
ATOM 249 O OP2   . DG A 1 13 ? 5.59780   -13.90460 0.20674   1.000 363.28590 ? 117 DG E OP2   1 
ATOM 250 O "O5'" . DG A 1 13 ? 6.84015   -11.79301 -0.19774  1.000 380.28818 ? 117 DG E "O5'" 1 
ATOM 251 C "C5'" . DG A 1 13 ? 7.19325   -10.62504 -0.94130  1.000 386.16727 ? 117 DG E "C5'" 1 
ATOM 252 C "C4'" . DG A 1 13 ? 7.56576   -9.46308  -0.02293  1.000 393.31584 ? 117 DG E "C4'" 1 
ATOM 253 O "O4'" . DG A 1 13 ? 6.45951   -9.16330  0.86424   1.000 383.95904 ? 117 DG E "O4'" 1 
ATOM 254 C "C3'" . DG A 1 13 ? 8.76436   -9.69330  0.89281   1.000 400.81697 ? 117 DG E "C3'" 1 
ATOM 255 O "O3'" . DG A 1 13 ? 9.38674   -8.44248  1.18841   1.000 410.12085 ? 117 DG E "O3'" 1 
ATOM 256 C "C2'" . DG A 1 13 ? 8.11234   -10.29383 2.13257   1.000 390.74658 ? 117 DG E "C2'" 1 
ATOM 257 C "C1'" . DG A 1 13 ? 6.80037   -9.51540  2.19797   1.000 382.61301 ? 117 DG E "C1'" 1 
ATOM 258 N N9    . DG A 1 13 ? 5.69215   -10.27718 2.76366   1.000 368.30603 ? 117 DG E N9    1 
ATOM 259 C C8    . DG A 1 13 ? 5.32235   -11.55785 2.44340   1.000 361.05683 ? 117 DG E C8    1 
ATOM 260 N N7    . DG A 1 13 ? 4.28617   -11.98140 3.10795   1.000 348.26254 ? 117 DG E N7    1 
ATOM 261 C C5    . DG A 1 13 ? 3.92965   -10.90730 3.90589   1.000 346.70226 ? 117 DG E C5    1 
ATOM 262 C C6    . DG A 1 13 ? 2.87411   -10.77420 4.84001   1.000 334.48987 ? 117 DG E C6    1 
ATOM 263 O O6    . DG A 1 13 ? 2.00771   -11.60765 5.14971   1.000 321.98222 ? 117 DG E O6    1 
ATOM 264 N N1    . DG A 1 13 ? 2.88025   -9.52082  5.44485   1.000 337.42523 ? 117 DG E N1    1 
ATOM 265 C C2    . DG A 1 13 ? 3.78764   -8.52235  5.17847   1.000 351.50664 ? 117 DG E C2    1 
ATOM 266 N N2    . DG A 1 13 ? 3.63276   -7.38228  5.86233   1.000 352.95499 ? 117 DG E N2    1 
ATOM 267 N N3    . DG A 1 13 ? 4.78091   -8.63287  4.30595   1.000 362.89178 ? 117 DG E N3    1 
ATOM 268 C C4    . DG A 1 13 ? 4.79002   -9.84741  3.70871   1.000 359.34389 ? 117 DG E C4    1 
ATOM 269 P P     . DA A 1 14 ? 10.86448  -8.38267  1.82123   1.000 397.77567 ? 118 DA E P     1 
ATOM 270 O OP1   . DA A 1 14 ? 11.73487  -7.64887  0.87723   1.000 409.15574 ? 118 DA E OP1   1 
ATOM 271 O OP2   . DA A 1 14 ? 11.24818  -9.74430  2.24621   1.000 394.10244 ? 118 DA E OP2   1 
ATOM 272 O "O5'" . DA A 1 14 ? 10.67904  -7.49692  3.14138   1.000 396.12158 ? 118 DA E "O5'" 1 
ATOM 273 C "C5'" . DA A 1 14 ? 10.12216  -6.18841  3.05315   1.000 396.92707 ? 118 DA E "C5'" 1 
ATOM 274 C "C4'" . DA A 1 14 ? 9.63065   -5.72037  4.41078   1.000 391.21028 ? 118 DA E "C4'" 1 
ATOM 275 O "O4'" . DA A 1 14 ? 8.41040   -6.42659  4.75038   1.000 377.53355 ? 118 DA E "O4'" 1 
ATOM 276 C "C3'" . DA A 1 14 ? 10.60980  -5.95547  5.56411   1.000 393.79696 ? 118 DA E "C3'" 1 
ATOM 277 O "O3'" . DA A 1 14 ? 10.74791  -4.77340  6.34154   1.000 396.88664 ? 118 DA E "O3'" 1 
ATOM 278 C "C2'" . DA A 1 14 ? 9.97785   -7.09548  6.36537   1.000 382.21811 ? 118 DA E "C2'" 1 
ATOM 279 C "C1'" . DA A 1 14 ? 8.49518   -6.92795  6.06745   1.000 372.37173 ? 118 DA E "C1'" 1 
ATOM 280 N N9    . DA A 1 14 ? 7.74637   -8.18453  6.13643   1.000 360.85119 ? 118 DA E N9    1 
ATOM 281 C C8    . DA A 1 14 ? 7.95939   -9.30516  5.38989   1.000 360.80086 ? 118 DA E C8    1 
ATOM 282 N N7    . DA A 1 14 ? 7.13595   -10.29291 5.65846   1.000 348.96984 ? 118 DA E N7    1 
ATOM 283 C C5    . DA A 1 14 ? 6.32574   -9.78780  6.66040   1.000 340.31672 ? 118 DA E C5    1 
ATOM 284 C C6    . DA A 1 14 ? 5.23930   -10.34179 7.38330   1.000 325.93382 ? 118 DA E C6    1 
ATOM 285 N N6    . DA A 1 14 ? 4.77960   -11.58430 7.18995   1.000 318.12344 ? 118 DA E N6    1 
ATOM 286 N N1    . DA A 1 14 ? 4.64393   -9.56196  8.31712   1.000 320.04688 ? 118 DA E N1    1 
ATOM 287 C C2    . DA A 1 14 ? 5.10982   -8.31806  8.50490   1.000 329.13731 ? 118 DA E C2    1 
ATOM 288 N N3    . DA A 1 14 ? 6.11682   -7.69108  7.88755   1.000 343.11867 ? 118 DA E N3    1 
ATOM 289 C C4    . DA A 1 14 ? 6.68392   -8.48612  6.96727   1.000 347.80961 ? 118 DA E C4    1 
ATOM 290 P P     . DC A 1 15 ? 11.79990  -4.71900  7.55562   1.000 377.26550 ? 119 DC E P     1 
ATOM 291 O OP1   . DC A 1 15 ? 12.21250  -3.30102  7.69999   1.000 385.35485 ? 119 DC E OP1   1 
ATOM 292 O OP2   . DC A 1 15 ? 12.81300  -5.77384  7.32355   1.000 381.08493 ? 119 DC E OP2   1 
ATOM 293 O "O5'" . DC A 1 15 ? 10.92294  -5.13477  8.83322   1.000 365.76455 ? 119 DC E "O5'" 1 
ATOM 294 C "C5'" . DC A 1 15 ? 9.70295   -4.44207  9.08949   1.000 361.00184 ? 119 DC E "C5'" 1 
ATOM 295 C "C4'" . DC A 1 15 ? 8.90989   -5.05431  10.24388  1.000 349.31547 ? 119 DC E "C4'" 1 
ATOM 296 O "O4'" . DC A 1 15 ? 8.27735   -6.29590  9.83896   1.000 340.41372 ? 119 DC E "O4'" 1 
ATOM 297 C "C3'" . DC A 1 15 ? 9.69053   -5.37347  11.53366  1.000 348.64079 ? 119 DC E "C3'" 1 
ATOM 298 O "O3'" . DC A 1 15 ? 9.06341   -4.70176  12.63355  1.000 344.18578 ? 119 DC E "O3'" 1 
ATOM 299 C "C2'" . DC A 1 15 ? 9.55473   -6.90156  11.66090  1.000 340.38891 ? 119 DC E "C2'" 1 
ATOM 300 C "C1'" . DC A 1 15 ? 8.22169   -7.12717  10.96970  1.000 332.61017 ? 119 DC E "C1'" 1 
ATOM 301 N N1    . DC A 1 15 ? 7.94918   -8.54532  10.53195  1.000 325.83548 ? 119 DC E N1    1 
ATOM 302 C C2    . DC A 1 15 ? 6.91270   -9.27159  11.14083  1.000 314.37946 ? 119 DC E C2    1 
ATOM 303 O O2    . DC A 1 15 ? 6.25667   -8.74145  12.04486  1.000 308.88662 ? 119 DC E O2    1 
ATOM 304 N N3    . DC A 1 15 ? 6.66581   -10.54167 10.72780  1.000 309.80001 ? 119 DC E N3    1 
ATOM 305 C C4    . DC A 1 15 ? 7.39446   -11.07865 9.75270   1.000 316.17001 ? 119 DC E C4    1 
ATOM 306 N N4    . DC A 1 15 ? 7.11380   -12.33236 9.37813   1.000 311.50422 ? 119 DC E N4    1 
ATOM 307 C C5    . DC A 1 15 ? 8.44793   -10.35593 9.11610   1.000 328.05484 ? 119 DC E C5    1 
ATOM 308 C C6    . DC A 1 15 ? 8.68681   -9.10484  9.53105   1.000 332.25770 ? 119 DC E C6    1 
ATOM 309 P P     . DA A 1 16 ? 9.75927   -4.63347  14.08110  1.000 305.38852 ? 120 DA E P     1 
ATOM 310 O OP1   . DA A 1 16 ? 9.91390   -3.20241  14.41652  1.000 309.14466 ? 120 DA E OP1   1 
ATOM 311 O OP2   . DA A 1 16 ? 10.94160  -5.52074  14.09071  1.000 309.14127 ? 120 DA E OP2   1 
ATOM 312 O "O5'" . DA A 1 16 ? 8.66678   -5.26859  15.06013  1.000 301.06725 ? 120 DA E "O5'" 1 
ATOM 313 C "C5'" . DA A 1 16 ? 7.36730   -4.69709  15.14731  1.000 296.89967 ? 120 DA E "C5'" 1 
ATOM 314 C "C4'" . DA A 1 16 ? 6.41847   -5.64287  15.85584  1.000 292.78590 ? 120 DA E "C4'" 1 
ATOM 315 O "O4'" . DA A 1 16 ? 6.26489   -6.85292  15.06506  1.000 288.90049 ? 120 DA E "O4'" 1 
ATOM 316 C "C3'" . DA A 1 16 ? 6.87910   -6.10046  17.23881  1.000 296.46676 ? 120 DA E "C3'" 1 
ATOM 317 O "O3'" . DA A 1 16 ? 5.75384   -6.20973  18.10272  1.000 293.90645 ? 120 DA E "O3'" 1 
ATOM 318 C "C2'" . DA A 1 16 ? 7.50346   -7.46580  16.95191  1.000 296.39766 ? 120 DA E "C2'" 1 
ATOM 319 C "C1'" . DA A 1 16 ? 6.58816   -7.97939  15.85265  1.000 290.00909 ? 120 DA E "C1'" 1 
ATOM 320 N N9    . DA A 1 16 ? 7.19398   -8.99564  14.99329  1.000 289.64312 ? 120 DA E N9    1 
ATOM 321 C C8    . DA A 1 16 ? 8.30017   -8.85714  14.21000  1.000 293.13103 ? 120 DA E C8    1 
ATOM 322 N N7    . DA A 1 16 ? 8.61312   -9.94033  13.53887  1.000 292.28299 ? 120 DA E N7    1 
ATOM 323 C C5    . DA A 1 16 ? 7.63716   -10.85278 13.90258  1.000 287.75820 ? 120 DA E C5    1 
ATOM 324 C C6    . DA A 1 16 ? 7.39976   -12.19797 13.53492  1.000 285.06344 ? 120 DA E C6    1 
ATOM 325 N N6    . DA A 1 16 ? 8.16893   -12.87342 12.68142  1.000 287.74665 ? 120 DA E N6    1 
ATOM 326 N N1    . DA A 1 16 ? 6.33512   -12.82432 14.08497  1.000 281.08582 ? 120 DA E N1    1 
ATOM 327 C C2    . DA A 1 16 ? 5.57113   -12.14405 14.94642  1.000 280.04741 ? 120 DA E C2    1 
ATOM 328 N N3    . DA A 1 16 ? 5.69032   -10.88038 15.36151  1.000 282.35630 ? 120 DA E N3    1 
ATOM 329 C C4    . DA A 1 16 ? 6.75324   -10.28692 14.79707  1.000 286.12220 ? 120 DA E C4    1 
ATOM 330 P P     . DT A 1 17 ? 5.91680   -6.04189  19.69422  1.000 304.28063 ? 121 DT E P     1 
ATOM 331 O OP1   . DT A 1 17 ? 4.94142   -5.02705  20.14877  1.000 303.19535 ? 121 DT E OP1   1 
ATOM 332 O OP2   . DT A 1 17 ? 7.35078   -5.83449  19.99303  1.000 311.26145 ? 121 DT E OP2   1 
ATOM 333 O "O5'" . DT A 1 17 ? 5.47473   -7.46979  20.26908  1.000 303.67700 ? 121 DT E "O5'" 1 
ATOM 334 C "C5'" . DT A 1 17 ? 6.31130   -8.61067  20.07525  1.000 306.16260 ? 121 DT E "C5'" 1 
ATOM 335 C "C4'" . DT A 1 17 ? 5.48448   -9.87563  19.89221  1.000 301.23279 ? 121 DT E "C4'" 1 
ATOM 336 O "O4'" . DT A 1 17 ? 5.83906   -10.49816 18.62604  1.000 299.37695 ? 121 DT E "O4'" 1 
ATOM 337 C "C3'" . DT A 1 17 ? 5.69582   -10.95624 20.96020  1.000 305.57239 ? 121 DT E "C3'" 1 
ATOM 338 O "O3'" . DT A 1 17 ? 4.47312   -11.65593 21.21585  1.000 301.79075 ? 121 DT E "O3'" 1 
ATOM 339 C "C2'" . DT A 1 17 ? 6.72206   -11.86851 20.30459  1.000 308.58866 ? 121 DT E "C2'" 1 
ATOM 340 C "C1'" . DT A 1 17 ? 6.26587   -11.82553 18.85468  1.000 302.33895 ? 121 DT E "C1'" 1 
ATOM 341 N N1    . DT A 1 17 ? 7.34576   -12.15323 17.88374  1.000 305.77474 ? 121 DT E N1    1 
ATOM 342 C C2    . DT A 1 17 ? 7.37694   -13.40107 17.30319  1.000 305.34361 ? 121 DT E C2    1 
ATOM 343 O O2    . DT A 1 17 ? 6.55299   -14.26973 17.53989  1.000 302.09278 ? 121 DT E O2    1 
ATOM 344 N N3    . DT A 1 17 ? 8.41407   -13.59825 16.42863  1.000 309.41550 ? 121 DT E N3    1 
ATOM 345 C C4    . DT A 1 17 ? 9.40031   -12.69368 16.08618  1.000 313.82572 ? 121 DT E C4    1 
ATOM 346 O O4    . DT A 1 17 ? 10.29143  -12.96587 15.28855  1.000 317.48943 ? 121 DT E O4    1 
ATOM 347 C C5    . DT A 1 17 ? 9.30876   -11.40673 16.73307  1.000 313.95131 ? 121 DT E C5    1 
ATOM 348 C C7    . DT A 1 17 ? 10.32311  -10.34344 16.43922  1.000 318.67629 ? 121 DT E C7    1 
ATOM 349 C C6    . DT A 1 17 ? 8.29868   -11.20091 17.58997  1.000 309.95950 ? 121 DT E C6    1 
ATOM 350 P P     . DC A 1 18 ? 4.34820   -12.63326 22.48861  1.000 321.02666 ? 122 DC E P     1 
ATOM 351 O OP1   . DC A 1 18 ? 2.92027   -12.70348 22.87501  1.000 318.40921 ? 122 DC E OP1   1 
ATOM 352 O OP2   . DC A 1 18 ? 5.36549   -12.18107 23.46304  1.000 328.95173 ? 122 DC E OP2   1 
ATOM 353 O "O5'" . DC A 1 18 ? 4.78164   -14.07624 21.93267  1.000 321.50097 ? 122 DC E "O5'" 1 
ATOM 354 C "C5'" . DC A 1 18 ? 3.88210   -14.82133 21.10640  1.000 316.74315 ? 122 DC E "C5'" 1 
ATOM 355 C "C4'" . DC A 1 18 ? 4.37570   -16.24598 20.87509  1.000 319.18920 ? 122 DC E "C4'" 1 
ATOM 356 O "O4'" . DC A 1 18 ? 5.45271   -16.25501 19.90140  1.000 319.50965 ? 122 DC E "O4'" 1 
ATOM 357 C "C3'" . DC A 1 18 ? 4.92228   -16.96706 22.10287  1.000 327.99319 ? 122 DC E "C3'" 1 
ATOM 358 O "O3'" . DC A 1 18 ? 4.54570   -18.32764 22.03913  1.000 329.15794 ? 122 DC E "O3'" 1 
ATOM 359 C "C2'" . DC A 1 18 ? 6.43474   -16.80039 21.94619  1.000 332.72392 ? 122 DC E "C2'" 1 
ATOM 360 C "C1'" . DC A 1 18 ? 6.57441   -16.92715 20.44068  1.000 327.17402 ? 122 DC E "C1'" 1 
ATOM 361 N N1    . DC A 1 18 ? 7.79787   -16.29627 19.87035  1.000 329.97135 ? 122 DC E N1    1 
ATOM 362 C C2    . DC A 1 18 ? 8.56166   -17.00343 18.93895  1.000 332.26521 ? 122 DC E C2    1 
ATOM 363 O O2    . DC A 1 18 ? 8.21784   -18.14964 18.63410  1.000 331.48860 ? 122 DC E O2    1 
ATOM 364 N N3    . DC A 1 18 ? 9.66038   -16.41022 18.40262  1.000 335.96964 ? 122 DC E N3    1 
ATOM 365 C C4    . DC A 1 18 ? 9.99073   -15.17172 18.76060  1.000 337.44058 ? 122 DC E C4    1 
ATOM 366 N N4    . DC A 1 18 ? 11.08157  -14.62596 18.20811  1.000 341.71979 ? 122 DC E N4    1 
ATOM 367 C C5    . DC A 1 18 ? 9.21856   -14.43440 19.70681  1.000 335.05640 ? 122 DC E C5    1 
ATOM 368 C C6    . DC A 1 18 ? 8.13700   -15.02726 20.22459  1.000 331.29787 ? 122 DC E C6    1 
ATOM 369 P P     . DT A 1 19 ? 4.78553   -19.29481 23.29495  1.000 377.98428 ? 123 DT E P     1 
ATOM 370 O OP1   . DT A 1 19 ? 3.58026   -20.14423 23.41978  1.000 376.27143 ? 123 DT E OP1   1 
ATOM 371 O OP2   . DT A 1 19 ? 5.19359   -18.45971 24.44459  1.000 384.46769 ? 123 DT E OP2   1 
ATOM 372 O "O5'" . DT A 1 19 ? 6.04369   -20.17994 22.85236  1.000 382.01390 ? 123 DT E "O5'" 1 
ATOM 373 C "C5'" . DT A 1 19 ? 5.99930   -20.91517 21.63278  1.000 381.46672 ? 123 DT E "C5'" 1 
ATOM 374 C "C4'" . DT A 1 19 ? 7.27581   -21.71412 21.43287  1.000 387.33154 ? 123 DT E "C4'" 1 
ATOM 375 O "O4'" . DT A 1 19 ? 8.10615   -21.06512 20.44675  1.000 384.87061 ? 123 DT E "O4'" 1 
ATOM 376 C "C3'" . DT A 1 19 ? 8.16444   -21.83083 22.65585  1.000 397.26027 ? 123 DT E "C3'" 1 
ATOM 377 O "O3'" . DT A 1 19 ? 7.71745   -22.89415 23.48880  1.000 401.38716 ? 123 DT E "O3'" 1 
ATOM 378 C "C2'" . DT A 1 19 ? 9.52183   -22.14236 22.02820  1.000 398.89419 ? 123 DT E "C2'" 1 
ATOM 379 C "C1'" . DT A 1 19 ? 9.46707   -21.36244 20.70782  1.000 391.70204 ? 123 DT E "C1'" 1 
ATOM 380 N N1    . DT A 1 19 ? 10.24765  -20.08125 20.72154  1.000 299.06543 ? 123 DT E N1    1 
ATOM 381 C C2    . DT A 1 19 ? 11.33932  -19.95547 19.89238  1.000 301.69337 ? 123 DT E C2    1 
ATOM 382 O O2    . DT A 1 19 ? 11.70975  -20.84074 19.14211  1.000 302.18842 ? 123 DT E O2    1 
ATOM 383 N N3    . DT A 1 19 ? 11.98613  -18.74775 19.97463  1.000 304.16148 ? 123 DT E N3    1 
ATOM 384 C C4    . DT A 1 19 ? 11.65090  -17.67816 20.78649  1.000 304.21829 ? 123 DT E C4    1 
ATOM 385 O O4    . DT A 1 19 ? 12.29050  -16.63462 20.79462  1.000 306.82111 ? 123 DT E O4    1 
ATOM 386 C C5    . DT A 1 19 ? 10.50044  -17.87907 21.63370  1.000 301.49914 ? 123 DT E C5    1 
ATOM 387 C C7    . DT A 1 19 ? 10.04279  -16.78523 22.55133  1.000 301.82243 ? 123 DT E C7    1 
ATOM 388 C C6    . DT A 1 19 ? 9.85674   -19.05249 21.55537  1.000 299.06434 ? 123 DT E C6    1 
ATOM 389 P P     . DC B 2 1  ? -4.14516  -4.81773  9.22915   1.000 316.79193 ? 119 DC F P     1 
ATOM 390 O OP1   . DC B 2 1  ? -4.84096  -3.84575  8.35495   1.000 310.49117 ? 119 DC F OP1   1 
ATOM 391 O OP2   . DC B 2 1  ? -3.31032  -5.89613  8.65192   1.000 322.90733 ? 119 DC F OP2   1 
ATOM 392 O "O5'" . DC B 2 1  ? -3.26575  -4.03343  10.31230  1.000 319.29217 ? 119 DC F "O5'" 1 
ATOM 393 C "C5'" . DC B 2 1  ? -2.74155  -4.72682  11.43390  1.000 324.76120 ? 119 DC F "C5'" 1 
ATOM 394 C "C4'" . DC B 2 1  ? -1.25188  -4.95269  11.27655  1.000 331.84523 ? 119 DC F "C4'" 1 
ATOM 395 O "O4'" . DC B 2 1  ? -1.00085  -6.31214  10.84366  1.000 336.66716 ? 119 DC F "O4'" 1 
ATOM 396 C "C3'" . DC B 2 1  ? -0.56575  -4.04729  10.25125  1.000 331.56266 ? 119 DC F "C3'" 1 
ATOM 397 O "O3'" . DC B 2 1  ? 0.59359   -3.48955  10.82731  1.000 336.82677 ? 119 DC F "O3'" 1 
ATOM 398 C "C2'" . DC B 2 1  ? -0.22246  -4.99721  9.09918   1.000 334.54964 ? 119 DC F "C2'" 1 
ATOM 399 C "C1'" . DC B 2 1  ? -0.00748  -6.29362  9.84648   1.000 340.75130 ? 119 DC F "C1'" 1 
ATOM 400 N N1    . DC B 2 1  ? -0.13566  -7.52818  9.00066   1.000 343.47992 ? 119 DC F N1    1 
ATOM 401 C C2    . DC B 2 1  ? 0.85086   -7.82690  8.04814   1.000 349.26574 ? 119 DC F C2    1 
ATOM 402 O O2    . DC B 2 1  ? 1.80399   -7.05467  7.91081   1.000 351.99962 ? 119 DC F O2    1 
ATOM 403 N N3    . DC B 2 1  ? 0.72952   -8.95700  7.30140   1.000 352.37415 ? 119 DC F N3    1 
ATOM 404 C C4    . DC B 2 1  ? -0.31441  -9.76502  7.48265   1.000 350.18932 ? 119 DC F C4    1 
ATOM 405 N N4    . DC B 2 1  ? -0.39256  -10.86700 6.72521   1.000 354.24745 ? 119 DC F N4    1 
ATOM 406 C C5    . DC B 2 1  ? -1.32580  -9.47948  8.45110   1.000 344.51667 ? 119 DC F C5    1 
ATOM 407 C C6    . DC B 2 1  ? -1.19629  -8.36292  9.17992   1.000 341.23337 ? 119 DC F C6    1 
ATOM 408 P P     . DC B 2 2  ? 0.50476   -2.08928  11.60436  1.000 348.75456 ? 120 DC F P     1 
ATOM 409 O OP1   . DC B 2 2  ? 1.10430   -2.26920  12.94620  1.000 355.95036 ? 120 DC F OP1   1 
ATOM 410 O OP2   . DC B 2 2  ? -0.87818  -1.58708  11.45990  1.000 340.46921 ? 120 DC F OP2   1 
ATOM 411 O "O5'" . DC B 2 2  ? 1.42885   -1.12305  10.73801  1.000 352.93438 ? 120 DC F "O5'" 1 
ATOM 412 C "C5'" . DC B 2 2  ? 0.86785   -0.40874  9.65925   1.000 345.52696 ? 120 DC F "C5'" 1 
ATOM 413 C "C4'" . DC B 2 2  ? 1.78540   -0.43362  8.45942   1.000 350.36952 ? 120 DC F "C4'" 1 
ATOM 414 O "O4'" . DC B 2 2  ? 1.63541   -1.70366  7.76743   1.000 350.09581 ? 120 DC F "O4'" 1 
ATOM 415 C "C3'" . DC B 2 2  ? 1.45091   0.60578   7.41475   1.000 345.82266 ? 120 DC F "C3'" 1 
ATOM 416 O "O3'" . DC B 2 2  ? 2.57650   0.80160   6.55864   1.000 361.07663 ? 120 DC F "O3'" 1 
ATOM 417 C "C2'" . DC B 2 2  ? 0.32535   -0.10112  6.69011   1.000 341.39785 ? 120 DC F "C2'" 1 
ATOM 418 C "C1'" . DC B 2 2  ? 0.93793   -1.48763  6.55391   1.000 345.69498 ? 120 DC F "C1'" 1 
ATOM 419 N N1    . DC B 2 2  ? -0.06945  -2.56959  6.38553   1.000 342.90986 ? 120 DC F N1    1 
ATOM 420 C C2    . DC B 2 2  ? 0.23617   -3.70859  5.61673   1.000 355.02744 ? 120 DC F C2    1 
ATOM 421 O O2    . DC B 2 2  ? 1.34895   -3.80129  5.08625   1.000 373.57004 ? 120 DC F O2    1 
ATOM 422 N N3    . DC B 2 2  ? -0.70226  -4.68346  5.47991   1.000 354.50970 ? 120 DC F N3    1 
ATOM 423 C C4    . DC B 2 2  ? -1.88755  -4.54935  6.06495   1.000 339.06079 ? 120 DC F C4    1 
ATOM 424 N N4    . DC B 2 2  ? -2.77974  -5.53467  5.89958   1.000 337.66863 ? 120 DC F N4    1 
ATOM 425 C C5    . DC B 2 2  ? -2.21555  -3.39471  6.84308   1.000 333.31126 ? 120 DC F C5    1 
ATOM 426 C C6    . DC B 2 2  ? -1.28559  -2.44274  6.97551   1.000 335.52106 ? 120 DC F C6    1 
ATOM 427 P P     . DG B 2 3  ? 3.42000   2.16811   6.62498   1.000 378.65931 ? 121 DG F P     1 
ATOM 428 O OP1   . DG B 2 3  ? 4.00384   2.26482   7.97702   1.000 381.75446 ? 121 DG F OP1   1 
ATOM 429 O OP2   . DG B 2 3  ? 2.56471   3.25210   6.09306   1.000 372.81921 ? 121 DG F OP2   1 
ATOM 430 O "O5'" . DG B 2 3  ? 4.61197   1.95283   5.58504   1.000 397.16740 ? 121 DG F "O5'" 1 
ATOM 431 C "C5'" . DG B 2 3  ? 5.29771   0.71267   5.52266   1.000 406.02945 ? 121 DG F "C5'" 1 
ATOM 432 C "C4'" . DG B 2 3  ? 5.75251   0.43751   4.10313   1.000 418.42660 ? 121 DG F "C4'" 1 
ATOM 433 O "O4'" . DG B 2 3  ? 4.78163   -0.40699  3.44307   1.000 413.97983 ? 121 DG F "O4'" 1 
ATOM 434 C "C3'" . DG B 2 3  ? 5.88479   1.67554   3.22834   1.000 425.50131 ? 121 DG F "C3'" 1 
ATOM 435 O "O3'" . DG B 2 3  ? 6.91212   1.49233   2.26999   1.000 444.15467 ? 121 DG F "O3'" 1 
ATOM 436 C "C2'" . DG B 2 3  ? 4.50522   1.79641   2.57417   1.000 411.04388 ? 121 DG F "C2'" 1 
ATOM 437 C "C1'" . DG B 2 3  ? 3.99803   0.35250   2.53629   1.000 408.77635 ? 121 DG F "C1'" 1 
ATOM 438 N N9    . DG B 2 3  ? 2.59491   0.22542   2.91957   1.000 390.74010 ? 121 DG F N9    1 
ATOM 439 C C8    . DG B 2 3  ? 1.86869   1.11626   3.67000   1.000 374.24490 ? 121 DG F C8    1 
ATOM 440 N N7    . DG B 2 3  ? 0.63163   0.75754   3.85452   1.000 361.45148 ? 121 DG F N7    1 
ATOM 441 C C5    . DG B 2 3  ? 0.52786   -0.46363  3.19309   1.000 369.90102 ? 121 DG F C5    1 
ATOM 442 C C6    . DG B 2 3  ? -0.58162  -1.32966  3.05519   1.000 364.98956 ? 121 DG F C6    1 
ATOM 443 O O6    . DG B 2 3  ? -1.72342  -1.19581  3.50839   1.000 353.60573 ? 121 DG F O6    1 
ATOM 444 N N1    . DG B 2 3  ? -0.26090  -2.46072  2.29330   1.000 387.48401 ? 121 DG F N1    1 
ATOM 445 C C2    . DG B 2 3  ? 0.97483   -2.70787  1.74376   1.000 409.18200 ? 121 DG F C2    1 
ATOM 446 N N2    . DG B 2 3  ? 1.09969   -3.84724  1.04147   1.000 429.00302 ? 121 DG F N2    1 
ATOM 447 N N3    . DG B 2 3  ? 2.02075   -1.90038  1.86860   1.000 410.46055 ? 121 DG F N3    1 
ATOM 448 C C4    . DG B 2 3  ? 1.72407   -0.79721  2.60653   1.000 389.79864 ? 121 DG F C4    1 
ATOM 449 P P     . DT B 2 4  ? 7.03802   2.48530   1.01243   1.000 439.65609 ? 122 DT F P     1 
ATOM 450 O OP1   . DT B 2 4  ? 8.43747   2.38974   0.54153   1.000 460.41801 ? 122 DT F OP1   1 
ATOM 451 O OP2   . DT B 2 4  ? 6.50423   3.81157   1.40921   1.000 432.26049 ? 122 DT F OP2   1 
ATOM 452 O "O5'" . DT B 2 4  ? 6.07710   1.81843   -0.09157  1.000 438.87942 ? 122 DT F "O5'" 1 
ATOM 453 C "C5'" . DT B 2 4  ? 6.19076   0.41591   -0.36704  1.000 449.12534 ? 122 DT F "C5'" 1 
ATOM 454 C "C4'" . DT B 2 4  ? 5.04495   -0.10421  -1.23427  1.000 446.40925 ? 122 DT F "C4'" 1 
ATOM 455 O "O4'" . DT B 2 4  ? 3.80046   -0.12610  -0.48456  1.000 425.66437 ? 122 DT F "O4'" 1 
ATOM 456 C "C3'" . DT B 2 4  ? 4.75098   0.68785   -2.51821  1.000 450.28454 ? 122 DT F "C3'" 1 
ATOM 457 O "O3'" . DT B 2 4  ? 4.67412   -0.20933  -3.62736  1.000 463.99679 ? 122 DT F "O3'" 1 
ATOM 458 C "C2'" . DT B 2 4  ? 3.38970   1.31808   -2.22770  1.000 431.38399 ? 122 DT F "C2'" 1 
ATOM 459 C "C1'" . DT B 2 4  ? 2.76717   0.25179   -1.35579  1.000 421.60066 ? 122 DT F "C1'" 1 
ATOM 460 N N1    . DT B 2 4  ? 1.60467   0.73461   -0.56739  1.000 399.93306 ? 122 DT F N1    1 
ATOM 461 C C2    . DT B 2 4  ? 0.43189   0.01759   -0.59681  1.000 393.86757 ? 122 DT F C2    1 
ATOM 462 O O2    . DT B 2 4  ? 0.29622   -1.01528  -1.22854  1.000 408.18417 ? 122 DT F O2    1 
ATOM 463 N N3    . DT B 2 4  ? -0.58345  0.54756   0.15313   1.000 372.19802 ? 122 DT F N3    1 
ATOM 464 C C4    . DT B 2 4  ? -0.54823  1.70576   0.90733   1.000 361.53328 ? 122 DT F C4    1 
ATOM 465 O O4    . DT B 2 4  ? -1.51738  2.09985   1.54912   1.000 354.19984 ? 122 DT F O4    1 
ATOM 466 C C5    . DT B 2 4  ? 0.70948   2.41659   0.88830   1.000 368.44197 ? 122 DT F C5    1 
ATOM 467 C C7    . DT B 2 4  ? 0.86708   3.68878   1.66822   1.000 364.35228 ? 122 DT F C7    1 
ATOM 468 C C6    . DT B 2 4  ? 1.71305   1.90479   0.15506   1.000 388.03769 ? 122 DT F C6    1 
ATOM 469 P P     . DA B 2 5  ? 4.60779   0.34725   -5.13542  1.000 413.58871 ? 123 DA F P     1 
ATOM 470 O OP1   . DA B 2 5  ? 5.87935   -0.02723  -5.79450  1.000 432.58854 ? 123 DA F OP1   1 
ATOM 471 O OP2   . DA B 2 5  ? 4.20966   1.77090   -5.10380  1.000 401.20890 ? 123 DA F OP2   1 
ATOM 472 O "O5'" . DA B 2 5  ? 3.41574   -0.48959  -5.80094  1.000 412.60943 ? 123 DA F "O5'" 1 
ATOM 473 C "C5'" . DA B 2 5  ? 3.50094   -1.90821  -5.87793  1.000 416.60009 ? 123 DA F "C5'" 1 
ATOM 474 C "C4'" . DA B 2 5  ? 2.18026   -2.51060  -6.32989  1.000 417.89785 ? 123 DA F "C4'" 1 
ATOM 475 O "O4'" . DA B 2 5  ? 1.13653   -2.17204  -5.38351  1.000 399.83504 ? 123 DA F "O4'" 1 
ATOM 476 C "C3'" . DA B 2 5  ? 1.68976   -2.04798  -7.69459  1.000 420.05289 ? 123 DA F "C3'" 1 
ATOM 477 O "O3'" . DA B 2 5  ? 1.10152   -3.12963  -8.37808  1.000 430.49812 ? 123 DA F "O3'" 1 
ATOM 478 C "C2'" . DA B 2 5  ? 0.66779   -0.95963  -7.36543  1.000 399.94026 ? 123 DA F "C2'" 1 
ATOM 479 C "C1'" . DA B 2 5  ? 0.13294   -1.39180  -6.00131  1.000 389.75613 ? 123 DA F "C1'" 1 
ATOM 480 N N9    . DA B 2 5  ? -0.17344  -0.27233  -5.11327  1.000 372.30463 ? 123 DA F N9    1 
ATOM 481 C C8    . DA B 2 5  ? 0.67211   0.73388   -4.74424  1.000 372.63016 ? 123 DA F C8    1 
ATOM 482 N N7    . DA B 2 5  ? 0.13553   1.60765   -3.92733  1.000 365.73075 ? 123 DA F N7    1 
ATOM 483 C C5    . DA B 2 5  ? -1.15218  1.14287   -3.74081  1.000 360.09191 ? 123 DA F C5    1 
ATOM 484 C C6    . DA B 2 5  ? -2.23191  1.62914   -2.97859  1.000 351.75258 ? 123 DA F C6    1 
ATOM 485 N N6    . DA B 2 5  ? -2.16987  2.73686   -2.23554  1.000 347.87629 ? 123 DA F N6    1 
ATOM 486 N N1    . DA B 2 5  ? -3.38147  0.92977   -3.00955  1.000 348.01413 ? 123 DA F N1    1 
ATOM 487 C C2    . DA B 2 5  ? -3.44334  -0.18190  -3.75375  1.000 352.71099 ? 123 DA F C2    1 
ATOM 488 N N3    . DA B 2 5  ? -2.49762  -0.73892  -4.51409  1.000 360.96104 ? 123 DA F N3    1 
ATOM 489 C C4    . DA B 2 5  ? -1.36317  -0.01915  -4.46231  1.000 364.08319 ? 123 DA F C4    1 
ATOM 490 P P     . DC B 2 6  ? 0.60279   -2.95444  -9.89144  1.000 384.95279 ? 124 DC F P     1 
ATOM 491 O OP1   . DC B 2 6  ? 0.73879   -4.27342  -10.54751 1.000 394.01105 ? 124 DC F OP1   1 
ATOM 492 O OP2   . DC B 2 6  ? 1.28960   -1.77741  -10.46918 1.000 381.82093 ? 124 DC F OP2   1 
ATOM 493 O "O5'" . DC B 2 6  ? -0.94783  -2.60418  -9.72633  1.000 373.85818 ? 124 DC F "O5'" 1 
ATOM 494 C "C5'" . DC B 2 6  ? -1.76295  -3.43086  -8.91704  1.000 373.89479 ? 124 DC F "C5'" 1 
ATOM 495 C "C4'" . DC B 2 6  ? -3.12967  -2.81017  -8.67862  1.000 362.40715 ? 124 DC F "C4'" 1 
ATOM 496 O "O4'" . DC B 2 6  ? -3.03811  -1.73811  -7.70791  1.000 356.40276 ? 124 DC F "O4'" 1 
ATOM 497 C "C3'" . DC B 2 6  ? -3.81619  -2.20534  -9.90598  1.000 354.47502 ? 124 DC F "C3'" 1 
ATOM 498 O "O3'" . DC B 2 6  ? -5.17018  -2.61214  -9.90695  1.000 349.28544 ? 124 DC F "O3'" 1 
ATOM 499 C "C2'" . DC B 2 6  ? -3.69202  -0.69731  -9.66018  1.000 345.59680 ? 124 DC F "C2'" 1 
ATOM 500 C "C1'" . DC B 2 6  ? -3.83851  -0.67155  -8.15427  1.000 345.81163 ? 124 DC F "C1'" 1 
ATOM 501 N N1    . DC B 2 6  ? -3.38115  0.58189   -7.48060  1.000 341.64247 ? 124 DC F N1    1 
ATOM 502 C C2    . DC B 2 6  ? -4.26558  1.26456   -6.64113  1.000 333.17922 ? 124 DC F C2    1 
ATOM 503 O O2    . DC B 2 6  ? -5.41006  0.82304   -6.50372  1.000 328.82316 ? 124 DC F O2    1 
ATOM 504 N N3    . DC B 2 6  ? -3.84442  2.39132   -6.00815  1.000 330.39153 ? 124 DC F N3    1 
ATOM 505 C C4    . DC B 2 6  ? -2.60197  2.82567   -6.18821  1.000 335.59212 ? 124 DC F C4    1 
ATOM 506 N N4    . DC B 2 6  ? -2.22837  3.93867   -5.54667  1.000 333.29587 ? 124 DC F N4    1 
ATOM 507 C C5    . DC B 2 6  ? -1.68228  2.13650   -7.03685  1.000 343.80680 ? 124 DC F C5    1 
ATOM 508 C C6    . DC B 2 6  ? -2.11062  1.02803   -7.65393  1.000 346.61268 ? 124 DC F C6    1 
ATOM 509 P P     . DA B 2 7  ? -5.99031  -2.71136  -11.28098 1.000 341.98011 ? 125 DA F P     1 
ATOM 510 O OP1   . DA B 2 7  ? -7.33369  -3.23322  -10.94921 1.000 339.05573 ? 125 DA F OP1   1 
ATOM 511 O OP2   . DA B 2 7  ? -5.13753  -3.42738  -12.25648 1.000 350.12375 ? 125 DA F OP2   1 
ATOM 512 O "O5'" . DA B 2 7  ? -6.12614  -1.18700  -11.75489 1.000 330.29682 ? 125 DA F "O5'" 1 
ATOM 513 C "C5'" . DA B 2 7  ? -7.35446  -0.70661  -12.28095 1.000 318.61055 ? 125 DA F "C5'" 1 
ATOM 514 C "C4'" . DA B 2 7  ? -8.17421  -0.04195  -11.19367 1.000 311.61876 ? 125 DA F "C4'" 1 
ATOM 515 O "O4'" . DA B 2 7  ? -7.27982  0.64469   -10.27531 1.000 314.66959 ? 125 DA F "O4'" 1 
ATOM 516 C "C3'" . DA B 2 7  ? -9.13490  1.03554   -11.68942 1.000 298.83216 ? 125 DA F "C3'" 1 
ATOM 517 O "O3'" . DA B 2 7  ? -10.23913 1.14459   -10.80372 1.000 293.88198 ? 125 DA F "O3'" 1 
ATOM 518 C "C2'" . DA B 2 7  ? -8.26727  2.26485   -11.60857 1.000 298.79475 ? 125 DA F "C2'" 1 
ATOM 519 C "C1'" . DA B 2 7  ? -7.62299  2.01230   -10.26720 1.000 304.35716 ? 125 DA F "C1'" 1 
ATOM 520 N N9    . DA B 2 7  ? -6.44301  2.82025   -9.99454  1.000 307.51695 ? 125 DA F N9    1 
ATOM 521 C C8    . DA B 2 7  ? -5.20545  2.71762   -10.55893 1.000 314.62434 ? 125 DA F C8    1 
ATOM 522 N N7    . DA B 2 7  ? -4.34145  3.58853   -10.08979 1.000 315.85695 ? 125 DA F N7    1 
ATOM 523 C C5    . DA B 2 7  ? -5.07166  4.30562   -9.15661  1.000 309.50240 ? 125 DA F C5    1 
ATOM 524 C C6    . DA B 2 7  ? -4.74545  5.37480   -8.30262  1.000 307.94585 ? 125 DA F C6    1 
ATOM 525 N N6    . DA B 2 7  ? -3.54006  5.93295   -8.24997  1.000 312.78486 ? 125 DA F N6    1 
ATOM 526 N N1    . DA B 2 7  ? -5.71748  5.85122   -7.49682  1.000 301.44710 ? 125 DA F N1    1 
ATOM 527 C C2    . DA B 2 7  ? -6.92425  5.29400   -7.54949  1.000 296.24457 ? 125 DA F C2    1 
ATOM 528 N N3    . DA B 2 7  ? -7.34763  4.29270   -8.30428  1.000 297.01574 ? 125 DA F N3    1 
ATOM 529 C C4    . DA B 2 7  ? -6.36414  3.84032   -9.09160  1.000 304.08809 ? 125 DA F C4    1 
ATOM 530 P P     . DG C 3 1  ? -8.38317  4.75298   -17.75549 1.000 334.59445 ? 209 DG G P     1 
ATOM 531 O OP1   . DG C 3 1  ? -7.07595  4.08084   -17.94258 1.000 329.08941 ? 209 DG G OP1   1 
ATOM 532 O OP2   . DG C 3 1  ? -9.62598  4.13273   -18.26951 1.000 333.28370 ? 209 DG G OP2   1 
ATOM 533 O "O5'" . DG C 3 1  ? -8.57466  5.06780   -16.19609 1.000 339.81147 ? 209 DG G "O5'" 1 
ATOM 534 C "C5'" . DG C 3 1  ? -9.54255  4.35482   -15.43647 1.000 343.35861 ? 209 DG G "C5'" 1 
ATOM 535 C "C4'" . DG C 3 1  ? -9.51309  4.78975   -13.98380 1.000 344.57382 ? 209 DG G "C4'" 1 
ATOM 536 O "O4'" . DG C 3 1  ? -8.16152  4.74887   -13.50116 1.000 340.82008 ? 209 DG G "O4'" 1 
ATOM 537 C "C3'" . DG C 3 1  ? -9.94256  6.22662   -13.73177 1.000 341.84633 ? 209 DG G "C3'" 1 
ATOM 538 O "O3'" . DG C 3 1  ? -11.35203 6.30548   -13.54010 1.000 341.69746 ? 209 DG G "O3'" 1 
ATOM 539 C "C2'" . DG C 3 1  ? -9.18800  6.60241   -12.45036 1.000 340.51667 ? 209 DG G "C2'" 1 
ATOM 540 C "C1'" . DG C 3 1  ? -8.09602  5.53237   -12.33769 1.000 339.85475 ? 209 DG G "C1'" 1 
ATOM 541 N N9    . DG C 3 1  ? -6.74870  6.06679   -12.18618 1.000 333.83205 ? 209 DG G N9    1 
ATOM 542 C C8    . DG C 3 1  ? -5.63283  5.72047   -12.91691 1.000 329.98444 ? 209 DG G C8    1 
ATOM 543 N N7    . DG C 3 1  ? -4.55651  6.35528   -12.54713 1.000 323.83205 ? 209 DG G N7    1 
ATOM 544 C C5    . DG C 3 1  ? -4.98508  7.17037   -11.49994 1.000 323.66961 ? 209 DG G C5    1 
ATOM 545 C C6    . DG C 3 1  ? -4.25863  8.08573   -10.70572 1.000 317.78716 ? 209 DG G C6    1 
ATOM 546 O O6    . DG C 3 1  ? -3.05849  8.36703   -10.77058 1.000 311.21413 ? 209 DG G O6    1 
ATOM 547 N N1    . DG C 3 1  ? -5.07622  8.70671   -9.75253  1.000 319.67507 ? 209 DG G N1    1 
ATOM 548 C C2    . DG C 3 1  ? -6.41937  8.46680   -9.59580  1.000 326.03771 ? 209 DG G C2    1 
ATOM 549 N N2    . DG C 3 1  ? -7.04740  9.15457   -8.62788  1.000 331.02328 ? 209 DG G N2    1 
ATOM 550 N N3    . DG C 3 1  ? -7.10587  7.60906   -10.33598 1.000 331.27476 ? 209 DG G N3    1 
ATOM 551 C C4    . DG C 3 1  ? -6.32538  6.99757   -11.26913 1.000 329.81338 ? 209 DG G C4    1 
ATOM 552 P P     . DG C 3 2  ? -12.10791 7.71444   -13.71595 1.000 339.87904 ? 210 DG G P     1 
ATOM 553 O OP1   . DG C 3 2  ? -13.56226 7.46410   -13.66969 1.000 338.57053 ? 210 DG G OP1   1 
ATOM 554 O OP2   . DG C 3 2  ? -11.53967 8.38242   -14.90436 1.000 335.24759 ? 210 DG G OP2   1 
ATOM 555 O "O5'" . DG C 3 2  ? -11.67695 8.55881   -12.42626 1.000 339.59523 ? 210 DG G "O5'" 1 
ATOM 556 C "C5'" . DG C 3 2  ? -12.21881 8.24653   -11.14361 1.000 344.06138 ? 210 DG G "C5'" 1 
ATOM 557 C "C4'" . DG C 3 2  ? -12.16061 9.45236   -10.21599 1.000 343.60310 ? 210 DG G "C4'" 1 
ATOM 558 O "O4'" . DG C 3 2  ? -10.78415 9.75045   -9.88210  1.000 345.03968 ? 210 DG G "O4'" 1 
ATOM 559 C "C3'" . DG C 3 2  ? -12.72689 10.74089  -10.78872 1.000 334.19198 ? 210 DG G "C3'" 1 
ATOM 560 O "O3'" . DG C 3 2  ? -13.24242 11.53223  -9.74991  1.000 333.29918 ? 210 DG G "O3'" 1 
ATOM 561 C "C2'" . DG C 3 2  ? -11.50667 11.39444  -11.42587 1.000 330.72745 ? 210 DG G "C2'" 1 
ATOM 562 C "C1'" . DG C 3 2  ? -10.38633 10.97057  -10.48314 1.000 332.74809 ? 210 DG G "C1'" 1 
ATOM 563 N N9    . DG C 3 2  ? -9.12294  10.73962  -11.16603 1.000 330.81192 ? 210 DG G N9    1 
ATOM 564 C C8    . DG C 3 2  ? -8.89921  9.88316   -12.21227 1.000 332.59083 ? 210 DG G C8    1 
ATOM 565 N N7    . DG C 3 2  ? -7.66241  9.87430   -12.62269 1.000 329.66114 ? 210 DG G N7    1 
ATOM 566 C C5    . DG C 3 2  ? -7.02393  10.78488  -11.79256 1.000 325.04353 ? 210 DG G C5    1 
ATOM 567 C C6    . DG C 3 2  ? -5.67038  11.19823  -11.76177 1.000 319.08026 ? 210 DG G C6    1 
ATOM 568 O O6    . DG C 3 2  ? -4.73778  10.82568  -12.49047 1.000 316.59036 ? 210 DG G O6    1 
ATOM 569 N N1    . DG C 3 2  ? -5.44265  12.14284  -10.75922 1.000 315.36281 ? 210 DG G N1    1 
ATOM 570 C C2    . DG C 3 2  ? -6.40624  12.62194  -9.89919  1.000 317.67083 ? 210 DG G C2    1 
ATOM 571 N N2    . DG C 3 2  ? -6.00610  13.52847  -8.99629  1.000 313.76606 ? 210 DG G N2    1 
ATOM 572 N N3    . DG C 3 2  ? -7.67586  12.24099  -9.92083  1.000 322.98715 ? 210 DG G N3    1 
ATOM 573 C C4    . DG C 3 2  ? -7.91050  11.32313  -10.88598 1.000 326.17119 ? 210 DG G C4    1 
ATOM 574 P P     . DC C 3 3  ? -13.95577 12.92632  -10.08863 1.000 376.75905 ? 211 DC G P     1 
ATOM 575 O OP1   . DC C 3 3  ? -14.99680 13.14785  -9.06034  1.000 386.51656 ? 211 DC G OP1   1 
ATOM 576 O OP2   . DC C 3 3  ? -14.35850 12.87785  -11.50865 1.000 362.58373 ? 211 DC G OP2   1 
ATOM 577 O "O5'" . DC C 3 3  ? -12.77547 14.00441  -9.93670  1.000 370.60234 ? 211 DC G "O5'" 1 
ATOM 578 C "C5'" . DC C 3 3  ? -12.04985 14.09593  -8.70744  1.000 379.49187 ? 211 DC G "C5'" 1 
ATOM 579 C "C4'" . DC C 3 3  ? -11.12678 15.30748  -8.68283  1.000 369.67857 ? 211 DC G "C4'" 1 
ATOM 580 O "O4'" . DC C 3 3  ? -9.83834  14.95740  -9.24742  1.000 359.85963 ? 211 DC G "O4'" 1 
ATOM 581 C "C3'" . DC C 3 3  ? -11.60864 16.52230  -9.47071  1.000 358.15206 ? 211 DC G "C3'" 1 
ATOM 582 O "O3'" . DC C 3 3  ? -11.21954 17.70445  -8.80253  1.000 357.14236 ? 211 DC G "O3'" 1 
ATOM 583 C "C2'" . DC C 3 3  ? -10.86343 16.37627  -10.78328 1.000 343.54533 ? 211 DC G "C2'" 1 
ATOM 584 C "C1'" . DC C 3 3  ? -9.52906  15.85274  -10.29115 1.000 344.96969 ? 211 DC G "C1'" 1 
ATOM 585 N N1    . DC C 3 3  ? -8.79540  15.11361  -11.31779 1.000 334.33121 ? 211 DC G N1    1 
ATOM 586 C C2    . DC C 3 3  ? -7.42614  15.32969  -11.47849 1.000 326.38506 ? 211 DC G C2    1 
ATOM 587 O O2    . DC C 3 3  ? -6.85682  16.14529  -10.74144 1.000 326.00801 ? 211 DC G O2    1 
ATOM 588 N N3    . DC C 3 3  ? -6.76350  14.63448  -12.43681 1.000 322.35066 ? 211 DC G N3    1 
ATOM 589 C C4    . DC C 3 3  ? -7.42382  13.76531  -13.20511 1.000 325.16817 ? 211 DC G C4    1 
ATOM 590 N N4    . DC C 3 3  ? -6.73534  13.10053  -14.13870 1.000 323.97555 ? 211 DC G N4    1 
ATOM 591 C C5    . DC C 3 3  ? -8.82401  13.53951  -13.05284 1.000 330.46934 ? 211 DC G C5    1 
ATOM 592 C C6    . DC C 3 3  ? -9.46085  14.22709  -12.10492 1.000 334.65089 ? 211 DC G C6    1 
ATOM 593 P P     . DT C 3 4  ? -11.97560 19.08401  -9.11105  1.000 420.11421 ? 212 DT G P     1 
ATOM 594 O OP1   . DT C 3 4  ? -11.98386 19.88654  -7.86953  1.000 427.59129 ? 212 DT G OP1   1 
ATOM 595 O OP2   . DT C 3 4  ? -13.24257 18.74678  -9.79290  1.000 425.74606 ? 212 DT G OP2   1 
ATOM 596 O "O5'" . DT C 3 4  ? -11.04370 19.80159  -10.18407 1.000 401.88015 ? 212 DT G "O5'" 1 
ATOM 597 C "C5'" . DT C 3 4  ? -11.04014 21.21161  -10.27418 1.000 395.96099 ? 212 DT G "C5'" 1 
ATOM 598 C "C4'" . DT C 3 4  ? -9.75452  21.77202  -9.70820  1.000 389.08282 ? 212 DT G "C4'" 1 
ATOM 599 O "O4'" . DT C 3 4  ? -8.68232  20.82715  -9.95898  1.000 384.36503 ? 212 DT G "O4'" 1 
ATOM 600 C "C3'" . DT C 3 4  ? -9.29027  23.04799  -10.37707 1.000 372.65487 ? 212 DT G "C3'" 1 
ATOM 601 O "O3'" . DT C 3 4  ? -8.32699  23.69905  -9.56416  1.000 371.48225 ? 212 DT G "O3'" 1 
ATOM 602 C "C2'" . DT C 3 4  ? -8.64791  22.47796  -11.61988 1.000 357.73320 ? 212 DT G "C2'" 1 
ATOM 603 C "C1'" . DT C 3 4  ? -7.87387  21.31814  -11.01401 1.000 364.93214 ? 212 DT G "C1'" 1 
ATOM 604 N N1    . DT C 3 4  ? -7.61041  20.20916  -11.96716 1.000 350.66866 ? 212 DT G N1    1 
ATOM 605 C C2    . DT C 3 4  ? -6.31159  19.93551  -12.33611 1.000 339.50972 ? 212 DT G C2    1 
ATOM 606 O O2    . DT C 3 4  ? -5.35140  20.56281  -11.92277 1.000 333.99244 ? 212 DT G O2    1 
ATOM 607 N N3    . DT C 3 4  ? -6.17459  18.89260  -13.21340 1.000 335.22583 ? 212 DT G N3    1 
ATOM 608 C C4    . DT C 3 4  ? -7.18398  18.11153  -13.74791 1.000 340.90413 ? 212 DT G C4    1 
ATOM 609 O O4    . DT C 3 4  ? -6.95952  17.19396  -14.53253 1.000 337.49955 ? 212 DT G O4    1 
ATOM 610 C C5    . DT C 3 4  ? -8.52169  18.45139  -13.32035 1.000 351.19137 ? 212 DT G C5    1 
ATOM 611 C C7    . DT C 3 4  ? -9.69563  17.67359  -13.83555 1.000 356.69092 ? 212 DT G C7    1 
ATOM 612 C C6    . DT C 3 4  ? -8.66889  19.47120  -12.45859 1.000 355.37152 ? 212 DT G C6    1 
ATOM 613 P P     . DC C 3 5  ? -7.91827  25.22450  -9.85953  1.000 515.16722 ? 213 DC G P     1 
ATOM 614 O OP1   . DC C 3 5  ? -6.81736  25.58948  -8.93816  1.000 518.09851 ? 213 DC G OP1   1 
ATOM 615 O OP2   . DC C 3 5  ? -9.16489  26.02056  -9.87569  1.000 523.68775 ? 213 DC G OP2   1 
ATOM 616 O "O5'" . DC C 3 5  ? -7.35988  25.18852  -11.35222 1.000 494.14427 ? 213 DC G "O5'" 1 
ATOM 617 C "C5'" . DC C 3 5  ? -6.73765  26.31904  -11.88866 1.000 482.21133 ? 213 DC G "C5'" 1 
ATOM 618 C "C4'" . DC C 3 5  ? -5.26702  26.05414  -12.10332 1.000 471.49326 ? 213 DC G "C4'" 1 
ATOM 619 O "O4'" . DC C 3 5  ? -5.08170  24.67822  -12.51830 1.000 471.84913 ? 213 DC G "O4'" 1 
ATOM 620 C "C3'" . DC C 3 5  ? -4.64740  26.87256  -13.20658 1.000 449.65779 ? 213 DC G "C3'" 1 
ATOM 621 O "O3'" . DC C 3 5  ? -3.26533  26.92673  -13.02612 1.000 444.19501 ? 213 DC G "O3'" 1 
ATOM 622 C "C2'" . DC C 3 5  ? -5.00930  26.05009  -14.43224 1.000 440.25411 ? 213 DC G "C2'" 1 
ATOM 623 C "C1'" . DC C 3 5  ? -4.81721  24.62883  -13.90876 1.000 453.24700 ? 213 DC G "C1'" 1 
ATOM 624 N N1    . DC C 3 5  ? -5.75128  23.64577  -14.52192 1.000 304.47353 ? 213 DC G N1    1 
ATOM 625 C C2    . DC C 3 5  ? -5.25940  22.61371  -15.34389 1.000 298.43181 ? 213 DC G C2    1 
ATOM 626 O O2    . DC C 3 5  ? -4.04365  22.53038  -15.55544 1.000 297.41329 ? 213 DC G O2    1 
ATOM 627 N N3    . DC C 3 5  ? -6.14135  21.72958  -15.89053 1.000 296.86792 ? 213 DC G N3    1 
ATOM 628 C C4    . DC C 3 5  ? -7.44623  21.84828  -15.64123 1.000 300.06110 ? 213 DC G C4    1 
ATOM 629 N N4    . DC C 3 5  ? -8.28174  20.95688  -16.19994 1.000 302.66228 ? 213 DC G N4    1 
ATOM 630 C C5    . DC C 3 5  ? -7.95943  22.89227  -14.81291 1.000 301.79613 ? 213 DC G C5    1 
ATOM 631 C C6    . DC C 3 5  ? -7.08568  23.75556  -14.27867 1.000 305.98277 ? 213 DC G C6    1 
ATOM 632 P P     . DC C 3 6  ? -2.41703  28.06947  -13.75707 1.000 400.83175 ? 214 DC G P     1 
ATOM 633 O OP1   . DC C 3 6  ? -1.77784  28.85809  -12.67897 1.000 416.83638 ? 214 DC G OP1   1 
ATOM 634 O OP2   . DC C 3 6  ? -3.30566  28.74904  -14.72867 1.000 389.24814 ? 214 DC G OP2   1 
ATOM 635 O "O5'" . DC C 3 6  ? -1.31267  27.23948  -14.56450 1.000 387.01664 ? 214 DC G "O5'" 1 
ATOM 636 C "C5'" . DC C 3 6  ? -1.61088  25.91680  -15.00824 1.000 380.71824 ? 214 DC G "C5'" 1 
ATOM 637 C "C4'" . DC C 3 6  ? -1.57856  25.83751  -16.52156 1.000 362.94187 ? 214 DC G "C4'" 1 
ATOM 638 O "O4'" . DC C 3 6  ? -2.30787  24.67530  -16.96916 1.000 367.14667 ? 214 DC G "O4'" 1 
ATOM 639 C "C3'" . DC C 3 6  ? -2.26266  26.98103  -17.23796 1.000 355.00673 ? 214 DC G "C3'" 1 
ATOM 640 O "O3'" . DC C 3 6  ? -1.39970  28.11039  -17.30323 1.000 345.20079 ? 214 DC G "O3'" 1 
ATOM 641 C "C2'" . DC C 3 6  ? -2.50701  26.37810  -18.62153 1.000 347.92924 ? 214 DC G "C2'" 1 
ATOM 642 C "C1'" . DC C 3 6  ? -2.71611  24.88608  -18.31304 1.000 355.92853 ? 214 DC G "C1'" 1 
ATOM 643 N N1    . DC C 3 6  ? -4.13810  24.43912  -18.47303 1.000 359.64552 ? 214 DC G N1    1 
ATOM 644 C C2    . DC C 3 6  ? -4.44377  23.36261  -19.32259 1.000 359.39859 ? 214 DC G C2    1 
ATOM 645 O O2    . DC C 3 6  ? -3.52302  22.79378  -19.91954 1.000 350.39141 ? 214 DC G O2    1 
ATOM 646 N N3    . DC C 3 6  ? -5.74339  22.97917  -19.46059 1.000 369.55176 ? 214 DC G N3    1 
ATOM 647 C C4    . DC C 3 6  ? -6.70318  23.62498  -18.79456 1.000 379.46059 ? 214 DC G C4    1 
ATOM 648 N N4    . DC C 3 6  ? -7.97327  23.21711  -18.95737 1.000 388.73382 ? 214 DC G N4    1 
ATOM 649 C C5    . DC C 3 6  ? -6.40641  24.72397  -17.92938 1.000 380.28535 ? 214 DC G C5    1 
ATOM 650 C C6    . DC C 3 6  ? -5.12670  25.09373  -17.80486 1.000 370.07500 ? 214 DC G C6    1 
ATOM 651 O "O5'" . DA D 4 1  ? 20.67330  -18.02358 10.91643  1.000 574.13858 ? 104 DA H "O5'" 1 
ATOM 652 C "C5'" . DA D 4 1  ? 20.34517  -17.55558 12.22181  1.000 557.66894 ? 104 DA H "C5'" 1 
ATOM 653 C "C4'" . DA D 4 1  ? 19.57114  -18.60575 13.00098  1.000 566.40841 ? 104 DA H "C4'" 1 
ATOM 654 O "O4'" . DA D 4 1  ? 19.23128  -18.07716 14.29478  1.000 544.65454 ? 104 DA H "O4'" 1 
ATOM 655 C "C3'" . DA D 4 1  ? 18.24256  -19.02411 12.37312  1.000 567.64730 ? 104 DA H "C3'" 1 
ATOM 656 O "O3'" . DA D 4 1  ? 18.36060  -20.29051 11.75722  1.000 597.94640 ? 104 DA H "O3'" 1 
ATOM 657 C "C2'" . DA D 4 1  ? 17.25069  -19.07379 13.54087  1.000 555.84791 ? 104 DA H "C2'" 1 
ATOM 658 C "C1'" . DA D 4 1  ? 18.09327  -18.74869 14.76264  1.000 543.52094 ? 104 DA H "C1'" 1 
ATOM 659 N N9    . DA D 4 1  ? 17.39943  -17.89395 15.71803  1.000 344.44835 ? 104 DA H N9    1 
ATOM 660 C C8    . DA D 4 1  ? 17.67956  -16.59122 16.01168  1.000 328.34275 ? 104 DA H C8    1 
ATOM 661 N N7    . DA D 4 1  ? 16.88147  -16.06934 16.91235  1.000 319.96917 ? 104 DA H N7    1 
ATOM 662 C C5    . DA D 4 1  ? 16.01258  -17.09872 17.22761  1.000 327.12221 ? 104 DA H C5    1 
ATOM 663 C C6    . DA D 4 1  ? 14.92672  -17.18255 18.12232  1.000 324.89279 ? 104 DA H C6    1 
ATOM 664 N N6    . DA D 4 1  ? 14.52578  -16.16561 18.88906  1.000 314.64923 ? 104 DA H N6    1 
ATOM 665 N N1    . DA D 4 1  ? 14.26702  -18.35316 18.19960  1.000 334.06493 ? 104 DA H N1    1 
ATOM 666 C C2    . DA D 4 1  ? 14.67197  -19.37227 17.42983  1.000 349.43562 ? 104 DA H C2    1 
ATOM 667 N N3    . DA D 4 1  ? 15.67595  -19.41281 16.54897  1.000 355.41272 ? 104 DA H N3    1 
ATOM 668 C C4    . DA D 4 1  ? 16.31426  -18.23221 16.49752  1.000 343.11419 ? 104 DA H C4    1 
ATOM 669 P P     . DG D 4 2  ? 17.27023  -20.73474 10.66753  1.000 483.31986 ? 105 DG H P     1 
ATOM 670 O OP1   . DG D 4 2  ? 17.85381  -21.83809 9.87807   1.000 513.75566 ? 105 DG H OP1   1 
ATOM 671 O OP2   . DG D 4 2  ? 16.83912  -19.50355 9.97030   1.000 458.42245 ? 105 DG H OP2   1 
ATOM 672 O "O5'" . DG D 4 2  ? 16.03595  -21.28280 11.53674  1.000 484.07278 ? 105 DG H "O5'" 1 
ATOM 673 C "C5'" . DG D 4 2  ? 15.76699  -22.69294 11.59436  1.000 498.89579 ? 105 DG H "C5'" 1 
ATOM 674 C "C4'" . DG D 4 2  ? 14.50458  -22.97901 12.39315  1.000 487.44224 ? 105 DG H "C4'" 1 
ATOM 675 O "O4'" . DG D 4 2  ? 14.37727  -21.99420 13.45424  1.000 459.13902 ? 105 DG H "O4'" 1 
ATOM 676 C "C3'" . DG D 4 2  ? 13.19319  -22.90952 11.59645  1.000 483.42923 ? 105 DG H "C3'" 1 
ATOM 677 O "O3'" . DG D 4 2  ? 12.27295  -23.92096 12.05708  1.000 490.17728 ? 105 DG H "O3'" 1 
ATOM 678 C "C2'" . DG D 4 2  ? 12.68881  -21.50879 11.91944  1.000 451.69654 ? 105 DG H "C2'" 1 
ATOM 679 C "C1'" . DG D 4 2  ? 13.10648  -21.39274 13.37409  1.000 438.98796 ? 105 DG H "C1'" 1 
ATOM 680 N N9    . DG D 4 2  ? 13.20338  -20.02171 13.85762  1.000 410.85017 ? 105 DG H N9    1 
ATOM 681 C C8    . DG D 4 2  ? 14.10325  -19.06011 13.47462  1.000 404.52020 ? 105 DG H C8    1 
ATOM 682 N N7    . DG D 4 2  ? 13.94464  -17.92372 14.09548  1.000 377.31548 ? 105 DG H N7    1 
ATOM 683 C C5    . DG D 4 2  ? 12.86355  -18.15013 14.93653  1.000 365.24472 ? 105 DG H C5    1 
ATOM 684 C C6    . DG D 4 2  ? 12.22306  -17.28897 15.85891  1.000 337.47508 ? 105 DG H C6    1 
ATOM 685 O O6    . DG D 4 2  ? 12.49003  -16.10877 16.11803  1.000 317.81627 ? 105 DG H O6    1 
ATOM 686 N N1    . DG D 4 2  ? 11.16336  -17.92616 16.50964  1.000 335.53694 ? 105 DG H N1    1 
ATOM 687 C C2    . DG D 4 2  ? 10.78642  -19.23233 16.29648  1.000 356.99764 ? 105 DG H C2    1 
ATOM 688 N N2    . DG D 4 2  ? 9.74243   -19.68473 17.00520  1.000 351.77578 ? 105 DG H N2    1 
ATOM 689 N N3    . DG D 4 2  ? 11.37798  -20.04031 15.43608  1.000 382.66900 ? 105 DG H N3    1 
ATOM 690 C C4    . DG D 4 2  ? 12.40455  -19.43887 14.80096  1.000 385.56906 ? 105 DG H C4    1 
ATOM 691 P P     . DA D 4 3  ? 10.92954  -24.25277 11.22787  1.000 486.37472 ? 106 DA H P     1 
ATOM 692 O OP1   . DA D 4 3  ? 10.71029  -25.71659 11.27251  1.000 512.87860 ? 106 DA H OP1   1 
ATOM 693 O OP2   . DA D 4 3  ? 11.02477  -23.58209 9.91165   1.000 483.16010 ? 106 DA H OP2   1 
ATOM 694 O "O5'" . DA D 4 3  ? 9.76337   -23.54557 12.07148  1.000 457.15977 ? 106 DA H "O5'" 1 
ATOM 695 C "C5'" . DA D 4 3  ? 9.44009   -24.02629 13.37926  1.000 453.82511 ? 106 DA H "C5'" 1 
ATOM 696 C "C4'" . DA D 4 3  ? 8.21202   -23.32330 13.94613  1.000 425.91284 ? 106 DA H "C4'" 1 
ATOM 697 O "O4'" . DA D 4 3  ? 8.57785   -22.01448 14.45659  1.000 401.95079 ? 106 DA H "O4'" 1 
ATOM 698 C "C3'" . DA D 4 3  ? 7.06960   -23.08391 12.96238  1.000 418.12803 ? 106 DA H "C3'" 1 
ATOM 699 O "O3'" . DA D 4 3  ? 5.83371   -23.27447 13.63427  1.000 406.87104 ? 106 DA H "O3'" 1 
ATOM 700 C "C2'" . DA D 4 3  ? 7.27211   -21.62475 12.55873  1.000 395.85727 ? 106 DA H "C2'" 1 
ATOM 701 C "C1'" . DA D 4 3  ? 7.76860   -21.02223 13.86097  1.000 380.42373 ? 106 DA H "C1'" 1 
ATOM 702 N N9    . DA D 4 3  ? 8.58909   -19.83186 13.68513  1.000 366.26651 ? 106 DA H N9    1 
ATOM 703 C C8    . DA D 4 3  ? 9.68426   -19.70346 12.88129  1.000 378.79914 ? 106 DA H C8    1 
ATOM 704 N N7    . DA D 4 3  ? 10.24073  -18.51828 12.93011  1.000 360.99509 ? 106 DA H N7    1 
ATOM 705 C C5    . DA D 4 3  ? 9.46000   -17.82262 13.83438  1.000 335.08969 ? 106 DA H C5    1 
ATOM 706 C C6    . DA D 4 3  ? 9.52760   -16.50770 14.32795  1.000 318.77773 ? 106 DA H C6    1 
ATOM 707 N N6    . DA D 4 3  ? 10.46324  -15.63126 13.95541  1.000 313.06967 ? 106 DA H N6    1 
ATOM 708 N N1    . DA D 4 3  ? 8.59505   -16.12822 15.22517  1.000 313.37475 ? 106 DA H N1    1 
ATOM 709 C C2    . DA D 4 3  ? 7.66217   -17.01193 15.59706  1.000 319.30393 ? 106 DA H C2    1 
ATOM 710 N N3    . DA D 4 3  ? 7.49705   -18.27305 15.20223  1.000 330.22742 ? 106 DA H N3    1 
ATOM 711 C C4    . DA D 4 3  ? 8.43813   -18.61910 14.31248  1.000 338.38724 ? 106 DA H C4    1 
ATOM 712 P P     . DT D 4 4  ? 4.43510   -23.06791 12.87365  1.000 425.43483 ? 107 DT H P     1 
ATOM 713 O OP1   . DT D 4 4  ? 3.55232   -24.17938 13.28841  1.000 435.00194 ? 107 DT H OP1   1 
ATOM 714 O OP2   . DT D 4 4  ? 4.67096   -22.83422 11.43085  1.000 433.56685 ? 107 DT H OP2   1 
ATOM 715 O "O5'" . DT D 4 4  ? 3.87302   -21.72041 13.51169  1.000 392.72076 ? 107 DT H "O5'" 1 
ATOM 716 C "C5'" . DT D 4 4  ? 2.51793   -21.38330 13.33941  1.000 377.03544 ? 107 DT H "C5'" 1 
ATOM 717 C "C4'" . DT D 4 4  ? 2.08958   -20.34454 14.35186  1.000 349.57918 ? 107 DT H "C4'" 1 
ATOM 718 O "O4'" . DT D 4 4  ? 3.21423   -19.47357 14.66000  1.000 341.19924 ? 107 DT H "O4'" 1 
ATOM 719 C "C3'" . DT D 4 4  ? 0.97359   -19.43130 13.86695  1.000 334.38661 ? 107 DT H "C3'" 1 
ATOM 720 O "O3'" . DT D 4 4  ? 0.12006   -19.08114 14.93829  1.000 327.21481 ? 107 DT H "O3'" 1 
ATOM 721 C "C2'" . DT D 4 4  ? 1.73695   -18.22644 13.34117  1.000 324.34871 ? 107 DT H "C2'" 1 
ATOM 722 C "C1'" . DT D 4 4  ? 2.88333   -18.13881 14.33444  1.000 324.96365 ? 107 DT H "C1'" 1 
ATOM 723 N N1    . DT D 4 4  ? 4.08262   -17.47720 13.76869  1.000 322.57200 ? 107 DT H N1    1 
ATOM 724 C C2    . DT D 4 4  ? 4.37682   -16.18153 14.13370  1.000 307.95971 ? 107 DT H C2    1 
ATOM 725 O O2    . DT D 4 4  ? 3.70227   -15.54305 14.91919  1.000 300.68134 ? 107 DT H O2    1 
ATOM 726 N N3    . DT D 4 4  ? 5.50583   -15.66359 13.54029  1.000 307.00886 ? 107 DT H N3    1 
ATOM 727 C C4    . DT D 4 4  ? 6.33740   -16.29938 12.64237  1.000 323.31202 ? 107 DT H C4    1 
ATOM 728 O O4    . DT D 4 4  ? 7.32716   -15.75682 12.16213  1.000 324.83359 ? 107 DT H O4    1 
ATOM 729 C C5    . DT D 4 4  ? 5.96193   -17.64952 12.30133  1.000 346.60015 ? 107 DT H C5    1 
ATOM 730 C C7    . DT D 4 4  ? 6.79191   -18.43393 11.33576  1.000 374.22184 ? 107 DT H C7    1 
ATOM 731 C C6    . DT D 4 4  ? 4.86808   -18.16705 12.87546  1.000 343.49149 ? 107 DT H C6    1 
ATOM 732 P P     . DG D 4 5  ? -1.30328  -18.40677 14.62740  1.000 345.29018 ? 108 DG H P     1 
ATOM 733 O OP1   . DG D 4 5  ? -2.27870  -18.93617 15.60794  1.000 348.31389 ? 108 DG H OP1   1 
ATOM 734 O OP2   . DG D 4 5  ? -1.55302  -18.59793 13.17912  1.000 351.86940 ? 108 DG H OP2   1 
ATOM 735 O "O5'" . DG D 4 5  ? -1.06045  -16.84121 14.90678  1.000 333.01754 ? 108 DG H "O5'" 1 
ATOM 736 C "C5'" . DG D 4 5  ? -1.02388  -16.35054 16.24973  1.000 328.02415 ? 108 DG H "C5'" 1 
ATOM 737 C "C4'" . DG D 4 5  ? -0.64792  -14.87152 16.30983  1.000 317.14553 ? 108 DG H "C4'" 1 
ATOM 738 O "O4'" . DG D 4 5  ? 0.59210   -14.63531 15.59669  1.000 315.75140 ? 108 DG H "O4'" 1 
ATOM 739 C "C3'" . DG D 4 5  ? -1.66704  -13.89945 15.71950  1.000 311.30516 ? 108 DG H "C3'" 1 
ATOM 740 O "O3'" . DG D 4 5  ? -1.75998  -12.75348 16.56873  1.000 302.92680 ? 108 DG H "O3'" 1 
ATOM 741 C "C2'" . DG D 4 5  ? -1.06292  -13.55933 14.34838  1.000 310.07335 ? 108 DG H "C2'" 1 
ATOM 742 C "C1'" . DG D 4 5  ? 0.42177   -13.58026 14.67238  1.000 309.13848 ? 108 DG H "C1'" 1 
ATOM 743 N N9    . DG D 4 5  ? 1.31742   -13.84768 13.54328  1.000 312.20421 ? 108 DG H N9    1 
ATOM 744 C C8    . DG D 4 5  ? 1.40902   -15.01114 12.81958  1.000 321.81586 ? 108 DG H C8    1 
ATOM 745 N N7    . DG D 4 5  ? 2.33786   -14.98526 11.90240  1.000 323.11368 ? 108 DG H N7    1 
ATOM 746 C C5    . DG D 4 5  ? 2.91607   -13.72944 12.03674  1.000 313.45358 ? 108 DG H C5    1 
ATOM 747 C C6    . DG D 4 5  ? 3.98023   -13.12886 11.31260  1.000 310.65377 ? 108 DG H C6    1 
ATOM 748 O O6    . DG D 4 5  ? 4.63684   -13.60454 10.37668  1.000 323.55083 ? 108 DG H O6    1 
ATOM 749 N N1    . DG D 4 5  ? 4.25421   -11.83909 11.76740  1.000 299.98752 ? 108 DG H N1    1 
ATOM 750 C C2    . DG D 4 5  ? 3.58071   -11.21219 12.78880  1.000 293.98072 ? 108 DG H C2    1 
ATOM 751 N N2    . DG D 4 5  ? 3.98486   -9.97055  13.09482  1.000 284.82214 ? 108 DG H N2    1 
ATOM 752 N N3    . DG D 4 5  ? 2.58847   -11.76485 13.48030  1.000 297.13018 ? 108 DG H N3    1 
ATOM 753 C C4    . DG D 4 5  ? 2.30961   -13.01932 13.05117  1.000 306.71693 ? 108 DG H C4    1 
ATOM 754 P P     . DT D 4 6  ? -3.02608  -11.76297 16.50167  1.000 296.82224 ? 109 DT H P     1 
ATOM 755 O OP1   . DT D 4 6  ? -3.36406  -11.36334 17.89034  1.000 293.71769 ? 109 DT H OP1   1 
ATOM 756 O OP2   . DT D 4 6  ? -4.07915  -12.39077 15.67814  1.000 302.62398 ? 109 DT H OP2   1 
ATOM 757 O "O5'" . DT D 4 6  ? -2.46486  -10.51556 15.67036  1.000 289.24411 ? 109 DT H "O5'" 1 
ATOM 758 C "C5'" . DT D 4 6  ? -1.11011  -10.10538 15.84377  1.000 285.30844 ? 109 DT H "C5'" 1 
ATOM 759 C "C4'" . DT D 4 6  ? -0.72267  -9.03763  14.83461  1.000 279.34007 ? 109 DT H "C4'" 1 
ATOM 760 O "O4'" . DT D 4 6  ? 0.28000   -9.55513  13.91852  1.000 282.86761 ? 109 DT H "O4'" 1 
ATOM 761 C "C3'" . DT D 4 6  ? -1.87134  -8.51922  13.96456  1.000 278.47745 ? 109 DT H "C3'" 1 
ATOM 762 O "O3'" . DT D 4 6  ? -1.92542  -7.09915  14.01954  1.000 270.21996 ? 109 DT H "O3'" 1 
ATOM 763 C "C2'" . DT D 4 6  ? -1.50548  -9.00992  12.56458  1.000 283.11025 ? 109 DT H "C2'" 1 
ATOM 764 C "C1'" . DT D 4 6  ? 0.00873   -9.04647  12.64068  1.000 281.70749 ? 109 DT H "C1'" 1 
ATOM 765 N N1    . DT D 4 6  ? 0.64434   -9.93411  11.60993  1.000 288.97231 ? 109 DT H N1    1 
ATOM 766 C C2    . DT D 4 6  ? 1.74288   -9.47922  10.89681  1.000 289.12852 ? 109 DT H C2    1 
ATOM 767 O O2    . DT D 4 6  ? 2.24361   -8.38382  11.06864  1.000 279.01311 ? 109 DT H O2    1 
ATOM 768 N N3    . DT D 4 6  ? 2.24360   -10.37477 9.97628   1.000 302.80711 ? 109 DT H N3    1 
ATOM 769 C C4    . DT D 4 6  ? 1.75961   -11.63945 9.69718   1.000 316.58166 ? 109 DT H C4    1 
ATOM 770 O O4    . DT D 4 6  ? 2.27662   -12.37164 8.85265   1.000 330.19854 ? 109 DT H O4    1 
ATOM 771 C C5    . DT D 4 6  ? 0.60582   -12.04771 10.47572  1.000 315.27873 ? 109 DT H C5    1 
ATOM 772 C C7    . DT D 4 6  ? -0.00852  -13.40093 10.26075  1.000 330.41582 ? 109 DT H C7    1 
ATOM 773 C C6    . DT D 4 6  ? 0.11086   -11.18255 11.37949  1.000 301.39795 ? 109 DT H C6    1 
# 
loop_
_atom_site_anisotrop.id 
_atom_site_anisotrop.type_symbol 
_atom_site_anisotrop.pdbx_label_atom_id 
_atom_site_anisotrop.pdbx_label_alt_id 
_atom_site_anisotrop.pdbx_label_comp_id 
_atom_site_anisotrop.pdbx_label_asym_id 
_atom_site_anisotrop.pdbx_label_seq_id 
_atom_site_anisotrop.pdbx_PDB_ins_code 
_atom_site_anisotrop.U[1][1] 
_atom_site_anisotrop.U[2][2] 
_atom_site_anisotrop.U[3][3] 
_atom_site_anisotrop.U[1][2] 
_atom_site_anisotrop.U[1][3] 
_atom_site_anisotrop.U[2][3] 
_atom_site_anisotrop.pdbx_auth_seq_id 
_atom_site_anisotrop.pdbx_auth_comp_id 
_atom_site_anisotrop.pdbx_auth_asym_id 
_atom_site_anisotrop.pdbx_auth_atom_id 
1   O "O5'" . DG A 1  ? 5.15670 5.32717 4.24528 -0.03526 0.15631  2.42407 105 DG E "O5'" 
2   C "C5'" . DG A 1  ? 5.12405 5.14838 4.28909 -0.06862 0.05397  2.44912 105 DG E "C5'" 
3   C "C4'" . DG A 1  ? 5.23251 5.27304 4.54313 -0.15703 0.04096  2.54449 105 DG E "C4'" 
4   O "O4'" . DG A 1  ? 5.34135 5.22361 4.73636 -0.18904 -0.07017 2.55320 105 DG E "O4'" 
5   C "C3'" . DG A 1  ? 5.04046 5.18841 4.47725 -0.17583 0.06954  2.50170 105 DG E "C3'" 
6   O "O3'" . DG A 1  ? 5.19011 5.45625 4.67598 -0.23620 0.13781  2.60906 105 DG E "O3'" 
7   C "C2'" . DG A 1  ? 4.98452 5.01606 4.56099 -0.20434 -0.03564 2.45802 105 DG E "C2'" 
8   C "C1'" . DG A 1  ? 5.27125 5.16428 4.83425 -0.23754 -0.10350 2.54179 105 DG E "C1'" 
9   N N9    . DG A 1  ? 5.11336 4.85296 4.75076 -0.23119 -0.21909 2.47279 105 DG E N9    
10  C C8    . DG A 1  ? 5.05008 4.68693 4.61614 -0.16735 -0.27443 2.37952 105 DG E C8    
11  N N7    . DG A 1  ? 5.06646 4.58338 4.73426 -0.17594 -0.37645 2.32670 105 DG E N7    
12  C C5    . DG A 1  ? 5.11145 4.64654 4.92493 -0.25063 -0.39218 2.39106 105 DG E C5    
13  C C6    . DG A 1  ? 5.18875 4.62748 5.15775 -0.29107 -0.48967 2.37237 105 DG E C6    
14  O O6    . DG A 1  ? 5.14435 4.46240 5.15385 -0.26571 -0.58277 2.28887 105 DG E O6    
15  N N1    . DG A 1  ? 5.42702 4.92576 5.51471 -0.36757 -0.47213 2.45880 105 DG E N1    
16  C C2    . DG A 1  ? 5.55312 5.19457 5.61541 -0.40014 -0.37045 2.54860 105 DG E C2    
17  N N2    . DG A 1  ? 5.76769 5.45550 5.96425 -0.47582 -0.36783 2.62185 105 DG E N2    
18  N N3    . DG A 1  ? 5.45146 5.18788 5.37024 -0.36073 -0.27776 2.56264 105 DG E N3    
19  C C4    . DG A 1  ? 5.23734 4.91047 5.03599 -0.28675 -0.29555 2.48233 105 DG E C4    
20  P P     . DG A 2  ? 5.97065 6.40863 5.52956 -0.23779 0.21420  2.57877 106 DG E P     
21  O OP1   . DG A 2  ? 6.00657 6.57202 5.46169 -0.21609 0.31713  2.59749 106 DG E OP1   
22  O OP2   . DG A 2  ? 5.75595 6.17262 5.34880 -0.18910 0.17651  2.44223 106 DG E OP2   
23  O "O5'" . DG A 2  ? 6.13486 6.59557 5.86428 -0.33220 0.19645  2.66906 106 DG E "O5'" 
24  C "C5'" . DG A 2  ? 6.27725 6.59356 6.10268 -0.37738 0.09392  2.68770 106 DG E "C5'" 
25  C "C4'" . DG A 2  ? 6.30308 6.63600 6.29533 -0.40442 0.05525  2.63435 106 DG E "C4'" 
26  O "O4'" . DG A 2  ? 6.33474 6.50666 6.37947 -0.39857 -0.05715 2.56930 106 DG E "O4'" 
27  C "C3'" . DG A 2  ? 6.13851 6.58214 6.12751 -0.35103 0.10337  2.52874 106 DG E "C3'" 
28  O "O3'" . DG A 2  ? 6.18610 6.71836 6.32800 -0.39963 0.11385  2.54135 106 DG E "O3'" 
29  C "C2'" . DG A 2  ? 6.01438 6.33783 5.97770 -0.29729 0.02500  2.40309 106 DG E "C2'" 
30  C "C1'" . DG A 2  ? 6.16935 6.35760 6.24303 -0.35289 -0.07372 2.43812 106 DG E "C1'" 
31  N N9    . DG A 2  ? 4.51407 4.55593 4.55576 -0.31121 -0.16101 2.34647 106 DG E N9    
32  C C8    . DG A 2  ? 4.48112 4.48160 4.37964 -0.23932 -0.15748 2.27797 106 DG E C8    
33  N N7    . DG A 2  ? 4.48650 4.35986 4.39807 -0.21591 -0.24505 2.19750 106 DG E N7    
34  C C5    . DG A 2  ? 4.52633 4.34979 4.59863 -0.27445 -0.31304 2.21157 106 DG E C5    
35  C C6    . DG A 2  ? 4.55200 4.24675 4.71234 -0.27871 -0.42031 2.14256 106 DG E C6    
36  O O6    . DG A 2  ? 4.54267 4.14518 4.65657 -0.23014 -0.47539 2.05145 106 DG E O6    
37  N N1    . DG A 2  ? 4.59433 4.27680 4.91695 -0.34745 -0.46389 2.18464 106 DG E N1    
38  C C2    . DG A 2  ? 4.60788 4.39356 5.00078 -0.40636 -0.40880 2.28247 106 DG E C2    
39  N N2    . DG A 2  ? 4.65109 4.40668 5.20548 -0.46984 -0.46548 2.30994 106 DG E N2    
40  N N3    . DG A 2  ? 4.58292 4.49662 4.89803 -0.40310 -0.30570 2.34572 106 DG E N3    
41  C C4    . DG A 2  ? 4.54334 4.46693 4.69765 -0.33474 -0.26358 2.30468 106 DG E C4    
42  P P     . DA A 3  ? 4.85906 5.56916 5.00988 -0.37240 0.20188  2.50291 107 DA E P     
43  O OP1   . DA A 3  ? 5.00214 5.83839 5.11575 -0.39599 0.29627  2.60508 107 DA E OP1   
44  O OP2   . DA A 3  ? 4.66132 5.35300 4.70880 -0.28900 0.19851  2.37861 107 DA E OP2   
45  O "O5'" . DA A 3  ? 4.88020 5.62268 5.22170 -0.42451 0.16466  2.48947 107 DA E "O5'" 
46  C "C5'" . DA A 3  ? 5.07207 5.84142 5.54449 -0.51045 0.16143  2.59682 107 DA E "C5'" 
47  C "C4'" . DA A 3  ? 5.15812 5.83208 5.77971 -0.55322 0.06332  2.56825 107 DA E "C4'" 
48  O "O4'" . DA A 3  ? 5.17565 5.67807 5.74193 -0.52549 -0.02319 2.51307 107 DA E "O4'" 
49  C "C3'" . DA A 3  ? 5.01821 5.75056 5.72993 -0.53691 0.05038  2.47235 107 DA E "C3'" 
50  O "O3'" . DA A 3  ? 5.14636 5.85674 6.03260 -0.60630 -0.00700 2.50029 107 DA E "O3'" 
51  C "C2'" . DA A 3  ? 4.86818 5.49130 5.48923 -0.46989 -0.00615 2.34845 107 DA E "C2'" 
52  C "C1'" . DA A 3  ? 4.99458 5.46184 5.58486 -0.48548 -0.07260 2.38418 107 DA E "C1'" 
53  N N9    . DA A 3  ? 4.75923 5.13961 5.20477 -0.41464 -0.09307 2.30346 107 DA E N9    
54  C C8    . DA A 3  ? 4.63264 5.05845 4.92144 -0.35541 -0.02685 2.29028 107 DA E C8    
55  N N7    . DA A 3  ? 4.50932 4.83772 4.69679 -0.30004 -0.06601 2.20940 107 DA E N7    
56  C C5    . DA A 3  ? 4.54947 4.76361 4.83435 -0.32345 -0.16344 2.16400 107 DA E C5    
57  C C6    . DA A 3  ? 4.42944 4.51575 4.68548 -0.28913 -0.24235 2.06960 107 DA E C6    
58  N N6    . DA A 3  ? 4.38262 4.43360 4.49672 -0.22323 -0.23390 2.00605 107 DA E N6    
59  N N1    . DA A 3  ? 4.46526 4.46551 4.84868 -0.32504 -0.33092 2.03901 107 DA E N1    
60  C C2    . DA A 3  ? 4.66259 4.69767 5.19054 -0.39217 -0.34112 2.10317 107 DA E C2    
61  N N3    . DA A 3  ? 4.80343 4.95671 5.37481 -0.43192 -0.27192 2.19596 107 DA E N3    
62  C C4    . DA A 3  ? 4.71619 4.95750 5.15951 -0.39351 -0.18291 2.22087 107 DA E C4    
63  P P     . DG A 4  ? 4.99500 5.76865 6.00473 -0.60897 -0.02797 2.42162 108 DG E P     
64  O OP1   . DG A 4  ? 5.16247 5.97128 6.34864 -0.69425 -0.04521 2.50357 108 DG E OP1   
65  O OP2   . DG A 4  ? 4.80244 5.70356 5.73736 -0.55040 0.04864  2.36891 108 DG E OP2   
66  O "O5'" . DG A 4  ? 4.96399 5.58775 5.96363 -0.57926 -0.12943 2.30703 108 DG E "O5'" 
67  C "C5'" . DG A 4  ? 5.16118 5.64266 6.22975 -0.62063 -0.22008 2.32617 108 DG E "C5'" 
68  C "C4'" . DG A 4  ? 5.10339 5.47262 6.16090 -0.58390 -0.30506 2.19714 108 DG E "C4'" 
69  O "O4'" . DG A 4  ? 4.98921 5.28692 5.88524 -0.51930 -0.30384 2.14644 108 DG E "O4'" 
70  C "C3'" . DG A 4  ? 4.94436 5.38338 6.02516 -0.55767 -0.30322 2.09415 108 DG E "C3'" 
71  O "O3'" . DG A 4  ? 5.01537 5.36212 6.18483 -0.57456 -0.39889 2.01733 108 DG E "O3'" 
72  C "C2'" . DG A 4  ? 4.73142 5.17839 5.63595 -0.47812 -0.26346 2.01814 108 DG E "C2'" 
73  C "C1'" . DG A 4  ? 4.77876 5.08860 5.61283 -0.46359 -0.30933 2.01994 108 DG E "C1'" 
74  N N9    . DG A 4  ? 4.59204 4.90143 5.25166 -0.39633 -0.26335 1.98808 108 DG E N9    
75  C C8    . DG A 4  ? 4.52287 4.93348 5.08566 -0.36966 -0.17003 2.03710 108 DG E C8    
76  N N7    . DG A 4  ? 4.39524 4.77595 4.80707 -0.30771 -0.15139 1.98855 108 DG E N7    
77  C C5    . DG A 4  ? 4.33350 4.59037 4.74442 -0.29296 -0.23554 1.90084 108 DG E C5    
78  C C6    . DG A 4  ? 4.19987 4.38154 4.48674 -0.23425 -0.25684 1.81682 108 DG E C6    
79  O O6    . DG A 4  ? 4.12097 4.32598 4.26789 -0.18283 -0.20567 1.80704 108 DG E O6    
80  N N1    . DG A 4  ? 4.13441 4.20773 4.47663 -0.23898 -0.34813 1.73596 108 DG E N1    
81  C C2    . DG A 4  ? 4.20746 4.24463 4.70335 -0.29283 -0.41307 1.73647 108 DG E C2    
82  N N2    . DG A 4  ? 4.16871 4.10314 4.69832 -0.28632 -0.49797 1.64430 108 DG E N2    
83  N N3    . DG A 4  ? 4.36722 4.46925 4.97922 -0.34888 -0.39602 1.81757 108 DG E N3    
84  C C4    . DG A 4  ? 4.43480 4.64711 4.99687 -0.34591 -0.30512 1.89713 108 DG E C4    
85  P P     . DC A 5  ? 5.36651 5.77215 6.60629 -0.57489 -0.41967 1.92863 109 DC E P     
86  O OP1   . DC A 5  ? 5.36781 5.66028 6.69518 -0.59866 -0.52341 1.86312 109 DC E OP1   
87  O OP2   . DC A 5  ? 5.39865 5.94186 6.72929 -0.61045 -0.36128 2.00217 109 DC E OP2   
88  O "O5'" . DC A 5  ? 5.10656 5.54302 6.18400 -0.49841 -0.38233 1.82888 109 DC E "O5'" 
89  C "C5'" . DC A 5  ? 4.84912 5.26028 5.91531 -0.47806 -0.43175 1.70674 109 DC E "C5'" 
90  C "C4'" . DC A 5  ? 4.69063 4.96982 5.69504 -0.45295 -0.49710 1.62649 109 DC E "C4'" 
91  O "O4'" . DC A 5  ? 4.83184 5.05968 5.76342 -0.43635 -0.47490 1.68914 109 DC E "O4'" 
92  C "C3'" . DC A 5  ? 4.31490 4.58909 5.18762 -0.39640 -0.49746 1.50323 109 DC E "C3'" 
93  O "O3'" . DC A 5  ? 4.14609 4.41379 5.07940 -0.41409 -0.55599 1.41170 109 DC E "O3'" 
94  C "C2'" . DC A 5  ? 4.24008 4.40401 5.03374 -0.36581 -0.52790 1.47251 109 DC E "C2'" 
95  C "C1'" . DC A 5  ? 4.55555 4.72528 5.34860 -0.37741 -0.48299 1.60120 109 DC E "C1'" 
96  N N1    . DC A 5  ? 4.49163 4.73420 5.14187 -0.32997 -0.39285 1.63181 109 DC E N1    
97  C C2    . DC A 5  ? 4.23336 4.43277 4.73539 -0.27007 -0.38570 1.56252 109 DC E C2    
98  O O2    . DC A 5  ? 4.14471 4.25267 4.63760 -0.25713 -0.45136 1.47457 109 DC E O2    
99  N N3    . DC A 5  ? 4.18343 4.44613 4.55985 -0.22785 -0.30723 1.59105 109 DC E N3    
100 C C4    . DC A 5  ? 4.34657 4.71478 4.74182 -0.24198 -0.23702 1.67979 109 DC E C4    
101 N N4    . DC A 5  ? 4.26015 4.68916 4.52992 -0.19705 -0.16257 1.69944 109 DC E N4    
102 C C5    . DC A 5  ? 4.55627 4.97657 5.10398 -0.30275 -0.24031 1.74893 109 DC E C5    
103 C C6    . DC A 5  ? 4.64241 4.99542 5.31249 -0.34555 -0.31934 1.72413 109 DC E C6    
104 P P     . DC A 6  ? 4.60026 4.75263 5.55779 -0.41800 -0.65050 1.30594 110 DC E P     
105 O OP1   . DC A 6  ? 4.74365 4.80666 5.80341 -0.45088 -0.70041 1.36427 110 DC E OP1   
106 O OP2   . DC A 6  ? 4.57047 4.75619 5.57903 -0.43942 -0.68679 1.23170 110 DC E OP2   
107 O "O5'" . DC A 6  ? 4.53732 4.65540 5.32353 -0.35469 -0.63603 1.21751 110 DC E "O5'" 
108 C "C5'" . DC A 6  ? 4.58237 4.59073 5.35281 -0.33848 -0.69040 1.16653 110 DC E "C5'" 
109 C "C4'" . DC A 6  ? 4.50439 4.50507 5.11080 -0.27859 -0.66518 1.08344 110 DC E "C4'" 
110 O "O4'" . DC A 6  ? 4.46786 4.51265 4.97270 -0.24558 -0.58575 1.16038 110 DC E "O4'" 
111 C "C3'" . DC A 6  ? 4.40272 4.45756 4.93482 -0.26503 -0.65890 0.97911 110 DC E "C3'" 
112 O "O3'" . DC A 6  ? 4.35884 4.36063 4.80700 -0.23191 -0.68824 0.86738 110 DC E "O3'" 
113 C "C2'" . DC A 6  ? 4.32683 4.47469 4.75853 -0.23803 -0.57139 1.03281 110 DC E "C2'" 
114 C "C1'" . DC A 6  ? 4.36039 4.47877 4.74311 -0.21067 -0.53403 1.11022 110 DC E "C1'" 
115 N N1    . DC A 6  ? 4.32972 4.53580 4.68319 -0.20370 -0.45260 1.21369 110 DC E N1    
116 C C2    . DC A 6  ? 4.26115 4.49699 4.47048 -0.15222 -0.38891 1.22176 110 DC E C2    
117 O O2    . DC A 6  ? 4.22610 4.41449 4.33243 -0.11374 -0.40049 1.14478 110 DC E O2    
118 N N3    . DC A 6  ? 4.22856 4.54983 4.41933 -0.14621 -0.31569 1.31162 110 DC E N3    
119 C C4    . DC A 6  ? 4.25610 4.63580 4.56702 -0.18976 -0.30340 1.38973 110 DC E C4    
120 N N4    . DC A 6  ? 4.21011 4.68328 4.50319 -0.18164 -0.22837 1.47028 110 DC E N4    
121 C C5    . DC A 6  ? 4.32618 4.67551 4.78513 -0.24376 -0.36776 1.38546 110 DC E C5    
122 C C6    . DC A 6  ? 4.36340 4.62412 4.83614 -0.24800 -0.44126 1.29708 110 DC E C6    
123 P P     . DT A 7  ? 5.46305 5.47932 5.87778 -0.23758 -0.72504 0.73122 111 DT E P     
124 O OP1   . DT A 7  ? 5.66023 5.61005 6.20149 -0.27157 -0.80961 0.67975 111 DT E OP1   
125 O OP2   . DT A 7  ? 5.32496 5.43394 5.70347 -0.24842 -0.68348 0.74617 111 DT E OP2   
126 O "O5'" . DT A 7  ? 5.29009 5.28490 5.55758 -0.18505 -0.70926 0.64526 111 DT E "O5'" 
127 C "C5'" . DT A 7  ? 5.23193 5.22994 5.40627 -0.14254 -0.65111 0.70609 111 DT E "C5'" 
128 C "C4'" . DT A 7  ? 4.97531 5.03611 4.99432 -0.10883 -0.59594 0.66101 111 DT E "C4'" 
129 O "O4'" . DT A 7  ? 4.91827 5.03700 4.89009 -0.09201 -0.52310 0.76537 111 DT E "O4'" 
130 C "C3'" . DT A 7  ? 4.82827 4.94181 4.82798 -0.13380 -0.60784 0.58769 111 DT E "C3'" 
131 O "O3'" . DT A 7  ? 4.62601 4.75292 4.48757 -0.10524 -0.59340 0.49421 111 DT E "O3'" 
132 C "C2'" . DT A 7  ? 4.75555 4.94543 4.76252 -0.14328 -0.55603 0.68241 111 DT E "C2'" 
133 C "C1'" . DT A 7  ? 4.73413 4.93080 4.65729 -0.09789 -0.49361 0.74967 111 DT E "C1'" 
134 N N1    . DT A 7  ? 4.72259 4.98471 4.67630 -0.10149 -0.43870 0.86417 111 DT E N1    
135 C C2    . DT A 7  ? 4.57044 4.87607 4.41458 -0.05935 -0.37063 0.90381 111 DT E C2    
136 O O2    . DT A 7  ? 4.45064 4.73904 4.17148 -0.01931 -0.35409 0.85318 111 DT E O2    
137 N N3    . DT A 7  ? 4.55685 4.93138 4.44593 -0.06609 -0.32261 1.00289 111 DT E N3    
138 C C4    . DT A 7  ? 4.65965 5.06569 4.69003 -0.11105 -0.33431 1.06593 111 DT E C4    
139 O O4    . DT A 7  ? 4.61230 5.09065 4.67722 -0.11361 -0.28511 1.14935 111 DT E O4    
140 C C5    . DT A 7  ? 4.81819 5.17117 4.95708 -0.15496 -0.40859 1.02310 111 DT E C5    
141 C C7    . DT A 7  ? 4.93727 5.31808 5.23699 -0.20726 -0.42980 1.08501 111 DT E C7    
142 C C6    . DT A 7  ? 4.84557 5.12924 4.94003 -0.14723 -0.45704 0.92407 111 DT E C6    
143 P P     . DG A 8  ? 5.18093 5.33559 5.00453 -0.13275 -0.62596 0.38050 112 DG E P     
144 O OP1   . DG A 8  ? 5.19710 5.29528 5.05515 -0.13785 -0.68517 0.27682 112 DG E OP1   
145 O OP2   . DG A 8  ? 5.24041 5.43954 5.13661 -0.17412 -0.63359 0.42541 112 DG E OP2   
146 O "O5'" . DG A 8  ? 4.91535 5.11311 4.56509 -0.09860 -0.57390 0.34394 112 DG E "O5'" 
147 C "C5'" . DG A 8  ? 4.79056 4.96367 4.35493 -0.05027 -0.54432 0.33536 112 DG E "C5'" 
148 C "C4'" . DG A 8  ? 4.56890 4.79342 4.00425 -0.01905 -0.47900 0.37168 112 DG E "C4'" 
149 O "O4'" . DG A 8  ? 4.68295 4.93438 4.16697 -0.01381 -0.43979 0.49573 112 DG E "O4'" 
150 C "C3'" . DG A 8  ? 4.37543 4.65269 3.72871 -0.03987 -0.47572 0.31858 112 DG E "C3'" 
151 O "O3'" . DG A 8  ? 4.13236 4.42964 3.33738 -0.00473 -0.43469 0.29085 112 DG E "O3'" 
152 C "C2'" . DG A 8  ? 4.49321 4.81468 3.91075 -0.05839 -0.45884 0.41237 112 DG E "C2'" 
153 C "C1'" . DG A 8  ? 4.57370 4.89014 4.01785 -0.02359 -0.41414 0.51517 112 DG E "C1'" 
154 N N9    . DG A 8  ? 4.75478 5.10129 4.31490 -0.04470 -0.40487 0.61442 112 DG E N9    
155 C C8    . DG A 8  ? 4.97596 5.30522 4.68124 -0.08708 -0.44831 0.63708 112 DG E C8    
156 N N7    . DG A 8  ? 5.06481 5.43746 4.85229 -0.09927 -0.42406 0.73281 112 DG E N7    
157 C C5    . DG A 8  ? 4.90389 5.32676 4.59400 -0.06008 -0.36050 0.77217 112 DG E C5    
158 C C6    . DG A 8  ? 4.88634 5.37796 4.60505 -0.05060 -0.30859 0.86551 112 DG E C6    
159 O O6    . DG A 8  ? 5.00915 5.53522 4.85087 -0.07856 -0.30669 0.93659 112 DG E O6    
160 N N1    . DG A 8  ? 4.67382 5.19878 4.26465 -0.00363 -0.25511 0.86849 112 DG E N1    
161 C C2    . DG A 8  ? 4.50399 4.99750 3.95678 0.02739  -0.25280 0.79464 112 DG E C2    
162 N N2    . DG A 8  ? 4.36965 4.89973 3.71402 0.07079  -0.20088 0.80943 112 DG E N2    
163 N N3    . DG A 8  ? 4.50626 4.94062 3.93264 0.01648  -0.29842 0.70873 112 DG E N3    
164 C C4    . DG A 8  ? 4.71026 5.11347 4.25913 -0.02617 -0.34998 0.70105 112 DG E C4    
165 P P     . DT A 9  ? 4.46045 4.77232 3.55230 -0.02044 -0.45193 0.16988 113 DT E P     
166 O OP1   . DT A 9  ? 4.31680 4.59734 3.35213 0.01152  -0.44959 0.10293 113 DT E OP1   
167 O OP2   . DT A 9  ? 4.57456 4.89256 3.73373 -0.07561 -0.50391 0.12280 113 DT E OP2   
168 O "O5'" . DT A 9  ? 4.25995 4.62103 3.23213 -0.00806 -0.40843 0.20036 113 DT E "O5'" 
169 C "C5'" . DT A 9  ? 4.28254 4.68032 3.29447 -0.02810 -0.40467 0.26687 113 DT E "C5'" 
170 C "C4'" . DT A 9  ? 4.29883 4.72616 3.25878 0.01514  -0.34742 0.34904 113 DT E "C4'" 
171 O "O4'" . DT A 9  ? 4.45961 4.89641 3.53984 0.02106  -0.33141 0.44913 113 DT E "O4'" 
172 C "C3'" . DT A 9  ? 4.21761 4.68749 3.09911 0.00802  -0.33878 0.35298 113 DT E "C3'" 
173 O "O3'" . DT A 9  ? 4.12963 4.61123 2.89522 0.05546  -0.29145 0.36751 113 DT E "O3'" 
174 C "C2'" . DT A 9  ? 4.34443 4.84672 3.34547 -0.00571 -0.33923 0.43754 113 DT E "C2'" 
175 C "C1'" . DT A 9  ? 4.47083 4.95982 3.56311 0.01850  -0.31299 0.50684 113 DT E "C1'" 
176 N N1    . DT A 9  ? 4.63460 5.13648 3.88632 -0.01283 -0.33171 0.56883 113 DT E N1    
177 C C2    . DT A 9  ? 4.68357 5.23680 3.99266 0.00028  -0.29510 0.65989 113 DT E C2    
178 O O2    . DT A 9  ? 4.61668 5.20510 3.85338 0.03844  -0.24917 0.69057 113 DT E O2    
179 N N3    . DT A 9  ? 4.93727 5.50303 4.39642 -0.03358 -0.31495 0.71064 113 DT E N3    
180 C C4    . DT A 9  ? 5.13968 5.66623 4.69425 -0.07692 -0.36951 0.68123 113 DT E C4    
181 O O4    . DT A 9  ? 5.34028 5.88077 5.03056 -0.10667 -0.38542 0.73280 113 DT E O4    
182 C C5    . DT A 9  ? 5.07499 5.54692 4.56276 -0.08533 -0.40705 0.58210 113 DT E C5    
183 C C7    . DT A 9  ? 5.25849 5.68720 4.84344 -0.12863 -0.46939 0.53537 113 DT E C7    
184 C C6    . DT A 9  ? 4.82790 5.29343 4.16970 -0.05383 -0.38493 0.53081 113 DT E C6    
185 P P     . DA A 10 ? 3.88633 4.40329 2.55258 0.05997  -0.28029 0.37207 114 DA E P     
186 O OP1   . DA A 10 ? 3.74990 4.25944 2.28226 0.10150  -0.24582 0.34748 114 DA E OP1   
187 O OP2   . DA A 10 ? 3.87133 4.39183 2.53233 0.00417  -0.33165 0.32163 114 DA E OP2   
188 O "O5'" . DA A 10 ? 3.98964 4.54804 2.74314 0.08181  -0.25038 0.47520 114 DA E "O5'" 
189 C "C5'" . DA A 10 ? 3.92660 4.51514 2.61224 0.12761  -0.20656 0.51615 114 DA E "C5'" 
190 C "C4'" . DA A 10 ? 3.97167 4.60836 2.72117 0.12077  -0.21058 0.56772 114 DA E "C4'" 
191 O "O4'" . DA A 10 ? 4.10974 4.75896 3.01295 0.08823  -0.22974 0.60683 114 DA E "O4'" 
192 C "C3'" . DA A 10 ? 3.88705 4.52297 2.57276 0.08911  -0.25496 0.52077 114 DA E "C3'" 
193 O "O3'" . DA A 10 ? 3.89400 4.57270 2.59253 0.11164  -0.24312 0.56799 114 DA E "O3'" 
194 C "C2'" . DA A 10 ? 3.96509 4.59134 2.75071 0.03075  -0.30700 0.50278 114 DA E "C2'" 
195 C "C1'" . DA A 10 ? 4.10659 4.76298 3.04070 0.04312  -0.28130 0.58232 114 DA E "C1'" 
196 N N9    . DA A 10 ? 4.20763 4.84672 3.25870 -0.00229 -0.31895 0.57629 114 DA E N9    
197 C C8    . DA A 10 ? 4.18955 4.78280 3.22449 -0.03686 -0.35793 0.50554 114 DA E C8    
198 N N7    . DA A 10 ? 4.29693 4.88172 3.45899 -0.07243 -0.38991 0.51476 114 DA E N7    
199 C C5    . DA A 10 ? 4.39049 5.02093 3.65980 -0.06361 -0.36931 0.60041 114 DA E C5    
200 C C6    . DA A 10 ? 4.51910 5.16723 3.94865 -0.09135 -0.38580 0.65148 114 DA E C6    
201 N N6    . DA A 10 ? 4.58287 5.19569 4.09348 -0.13342 -0.43235 0.62211 114 DA E N6    
202 N N1    . DA A 10 ? 4.57266 5.27977 4.07988 -0.07447 -0.35299 0.73125 114 DA E N1    
203 C C2    . DA A 10 ? 4.50458 5.24864 3.93388 -0.02962 -0.30828 0.75456 114 DA E C2    
204 N N3    . DA A 10 ? 4.38844 5.11436 3.66667 0.00128  -0.29215 0.71249 114 DA E N3    
205 C C4    . DA A 10 ? 4.33549 5.00357 3.53914 -0.01963 -0.32419 0.63706 114 DA E C4    
206 P P     . DC A 11 ? 4.02300 4.71181 2.60039 0.16516  -0.20728 0.57162 115 DC E P     
207 O OP1   . DC A 11 ? 4.05697 4.75912 2.64099 0.21589  -0.14569 0.61333 115 DC E OP1   
208 O OP2   . DC A 11 ? 3.90284 4.55018 2.34153 0.14246  -0.24026 0.49782 115 DC E OP2   
209 O "O5'" . DC A 11 ? 4.05367 4.79182 2.69133 0.17558  -0.21543 0.61670 115 DC E "O5'" 
210 C "C5'" . DC A 11 ? 4.10724 4.84652 2.80402 0.12641  -0.27410 0.60662 115 DC E "C5'" 
211 C "C4'" . DC A 11 ? 4.20836 5.00720 3.06376 0.13189  -0.26599 0.67177 115 DC E "C4'" 
212 O "O4'" . DC A 11 ? 4.30082 5.09749 3.27168 0.09619  -0.27269 0.68638 115 DC E "O4'" 
213 C "C3'" . DC A 11 ? 4.22140 5.03578 3.11627 0.10833  -0.32041 0.67139 115 DC E "C3'" 
214 O "O3'" . DC A 11 ? 4.27740 5.16134 3.29171 0.13877  -0.29502 0.73069 115 DC E "O3'" 
215 C "C2'" . DC A 11 ? 4.27123 5.05924 3.22991 0.04363  -0.37123 0.64795 115 DC E "C2'" 
216 C "C1'" . DC A 11 ? 4.34759 5.15498 3.41001 0.05137  -0.32717 0.68715 115 DC E "C1'" 
217 N N1    . DC A 11 ? 4.38593 5.15369 3.48941 -0.00107 -0.36264 0.65499 115 DC E N1    
218 C C2    . DC A 11 ? 4.50071 5.29234 3.76363 -0.02817 -0.37438 0.69357 115 DC E C2    
219 O O2    . DC A 11 ? 4.55899 5.41011 3.92629 -0.00957 -0.35105 0.75509 115 DC E O2    
220 N N3    . DC A 11 ? 4.53788 5.28967 3.83976 -0.07442 -0.41127 0.65948 115 DC E N3    
221 C C4    . DC A 11 ? 4.46140 5.15938 3.65150 -0.09254 -0.43314 0.58667 115 DC E C4    
222 N N4    . DC A 11 ? 4.49605 5.16015 3.73355 -0.13550 -0.47030 0.54801 115 DC E N4    
223 C C5    . DC A 11 ? 4.33998 5.01958 3.36742 -0.06803 -0.41840 0.54697 115 DC E C5    
224 C C6    . DC A 11 ? 4.30890 5.02082 3.29818 -0.02345 -0.38507 0.58470 115 DC E C6    
225 P P     . DG A 12 ? 4.06274 4.98391 3.04103 0.19316  -0.28085 0.74473 116 DG E P     
226 O OP1   . DG A 12 ? 3.97221 4.87775 2.82699 0.24015  -0.22989 0.73432 116 DG E OP1   
227 O OP2   . DG A 12 ? 4.04507 4.93952 2.99207 0.16573  -0.35447 0.71476 116 DG E OP2   
228 O "O5'" . DG A 12 ? 4.16276 5.17643 3.31021 0.21885  -0.24135 0.81013 116 DG E "O5'" 
229 C "C5'" . DG A 12 ? 4.18815 5.25243 3.41447 0.23308  -0.26698 0.82459 116 DG E "C5'" 
230 C "C4'" . DG A 12 ? 4.28398 5.38221 3.67342 0.18910  -0.30075 0.84890 116 DG E "C4'" 
231 O "O4'" . DG A 12 ? 4.28178 5.31737 3.65847 0.12885  -0.33553 0.82517 116 DG E "O4'" 
232 C "C3'" . DG A 12 ? 4.29411 5.39952 3.72783 0.17789  -0.37031 0.83599 116 DG E "C3'" 
233 O "O3'" . DG A 12 ? 4.38361 5.55773 4.00118 0.16138  -0.37627 0.87395 116 DG E "O3'" 
234 C "C2'" . DG A 12 ? 4.24503 5.25720 3.57642 0.12005  -0.43960 0.78588 116 DG E "C2'" 
235 C "C1'" . DG A 12 ? 4.29422 5.29581 3.67516 0.08387  -0.41709 0.79437 116 DG E "C1'" 
236 N N9    . DG A 12 ? 4.26273 5.18152 3.52765 0.03852  -0.45270 0.74103 116 DG E N9    
237 C C8    . DG A 12 ? 4.16785 5.02757 3.26126 0.03904  -0.46872 0.69245 116 DG E C8    
238 N N7    . DG A 12 ? 4.14785 4.95129 3.17358 -0.00900 -0.49727 0.64619 116 DG E N7    
239 C C5    . DG A 12 ? 4.23994 5.06023 3.40125 -0.04080 -0.50336 0.66463 116 DG E C5    
240 C C6    . DG A 12 ? 4.26149 5.04210 3.43114 -0.09376 -0.53243 0.62813 116 DG E C6    
241 O O6    . DG A 12 ? 4.19747 4.92574 3.25256 -0.12406 -0.55579 0.56786 116 DG E O6    
242 N N1    . DG A 12 ? 4.36462 5.17616 3.69901 -0.11182 -0.53334 0.66533 116 DG E N1    
243 C C2    . DG A 12 ? 4.43278 5.31198 3.90602 -0.08541 -0.50550 0.73107 116 DG E C2    
244 N N2    . DG A 12 ? 4.52346 5.42485 4.14713 -0.11354 -0.51163 0.76118 116 DG E N2    
245 N N3    . DG A 12 ? 4.40742 5.33295 3.87565 -0.03558 -0.47413 0.76239 116 DG E N3    
246 C C4    . DG A 12 ? 4.31277 5.20238 3.62179 -0.01415 -0.47648 0.72576 116 DG E C4    
247 P P     . DG A 13 ? 4.32522 5.58766 4.06231 0.20129  -0.37975 0.89643 117 DG E P     
248 O OP1   . DG A 13 ? 4.29983 5.63942 4.05583 0.26114  -0.29096 0.92792 117 DG E OP1   
249 O OP2   . DG A 13 ? 4.30969 5.52164 3.97188 0.20177  -0.45658 0.85736 117 DG E OP2   
250 O "O5'" . DG A 13 ? 4.40186 5.71626 4.33110 0.15777  -0.40365 0.92726 117 DG E "O5'" 
251 C "C5'" . DG A 13 ? 4.41883 5.79299 4.46078 0.14832  -0.34166 0.97466 117 DG E "C5'" 
252 C "C4'" . DG A 13 ? 4.48697 5.83487 4.62237 0.07979  -0.38755 0.98039 117 DG E "C4'" 
253 O "O4'" . DG A 13 ? 4.45028 5.68821 4.45020 0.04166  -0.43152 0.93476 117 DG E "O4'" 
254 C "C3'" . DG A 13 ? 4.52971 5.90614 4.79337 0.05377  -0.45806 0.97805 117 DG E "C3'" 
255 O "O3'" . DG A 13 ? 4.59406 5.99056 4.99809 0.00332  -0.46680 1.00610 117 DG E "O3'" 
256 C "C2'" . DG A 13 ? 4.48229 5.75598 4.60833 0.02765  -0.54078 0.92174 117 DG E "C2'" 
257 C "C1'" . DG A 13 ? 4.44732 5.64295 4.44729 0.00297  -0.52134 0.90070 117 DG E "C1'" 
258 N N9    . DG A 13 ? 4.35814 5.46797 4.16783 0.00176  -0.55499 0.84817 117 DG E N9    
259 C C8    . DG A 13 ? 4.30514 5.40673 4.00665 0.04715  -0.55042 0.83238 117 DG E C8    
260 N N7    . DG A 13 ? 4.22584 5.24392 3.76263 0.02795  -0.58574 0.78587 117 DG E N7    
261 C C5    . DG A 13 ? 4.22179 5.19473 3.75659 -0.03149 -0.61220 0.76544 117 DG E C5    
262 C C6    . DG A 13 ? 4.14139 5.03210 3.53559 -0.07645 -0.65114 0.71155 117 DG E C6    
263 O O6    . DG A 13 ? 4.05295 4.89226 3.28865 -0.07596 -0.66917 0.67434 117 DG E O6    
264 N N1    . DG A 13 ? 4.16420 5.03773 3.61869 -0.12786 -0.66965 0.70044 117 DG E N1    
265 C C2    . DG A 13 ? 4.26840 5.19089 3.89635 -0.13676 -0.65531 0.74095 117 DG E C2    
266 N N2    . DG A 13 ? 4.28527 5.17614 3.94927 -0.18818 -0.68222 0.72011 117 DG E N2    
267 N N3    . DG A 13 ? 4.34280 5.34329 4.10214 -0.09943 -0.61759 0.79600 117 DG E N3    
268 C C4    . DG A 13 ? 4.30855 5.33305 4.01182 -0.04700 -0.59635 0.80313 117 DG E C4    
269 P P     . DA A 14 ? 4.35464 5.81249 4.94653 -0.02261 -0.51992 1.02142 118 DA E P     
270 O OP1   . DA A 14 ? 4.40684 5.97158 5.16764 -0.01924 -0.45465 1.08011 118 DA E OP1   
271 O OP2   . DA A 14 ? 4.31494 5.77704 4.88212 0.00705  -0.57109 0.99289 118 DA E OP2   
272 O "O5'" . DA A 14 ? 4.36291 5.73543 4.95247 -0.09457 -0.59586 0.99555 118 DA E "O5'" 
273 C "C5'" . DA A 14 ? 4.38545 5.72069 4.97529 -0.13041 -0.57255 1.00596 118 DA E "C5'" 
274 C "C4'" . DA A 14 ? 4.36646 5.60426 4.89350 -0.18743 -0.65181 0.95679 118 DA E "C4'" 
275 O "O4'" . DA A 14 ? 4.28752 5.44608 4.61096 -0.17608 -0.66572 0.90473 118 DA E "O4'" 
276 C "C3'" . DA A 14 ? 4.36924 5.60963 4.98361 -0.22280 -0.73928 0.94229 118 DA E "C3'" 
277 O "O3'" . DA A 14 ? 4.39716 5.60183 5.08088 -0.28304 -0.78231 0.93425 118 DA E "O3'" 
278 C "C2'" . DA A 14 ? 4.30239 5.47305 4.74711 -0.21875 -0.79507 0.88885 118 DA E "C2'" 
279 C "C1'" . DA A 14 ? 4.25669 5.36278 4.52896 -0.21082 -0.75432 0.86054 118 DA E "C1'" 
280 N N9    . DA A 14 ? 4.18112 5.24735 4.28223 -0.18155 -0.76252 0.82748 118 DA E N9    
281 C C8    . DA A 14 ? 4.17209 5.28118 4.25553 -0.12391 -0.73310 0.84416 118 DA E C8    
282 N N7    . DA A 14 ? 4.09746 5.14922 4.01259 -0.11133 -0.75357 0.80758 118 DA E N7    
283 C C5    . DA A 14 ? 4.04848 5.02027 3.86173 -0.16677 -0.79615 0.76336 118 DA E C5    
284 C C6    . DA A 14 ? 3.95635 4.84787 3.57979 -0.18899 -0.83154 0.71141 118 DA E C6    
285 N N6    . DA A 14 ? 3.90583 4.77625 3.40516 -0.15676 -0.83322 0.69961 118 DA E N6    
286 N N1    . DA A 14 ? 3.91850 4.75509 3.48673 -0.24757 -0.86568 0.67015 118 DA E N1    
287 C C2    . DA A 14 ? 3.98513 4.83874 3.68184 -0.27847 -0.86832 0.68045 118 DA E C2    
288 N N3    . DA A 14 ? 4.07982 4.99924 3.95790 -0.26389 -0.84049 0.73148 118 DA E N3    
289 C C4    . DA A 14 ? 4.10298 5.08272 4.02948 -0.20830 -0.80255 0.77197 118 DA E C4    
290 P P     . DC A 15 ? 4.11174 5.31738 4.90525 -0.32919 -0.87533 0.92256 119 DC E P     
291 O OP1   . DC A 15 ? 4.16606 5.37821 5.09747 -0.37497 -0.88103 0.94315 119 DC E OP1   
292 O OP2   . DC A 15 ? 4.10899 5.38815 4.98235 -0.29338 -0.88368 0.94426 119 DC E OP2   
293 O "O5'" . DC A 15 ? 4.06043 5.16182 4.67514 -0.36176 -0.95009 0.85321 119 DC E "O5'" 
294 C "C5'" . DC A 15 ? 4.06504 5.09275 4.55863 -0.38603 -0.94201 0.81373 119 DC E "C5'" 
295 C "C4'" . DC A 15 ? 4.00367 4.94990 4.31883 -0.41480 -1.00654 0.74778 119 DC E "C4'" 
296 O "O4'" . DC A 15 ? 3.94333 4.87903 4.11180 -0.37179 -0.98176 0.73882 119 DC E "O4'" 
297 C "C3'" . DC A 15 ? 3.99111 4.91890 4.33675 -0.45932 -1.10555 0.72776 119 DC E "C3'" 
298 O "O3'" . DC A 15 ? 3.98332 4.84256 4.25163 -0.51780 -1.15648 0.67115 119 DC E "O3'" 
299 C "C2'" . DC A 15 ? 3.93252 4.84571 4.15499 -0.43249 -1.12894 0.71813 119 DC E "C2'" 
300 C "C1'" . DC A 15 ? 3.89548 4.78143 3.96076 -0.40130 -1.06132 0.70022 119 DC E "C1'" 
301 N N1    . DC A 15 ? 3.84608 4.73161 3.80257 -0.35443 -1.04818 0.70414 119 DC E N1    
302 C C2    . DC A 15 ? 3.79173 4.60660 3.54667 -0.37134 -1.07690 0.65723 119 DC E C2    
303 O O2    . DC A 15 ? 3.76826 4.52967 3.43835 -0.42507 -1.11026 0.61074 119 DC E O2    
304 N N3    . DC A 15 ? 3.76691 4.57667 3.42741 -0.32986 -1.06834 0.66238 119 DC E N3    
305 C C4    . DC A 15 ? 3.79314 4.66696 3.55293 -0.27024 -1.03210 0.70626 119 DC E C4    
306 N N4    . DC A 15 ? 3.76937 4.63281 3.43356 -0.22880 -1.02879 0.70560 119 DC E N4    
307 C C5    . DC A 15 ? 3.84869 4.80355 3.81234 -0.25199 -0.99783 0.75112 119 DC E C5    
308 C C6    . DC A 15 ? 3.87115 4.82757 3.92556 -0.29692 -1.00727 0.75100 119 DC E C6    
309 P P     . DA A 16 ? 3.49098 4.32158 3.79081 -0.57879 -1.26211 0.64365 120 DA E P     
310 O OP1   . DA A 16 ? 3.50505 4.32943 3.91161 -0.61919 -1.27459 0.63238 120 DA E OP1   
311 O OP2   . DA A 16 ? 3.49390 4.36726 3.88481 -0.56042 -1.29902 0.68202 120 DA E OP2   
312 O "O5'" . DA A 16 ? 3.53772 4.29174 3.60974 -0.61153 -1.30560 0.57753 120 DA E "O5'" 
313 C "C5'" . DA A 16 ? 3.53969 4.25217 3.48899 -0.62677 -1.27456 0.52640 120 DA E "C5'" 
314 C "C4'" . DA A 16 ? 3.57830 4.23734 3.30889 -0.64798 -1.30387 0.47599 120 DA E "C4'" 
315 O "O4'" . DA A 16 ? 3.54758 4.21929 3.21004 -0.59512 -1.26707 0.50755 120 DA E "O4'" 
316 C "C3'" . DA A 16 ? 3.65332 4.27744 3.33363 -0.70614 -1.40469 0.45048 120 DA E "C3'" 
317 O "O3'" . DA A 16 ? 3.70184 4.27404 3.19121 -0.75248 -1.42702 0.38233 120 DA E "O3'" 
318 C "C2'" . DA A 16 ? 3.65135 4.28716 3.32326 -0.67178 -1.42368 0.49551 120 DA E "C2'" 
319 C "C1'" . DA A 16 ? 3.59827 4.24176 3.17899 -0.61623 -1.33951 0.50363 120 DA E "C1'" 
320 N N9    . DA A 16 ? 3.56569 4.24479 3.19463 -0.55629 -1.31928 0.55640 120 DA E N9    
321 C C8    . DA A 16 ? 3.52466 4.27068 3.34229 -0.51424 -1.29507 0.61090 120 DA E C8    
322 N N7    . DA A 16 ? 3.50490 4.27628 3.32424 -0.46160 -1.28012 0.64216 120 DA E N7    
323 C C5    . DA A 16 ? 3.53587 4.24561 3.15204 -0.47044 -1.29830 0.60954 120 DA E C5    
324 C C6    . DA A 16 ? 3.53947 4.23430 3.05734 -0.43173 -1.29937 0.61815 120 DA E C6    
325 N N6    . DA A 16 ? 3.52240 4.26922 3.14144 -0.36994 -1.28002 0.65893 120 DA E N6    
326 N N1    . DA A 16 ? 3.58007 4.20684 2.89307 -0.46028 -1.32207 0.58047 120 DA E N1    
327 C C2    . DA A 16 ? 3.61330 4.19861 2.82861 -0.52274 -1.33885 0.53374 120 DA E C2    
328 N N3    . DA A 16 ? 3.61297 4.20921 2.90606 -0.55986 -1.33938 0.51560 120 DA E N3    
329 C C4    . DA A 16 ? 3.57331 4.22898 3.06904 -0.53058 -1.32033 0.55765 120 DA E C4    
330 P P     . DT A 17 ? 3.86650 4.39892 3.29585 -0.83356 -1.52409 0.33231 121 DT E P     
331 O OP1   . DT A 17 ? 3.87832 4.39440 3.24732 -0.86975 -1.50905 0.26110 121 DT E OP1   
332 O OP2   . DT A 17 ? 3.89114 4.44362 3.49175 -0.84263 -1.58252 0.37219 121 DT E OP2   
333 O "O5'" . DT A 17 ? 3.93947 4.43019 3.16868 -0.85511 -1.56606 0.32126 121 DT E "O5'" 
334 C "C5'" . DT A 17 ? 3.96226 4.45361 3.21691 -0.82876 -1.60126 0.37669 121 DT E "C5'" 
335 C "C4'" . DT A 17 ? 3.97189 4.43173 3.04185 -0.81602 -1.58911 0.37457 121 DT E "C4'" 
336 O "O4'" . DT A 17 ? 3.91100 4.40508 3.05887 -0.73718 -1.53643 0.43048 121 DT E "O4'" 
337 C "C3'" . DT A 17 ? 4.08250 4.48167 3.04619 -0.84913 -1.65397 0.36495 121 DT E "C3'" 
338 O "O3'" . DT A 17 ? 4.10769 4.45680 2.90218 -0.84017 -1.58439 0.31753 121 DT E "O3'" 
339 C "C2'" . DT A 17 ? 4.08341 4.50370 3.13785 -0.80459 -1.69453 0.43545 121 DT E "C2'" 
340 C "C1'" . DT A 17 ? 3.97679 4.44284 3.06788 -0.73241 -1.59568 0.45759 121 DT E "C1'" 
341 N N1    . DT A 17 ? 3.94432 4.46243 3.21130 -0.66255 -1.57660 0.51689 121 DT E N1    
342 C C2    . DT A 17 ? 3.95546 4.46776 3.17845 -0.61468 -1.57409 0.54454 121 DT E C2    
343 O O2    . DT A 17 ? 3.99132 4.45173 3.03510 -0.62821 -1.58879 0.52716 121 DT E O2    
344 N N3    . DT A 17 ? 3.92791 4.50067 3.32780 -0.55114 -1.55406 0.59153 121 DT E N3    
345 C C4    . DT A 17 ? 3.89163 4.53086 3.50146 -0.53542 -1.53484 0.61669 121 DT E C4    
346 O O4    . DT A 17 ? 3.86763 4.56840 3.62711 -0.47957 -1.51391 0.65618 121 DT E O4    
347 C C5    . DT A 17 ? 3.88354 4.51822 3.52696 -0.59047 -1.54154 0.59072 121 DT E C5    
348 C C7    . DT A 17 ? 3.84749 4.54715 3.71360 -0.58329 -1.52537 0.61737 121 DT E C7    
349 C C6    . DT A 17 ? 3.90978 4.48407 3.38321 -0.64854 -1.56274 0.54064 121 DT E C6    
350 P P     . DC A 18 ? 4.40913 4.68492 3.10351 -0.86121 -1.59133 0.28641 122 DC E P     
351 O OP1   . DC A 18 ? 4.42856 4.68116 2.98837 -0.86796 -1.51521 0.22426 122 DC E OP1   
352 O OP2   . DC A 18 ? 4.48645 4.75310 3.25911 -0.90379 -1.66554 0.28808 122 DC E OP2   
353 O "O5'" . DC A 18 ? 4.42361 4.67789 3.11406 -0.81346 -1.60295 0.33656 122 DC E "O5'" 
354 C "C5'" . DC A 18 ? 4.39190 4.64150 3.00139 -0.76771 -1.53581 0.33578 122 DC E "C5'" 
355 C "C4'" . DC A 18 ? 4.43433 4.65165 3.04176 -0.72999 -1.55940 0.37294 122 DC E "C4'" 
356 O "O4'" . DC A 18 ? 4.37820 4.64599 3.11572 -0.69021 -1.60356 0.43367 122 DC E "O4'" 
357 C "C3'" . DC A 18 ? 4.57258 4.72891 3.16075 -0.76296 -1.61435 0.36991 122 DC E "C3'" 
358 O "O3'" . DC A 18 ? 4.62699 4.73738 3.14214 -0.73617 -1.59582 0.37399 122 DC E "O3'" 
359 C "C2'" . DC A 18 ? 4.57444 4.75706 3.31050 -0.75639 -1.69952 0.41917 122 DC E "C2'" 
360 C "C1'" . DC A 18 ? 4.46242 4.70345 3.26526 -0.69322 -1.67979 0.46016 122 DC E "C1'" 
361 N N1    . DC A 18 ? 4.41444 4.72722 3.39575 -0.67832 -1.73779 0.51034 122 DC E N1    
362 C C2    . DC A 18 ? 4.39778 4.74921 3.47757 -0.61779 -1.76293 0.56081 122 DC E C2    
363 O O2    . DC A 18 ? 4.42503 4.73952 3.43050 -0.57968 -1.74070 0.55901 122 DC E O2    
364 N N3    . DC A 18 ? 4.35351 4.78949 3.62232 -0.60096 -1.81011 0.60926 122 DC E N3    
365 C C4    . DC A 18 ? 4.32933 4.79873 3.69314 -0.63750 -1.81247 0.60189 122 DC E C4    
366 N N4    . DC A 18 ? 4.28400 4.82851 3.87128 -0.59832 -1.79192 0.63074 122 DC E N4    
367 C C5    . DC A 18 ? 4.35298 4.77834 3.59930 -0.70814 -1.81266 0.55402 122 DC E C5    
368 C C6    . DC A 18 ? 4.39236 4.74160 3.45385 -0.72049 -1.76314 0.50579 122 DC E C6    
369 P P     . DT A 19 ? 5.28795 5.32441 3.74931 -0.77093 -1.63830 0.37055 123 DT E P     
370 O OP1   . DT A 19 ? 5.31653 5.31844 3.66163 -0.76593 -1.57597 0.34480 123 DT E OP1   
371 O OP2   . DT A 19 ? 5.36743 5.39666 3.84393 -0.82960 -1.67787 0.35294 123 DT E OP2   
372 O "O5'" . DT A 19 ? 5.31201 5.33735 3.86542 -0.73337 -1.71083 0.42296 123 DT E "O5'" 
373 C "C5'" . DT A 19 ? 5.29178 5.33631 3.86592 -0.66804 -1.69040 0.44679 123 DT E "C5'" 
374 C "C4'" . DT A 19 ? 5.33623 5.37087 4.00974 -0.63636 -1.76961 0.48906 123 DT E "C4'" 
375 O "O4'" . DT A 19 ? 5.23153 5.34581 4.04599 -0.59682 -1.79222 0.52254 123 DT E "O4'" 
376 C "C3'" . DT A 19 ? 5.46832 5.45451 4.17125 -0.68254 -1.84895 0.49536 123 DT E "C3'" 
377 O "O3'" . DT A 19 ? 5.58368 5.48842 4.17879 -0.70752 -1.85150 0.48400 123 DT E "O3'" 
378 C "C2'" . DT A 19 ? 5.42688 5.44516 4.28412 -0.63493 -1.92041 0.53756 123 DT E "C2'" 
379 C "C1'" . DT A 19 ? 5.27721 5.39081 4.21488 -0.58948 -1.88065 0.55279 123 DT E "C1'" 
380 N N1    . DT A 19 ? 4.03739 4.21752 3.10822 -0.60867 -1.91471 0.56828 123 DT E N1    
381 C C2    . DT A 19 ? 3.98493 4.24245 3.23560 -0.56110 -1.95722 0.61032 123 DT E C2    
382 O O2    . DT A 19 ? 3.96828 4.24286 3.27065 -0.50044 -1.96844 0.63216 123 DT E O2    
383 N N3    . DT A 19 ? 3.95112 4.27289 3.33274 -0.58565 -1.98521 0.62454 123 DT E N3    
384 C C4    . DT A 19 ? 3.96972 4.27827 3.31092 -0.65105 -1.97804 0.59729 123 DT E C4    
385 O O4    . DT A 19 ? 3.93758 4.30654 3.41369 -0.66968 -2.00695 0.61170 123 DT E O4    
386 C C5    . DT A 19 ? 4.02871 4.25453 3.17235 -0.69437 -1.93293 0.54917 123 DT E C5    
387 C C7    . DT A 19 ? 4.05486 4.26738 3.14564 -0.76012 -1.91954 0.51040 123 DT E C7    
388 C C6    . DT A 19 ? 4.05601 4.22651 3.08057 -0.67163 -1.90187 0.53916 123 DT E C6    
389 P P     . DC B 1  ? 4.38197 3.71426 3.94042 -2.01097 -1.60907 0.84159 119 DC F P     
390 O OP1   . DC B 1  ? 4.18538 3.80277 3.80910 -1.99128 -1.51608 0.82663 119 DC F OP1   
391 O OP2   . DC B 1  ? 4.46814 3.70221 4.09866 -1.96358 -1.55661 0.87141 119 DC F OP2   
392 O "O5'" . DC B 1  ? 4.38998 3.61530 4.12637 -1.95377 -1.76926 0.91145 119 DC F "O5'" 
393 C "C5'" . DC B 1  ? 4.57958 3.54351 4.21636 -1.94448 -1.86498 0.91764 119 DC F "C5'" 
394 C "C4'" . DC B 1  ? 4.59179 3.47985 4.53696 -1.90059 -1.94866 1.01518 119 DC F "C4'" 
395 O "O4'" . DC B 1  ? 4.72682 3.49353 4.57146 -1.90004 -1.87521 1.00237 119 DC F "O4'" 
396 C "C3'" . DC B 1  ? 4.38464 3.50808 4.70515 -1.81685 -1.90742 1.09664 119 DC F "C3'" 
397 O "O3'" . DC B 1  ? 4.37623 3.44917 4.97249 -1.76411 -2.04499 1.18449 119 DC F "O3'" 
398 C "C2'" . DC B 1  ? 4.39248 3.56075 4.75814 -1.76540 -1.76890 1.10776 119 DC F "C2'" 
399 C "C1'" . DC B 1  ? 4.63746 3.52315 4.78639 -1.79716 -1.81728 1.08004 119 DC F "C1'" 
400 N N1    . DC B 1  ? 4.73555 3.57485 4.74026 -1.78852 -1.68422 1.04462 119 DC F N1    
401 C C2    . DC B 1  ? 4.70520 3.61577 4.94954 -1.67983 -1.61843 1.11530 119 DC F C2    
402 O O2    . DC B 1  ? 4.58696 3.61507 5.17236 -1.59923 -1.66753 1.20971 119 DC F O2    
403 N N3    . DC B 1  ? 4.81686 3.66398 4.90778 -1.66611 -1.50297 1.07919 119 DC F N3    
404 C C4    . DC B 1  ? 4.95488 3.67128 4.67943 -1.76678 -1.45628 0.97748 119 DC F C4    
405 N N4    . DC B 1  ? 5.08136 3.72150 4.65693 -1.75333 -1.34777 0.94205 119 DC F N4    
406 C C5    . DC B 1  ? 4.98076 3.63784 4.47147 -1.88560 -1.51936 0.90914 119 DC F C5    
407 C C6    . DC B 1  ? 4.86854 3.59077 4.50601 -1.88611 -1.63081 0.94587 119 DC F C6    
408 P P     . DC B 2  ? 4.49636 3.61391 5.14081 -1.71516 -2.12376 1.19221 120 DC F P     
409 O OP1   . DC B 2  ? 4.67859 3.57874 5.26716 -1.68210 -2.25747 1.20382 120 DC F OP1   
410 O OP2   . DC B 2  ? 4.43584 3.65865 4.84179 -1.74892 -2.03427 1.11089 120 DC F OP2   
411 O "O5'" . DC B 2  ? 4.33914 3.65801 5.41275 -1.65224 -2.12322 1.29673 120 DC F "O5'" 
412 C "C5'" . DC B 2  ? 4.13816 3.69227 5.29802 -1.65478 -2.01402 1.29850 120 DC F "C5'" 
413 C "C4'" . DC B 2  ? 4.02889 3.75037 5.53319 -1.58725 -1.93562 1.39201 120 DC F "C4'" 
414 O "O4'" . DC B 2  ? 4.07778 3.78181 5.44247 -1.57214 -1.80837 1.35628 120 DC F "O4'" 
415 C "C3'" . DC B 2  ? 3.83605 3.81224 5.49140 -1.55030 -1.83099 1.41725 120 DC F "C3'" 
416 O "O3'" . DC B 2  ? 3.86079 3.97330 5.88517 -1.46194 -1.78696 1.52741 120 DC F "O3'" 
417 C "C2'" . DC B 2  ? 3.85241 3.89542 5.22373 -1.57334 -1.67438 1.32399 120 DC F "C2'" 
418 C "C1'" . DC B 2  ? 3.95816 3.87565 5.30103 -1.55083 -1.64533 1.33026 120 DC F "C1'" 
419 N N1    . DC B 2  ? 4.06546 3.91418 5.04937 -1.60756 -1.55179 1.22316 120 DC F N1    
420 C C2    . DC B 2  ? 4.23692 4.06060 5.19191 -1.56615 -1.44850 1.22091 120 DC F C2    
421 O O2    . DC B 2  ? 4.36452 4.23454 5.59490 -1.47333 -1.43284 1.31133 120 DC F O2    
422 N N3    . DC B 2  ? 4.36738 4.11490 4.98747 -1.62961 -1.36952 1.12014 120 DC F N3    
423 C C4    . DC B 2  ? 4.27450 3.99400 4.61427 -1.73036 -1.38666 1.03035 120 DC F C4    
424 N N4    . DC B 2  ? 4.38388 4.03700 4.40899 -1.80041 -1.30746 0.93585 120 DC F N4    
425 C C5    . DC B 2  ? 4.18030 3.93855 4.54546 -1.76324 -1.48631 1.03442 120 DC F C5    
426 C C6    . DC B 2  ? 4.08505 3.89601 4.76722 -1.69932 -1.56756 1.12914 120 DC F C6    
427 P P     . DG B 3  ? 3.92811 4.13795 6.32128 -1.43025 -1.87568 1.63466 121 DG F P     
428 O OP1   . DG B 3  ? 4.04854 4.04350 6.41289 -1.43173 -2.04177 1.63698 121 DG F OP1   
429 O OP2   . DG B 3  ? 3.81135 4.18142 6.17267 -1.43395 -1.80501 1.61358 121 DG F OP2   
430 O "O5'" . DG B 3  ? 3.99248 4.35245 6.74562 -1.33280 -1.79467 1.74967 121 DG F "O5'" 
431 C "C5'" . DG B 3  ? 4.12899 4.40570 6.89257 -1.29338 -1.77907 1.76748 121 DG F "C5'" 
432 C "C4'" . DG B 3  ? 4.15510 4.63037 7.11284 -1.19403 -1.61536 1.83212 121 DG F "C4'" 
433 O "O4'" . DG B 3  ? 4.19829 4.67824 6.85282 -1.19530 -1.47178 1.73644 121 DG F "O4'" 
434 C "C3'" . DG B 3  ? 4.07220 4.78914 7.30577 -1.15043 -1.54727 1.90926 121 DG F "C3'" 
435 O "O3'" . DG B 3  ? 4.15347 5.02557 7.69681 -1.04778 -1.46276 2.01923 121 DG F "O3'" 
436 C "C2'" . DG B 3  ? 3.95119 4.75589 6.91073 -1.16915 -1.41366 1.81155 121 DG F "C2'" 
437 C "C1'" . DG B 3  ? 4.06922 4.74946 6.71296 -1.18286 -1.35147 1.71733 121 DG F "C1'" 
438 N N9    . DG B 3  ? 3.99211 4.60138 6.25286 -1.27040 -1.33897 1.58622 121 DG F N9    
439 C C8    . DG B 3  ? 3.83131 4.41251 5.97578 -1.34230 -1.42175 1.54176 121 DG F C8    
440 N N7    . DG B 3  ? 3.80018 4.33997 5.59336 -1.40866 -1.38329 1.42606 121 DG F N7    
441 C C5    . DG B 3  ? 3.95408 4.48088 5.61959 -1.38868 -1.27196 1.38768 121 DG F C5    
442 C C6    . DG B 3  ? 4.02407 4.50961 5.33427 -1.44726 -1.19207 1.27108 121 DG F C6    
443 O O6    . DG B 3  ? 3.97591 4.44510 5.01438 -1.52929 -1.20081 1.17976 121 DG F O6    
444 N N1    . DG B 3  ? 4.32439 4.78950 5.60874 -1.40109 -1.09352 1.26776 121 DG F N1    
445 C C2    . DG B 3  ? 4.49701 4.98843 6.06161 -1.29989 -1.07214 1.36779 121 DG F C2    
446 N N2    . DG B 3  ? 4.79171 5.24505 6.26340 -1.25767 -0.97366 1.34644 121 DG F N2    
447 N N3    . DG B 3  ? 4.37772 4.92991 6.28800 -1.24356 -1.14285 1.48226 121 DG F N3    
448 C C4    . DG B 3  ? 4.10194 4.66467 6.04396 -1.29811 -1.24291 1.48397 121 DG F C4    
449 P P     . DT B 4  ? 3.91575 5.06296 7.72622 -0.97714 -1.33395 2.10367 122 DT F P     
450 O OP1   . DT B 4  ? 4.01352 5.27347 8.20680 -0.88901 -1.32351 2.24314 122 DT F OP1   
451 O OP2   . DT B 4  ? 3.81203 4.98102 7.63088 -1.04053 -1.39878 2.09347 122 DT F OP2   
452 O "O5'" . DT B 4  ? 3.96145 5.19607 7.51790 -0.93402 -1.14196 2.02174 122 DT F "O5'" 
453 C "C5'" . DT B 4  ? 4.16951 5.32195 7.57326 -0.89384 -1.07913 1.98443 122 DT F "C5'" 
454 C "C4'" . DT B 4  ? 4.21614 5.42391 7.32147 -0.88416 -0.92217 1.88014 122 DT F "C4'" 
455 O "O4'" . DT B 4  ? 4.11348 5.19536 6.86448 -0.99807 -0.96988 1.74963 122 DT F "O4'" 
456 C "C3'" . DT B 4  ? 4.13512 5.60544 7.36820 -0.81128 -0.77195 1.91619 122 DT F "C3'" 
457 O "O3'" . DT B 4  ? 4.31176 5.85464 7.46336 -0.72529 -0.61840 1.89717 122 DT F "O3'" 
458 C "C2'" . DT B 4  ? 3.98153 5.45621 6.95289 -0.89847 -0.77519 1.80985 122 DT F "C2'" 
459 C "C1'" . DT B 4  ? 4.05218 5.29741 6.66931 -0.98930 -0.83860 1.69101 122 DT F "C1'" 
460 N N1    . DT B 4  ? 3.88657 5.06851 6.24056 -1.09712 -0.90178 1.59147 122 DT F N1    
461 C C2    . DT B 4  ? 3.94758 5.08258 5.93501 -1.15660 -0.84359 1.46265 122 DT F C2    
462 O O2    . DT B 4  ? 4.17560 5.29954 6.03401 -1.13113 -0.74745 1.42090 122 DT F O2    
463 N N3    . DT B 4  ? 3.75741 4.85634 5.52808 -1.24808 -0.90448 1.38423 122 DT F N3    
464 C C4    . DT B 4  ? 3.59359 4.68271 5.46032 -1.27823 -1.01658 1.41760 122 DT F C4    
465 O O4    . DT B 4  ? 3.58756 4.64281 5.22761 -1.35091 -1.06246 1.34141 122 DT F O4    
466 C C5    . DT B 4  ? 3.54261 4.66475 5.79174 -1.21787 -1.07708 1.54954 122 DT F C5    
467 C C7    . DT B 4  ? 3.45775 4.55326 5.83273 -1.24891 -1.20573 1.59295 122 DT F C7    
468 C C6    . DT B 4  ? 3.69570 4.87246 6.17551 -1.13400 -1.01578 1.63124 122 DT F C6    
469 P P     . DA B 5  ? 3.52990 5.34872 6.83587 -0.61283 -0.44282 1.95042 123 DA F P     
470 O OP1   . DA B 5  ? 3.64701 5.54596 7.24341 -0.48986 -0.39167 2.07378 123 DA F OP1   
471 O OP2   . DA B 5  ? 3.29563 5.24126 6.70723 -0.64259 -0.45731 1.97489 123 DA F OP2   
472 O "O5'" . DA B 5  ? 3.64267 5.46040 6.57422 -0.61688 -0.31806 1.81264 123 DA F "O5'" 
473 C "C5'" . DA B 5  ? 3.80745 5.47616 6.54530 -0.60242 -0.29223 1.75795 123 DA F "C5'" 
474 C "C4'" . DA B 5  ? 3.95240 5.61239 6.31343 -0.64460 -0.19901 1.61220 123 DA F "C4'" 
475 O "O4'" . DA B 5  ? 3.82939 5.40554 5.95697 -0.78419 -0.28385 1.51375 123 DA F "O4'" 
476 C "C3'" . DA B 5  ? 3.88681 5.79946 6.27383 -0.55667 -0.03646 1.60965 123 DA F "C3'" 
477 O "O3'" . DA B 5  ? 4.12126 5.99973 6.23597 -0.53909 0.06354  1.51183 123 DA F "O3'" 
478 C "C2'" . DA B 5  ? 3.62935 5.63514 5.93143 -0.63845 -0.06036 1.55729 123 DA F "C2'" 
479 C "C1'" . DA B 5  ? 3.66258 5.43462 5.71175 -0.78664 -0.19710 1.46526 123 DA F "C1'" 
480 N N9    . DA B 5  ? 3.42688 5.20154 5.51746 -0.86267 -0.30293 1.47302 123 DA F N9    
481 C C8    . DA B 5  ? 3.31658 5.12349 5.71818 -0.83887 -0.38277 1.58832 123 DA F C8    
482 N N7    . DA B 5  ? 3.25801 5.03754 5.60055 -0.91862 -0.47474 1.56201 123 DA F N7    
483 C C5    . DA B 5  ? 3.32184 5.06409 5.29591 -0.99758 -0.45019 1.42374 123 DA F C5    
484 C C6    . DA B 5  ? 3.30422 5.01634 5.04444 -1.09399 -0.51053 1.33742 123 DA F C6    
485 N N6    . DA B 5  ? 3.22950 4.92327 5.06494 -1.12245 -0.61490 1.37608 123 DA F N6    
486 N N1    . DA B 5  ? 3.37384 5.07548 4.77363 -1.15936 -0.46045 1.21032 123 DA F N1    
487 C C2    . DA B 5  ? 3.46824 5.17076 4.76241 -1.13495 -0.36157 1.16792 123 DA F C2    
488 N N3    . DA B 5  ? 3.50998 5.22151 4.98339 -1.04044 -0.29880 1.23563 123 DA F N3    
489 C C4    . DA B 5  ? 3.42518 5.16463 5.24370 -0.97162 -0.34612 1.36653 123 DA F C4    
490 P P     . DC B 6  ? 3.47124 5.59009 5.56512 -0.43306 0.24134  1.49355 124 DC F P     
491 O OP1   . DC B 6  ? 3.66959 5.69775 5.60330 -0.37229 0.31816  1.44974 124 DC F OP1   
492 O OP2   . DC B 6  ? 3.23736 5.57662 5.69348 -0.32786 0.28621  1.62970 124 DC F OP2   
493 O "O5'" . DC B 6  ? 3.41031 5.58477 5.20983 -0.54463 0.25191  1.35741 124 DC F "O5'" 
494 C "C5'" . DC B 6  ? 3.58796 5.56726 5.05108 -0.68322 0.18537  1.22982 124 DC F "C5'" 
495 C "C4'" . DC B 6  ? 3.47836 5.55849 4.73298 -0.78147 0.18523  1.12932 124 DC F "C4'" 
496 O "O4'" . DC B 6  ? 3.36129 5.43458 4.74581 -0.83589 0.07253  1.17895 124 DC F "O4'" 
497 C "C3'" . DC B 6  ? 3.28756 5.64602 4.53486 -0.70200 0.32690  1.10578 124 DC F "C3'" 
498 O "O3'" . DC B 6  ? 3.32860 5.70828 4.23437 -0.79845 0.35523  0.95972 124 DC F "O3'" 
499 C "C2'" . DC B 6  ? 3.05317 5.55123 4.52670 -0.68041 0.29201  1.18909 124 DC F "C2'" 
500 C "C1'" . DC B 6  ? 3.15493 5.45110 4.53325 -0.81956 0.13217  1.16050 124 DC F "C1'" 
501 N N1    . DC B 6  ? 3.01980 5.33230 4.62876 -0.82220 0.03857  1.25316 124 DC F N1    
502 C C2    . DC B 6  ? 2.96706 5.27011 4.42213 -0.91783 -0.03698 1.19414 124 DC F C2    
503 O O2    . DC B 6  ? 3.01434 5.31991 4.15952 -0.99704 -0.01794 1.07129 124 DC F O2    
504 N N3    . DC B 6  ? 2.87127 5.16387 4.51823 -0.92027 -0.12949 1.27406 124 DC F N3    
505 C C4    . DC B 6  ? 2.82054 5.12039 4.81003 -0.84334 -0.14832 1.40789 124 DC F C4    
506 N N4    . DC B 6  ? 2.73966 5.01862 4.90545 -0.85760 -0.24589 1.48035 124 DC F N4    
507 C C5    . DC B 6  ? 2.85629 5.18620 5.02061 -0.74710 -0.06880 1.47491 124 DC F C5    
508 C C6    . DC B 6  ? 2.96047 5.29018 4.91906 -0.73489 0.02263  1.39345 124 DC F C6    
509 P P     . DA B 7  ? 3.20440 5.81030 3.97899 -0.72903 0.51216  0.88684 125 DA F P     
510 O OP1   . DA B 7  ? 3.29305 5.87808 3.71142 -0.86638 0.50278  0.73512 125 DA F OP1   
511 O OP2   . DA B 7  ? 3.27778 5.86891 4.15642 -0.60173 0.59751  0.93612 125 DA F OP2   
512 O "O5'" . DA B 7  ? 2.90241 5.77250 3.87486 -0.64378 0.56318  0.95456 125 DA F "O5'" 
513 C "C5'" . DA B 7  ? 2.74048 5.82557 3.53970 -0.64978 0.63970  0.86738 125 DA F "C5'" 
514 C "C4'" . DA B 7  ? 2.69788 5.77112 3.37110 -0.77159 0.54324  0.81942 125 DA F "C4'" 
515 O "O4'" . DA B 7  ? 2.70075 5.64993 3.60534 -0.77985 0.42909  0.92915 125 DA F "O4'" 
516 C "C3'" . DA B 7  ? 2.46509 5.80313 3.08604 -0.73202 0.61331  0.78895 125 DA F "C3'" 
517 O "O3'" . DA B 7  ? 2.48917 5.81582 2.86118 -0.86337 0.54474  0.69118 125 DA F "O3'" 
518 C "C2'" . DA B 7  ? 2.34755 5.72164 3.28363 -0.64495 0.58853  0.93010 125 DA F "C2'" 
519 C "C1'" . DA B 7  ? 2.48855 5.59801 3.47762 -0.74595 0.43286  0.96526 125 DA F "C1'" 
520 N N9    . DA B 7  ? 2.43495 5.49346 3.75583 -0.68726 0.37515  1.10995 125 DA F N9    
521 C C8    . DA B 7  ? 2.43187 5.48371 4.03871 -0.58524 0.41020  1.22646 125 DA F C8    
522 N N7    . DA B 7  ? 2.37065 5.38154 4.24894 -0.56643 0.33506  1.34445 125 DA F N7    
523 C C5    . DA B 7  ? 2.34695 5.31935 4.09338 -0.65780 0.24308  1.29753 125 DA F C5    
524 C C6    . DA B 7  ? 2.30282 5.20780 4.18992 -0.68880 0.13044  1.36525 125 DA F C6    
525 N N6    . DA B 7  ? 2.26402 5.13546 4.48492 -0.63989 0.08810  1.50187 125 DA F N6    
526 N N1    . DA B 7  ? 2.30422 5.17890 3.97050 -0.77293 0.06062  1.28665 125 DA F N1    
527 C C2    . DA B 7  ? 2.32801 5.25624 3.67169 -0.82647 0.10397  1.15454 125 DA F C2    
528 N N3    . DA B 7  ? 2.36410 5.36309 3.55805 -0.81635 0.20525  1.07989 125 DA F N3    
529 C C4    . DA B 7  ? 2.38028 5.38846 3.78522 -0.72809 0.26984  1.15602 125 DA F C4    
530 P P     . DG C 1  ? 3.67753 5.00499 4.03055 -0.20397 -0.08221 0.78953 209 DG G P     
531 O OP1   . DG C 1  ? 3.57464 4.89020 4.03907 -0.21585 -0.24170 0.81742 209 DG G OP1   
532 O OP2   . DG C 1  ? 3.56644 5.09436 4.00245 -0.19229 0.06190  0.74097 209 DG G OP2   
533 O "O5'" . DG C 1  ? 3.99946 4.93664 3.97518 -0.26708 -0.08621 0.79801 209 DG G "O5'" 
534 C "C5'" . DG C 1  ? 4.15856 4.95681 3.93070 -0.31920 0.00098  0.76692 209 DG G "C5'" 
535 C "C4'" . DG C 1  ? 4.41507 4.84016 3.83701 -0.37485 -0.02376 0.78214 209 DG G "C4'" 
536 O "O4'" . DG C 1  ? 4.45289 4.68231 3.81442 -0.39950 -0.19488 0.82544 209 DG G "O4'" 
537 C "C3'" . DG C 1  ? 4.42931 4.80862 3.75067 -0.34532 0.04424  0.78240 209 DG G "C3'" 
538 O "O3'" . DG C 1  ? 4.44915 4.86245 3.67136 -0.34778 0.20837  0.73850 209 DG G "O3'" 
539 C "C2'" . DG C 1  ? 4.62870 4.64002 3.66937 -0.39588 -0.06445 0.81597 209 DG G "C2'" 
540 C "C1'" . DG C 1  ? 4.63679 4.56490 3.71124 -0.43192 -0.21366 0.84126 209 DG G "C1'" 
541 N N9    . DG C 1  ? 4.59245 4.41231 3.67934 -0.42718 -0.36902 0.88425 209 DG G N9    
542 C C8    . DG C 1  ? 4.42263 4.37717 3.73811 -0.40519 -0.49197 0.90697 209 DG G C8    
543 N N7    . DG C 1  ? 4.40910 4.21930 3.67574 -0.40947 -0.61713 0.94183 209 DG G N7    
544 C C5    . DG C 1  ? 4.58492 4.14335 3.56970 -0.43550 -0.57583 0.94292 209 DG G C5    
545 C C6    . DG C 1  ? 4.64648 3.96643 3.46157 -0.45171 -0.66501 0.97131 209 DG G C6    
546 O O6    . DG C 1  ? 4.55199 3.83692 3.43580 -0.44784 -0.80147 1.00194 209 DG G O6    
547 N N1    . DG C 1  ? 4.83167 3.94282 3.37171 -0.47526 -0.57898 0.95829 209 DG G N1    
548 C C2    . DG C 1  ? 4.93508 4.07202 3.38085 -0.48270 -0.42557 0.92166 209 DG G C2    
549 N N2    . DG C 1  ? 5.15999 4.08110 3.33629 -0.50514 -0.36057 0.91112 209 DG G N2    
550 N N3    . DG C 1  ? 4.87279 4.23536 3.47878 -0.46966 -0.34084 0.89447 209 DG G N3    
551 C C4    . DG C 1  ? 4.69881 4.26163 3.57097 -0.44588 -0.42396 0.90756 209 DG G C4    
552 P P     . DG C 2  ? 4.40345 4.89631 3.61410 -0.29299 0.31933  0.72283 210 DG G P     
553 O OP1   . DG C 2  ? 4.37709 4.95486 3.53219 -0.29632 0.48603  0.66971 210 DG G OP1   
554 O OP2   . DG C 2  ? 4.16564 4.91234 3.65990 -0.21966 0.28287  0.74257 210 DG G OP2   
555 O "O5'" . DG C 2  ? 4.62013 4.75582 3.52712 -0.32957 0.25657  0.74933 210 DG G "O5'" 
556 C "C5'" . DG C 2  ? 4.87637 4.73006 3.46634 -0.39704 0.29399  0.73407 210 DG G "C5'" 
557 C "C4'" . DG C 2  ? 5.03182 4.64047 3.38307 -0.40203 0.28541  0.74589 210 DG G "C4'" 
558 O "O4'" . DG C 2  ? 5.11879 4.55551 3.43564 -0.41539 0.11943  0.79515 210 DG G "O4'" 
559 C "C3'" . DG C 2  ? 4.82789 4.59838 3.27152 -0.32983 0.37701  0.73075 210 DG G "C3'" 
560 O "O3'" . DG C 2  ? 4.98624 4.52487 3.15274 -0.34821 0.42834  0.71784 210 DG G "O3'" 
561 C "C2'" . DG C 2  ? 4.70148 4.53999 3.32467 -0.28910 0.25272  0.77604 210 DG G "C2'" 
562 C "C1'" . DG C 2  ? 4.88168 4.42722 3.33401 -0.35391 0.09889  0.81312 210 DG G "C1'" 
563 N N9    . DG C 2  ? 4.75274 4.39743 3.41918 -0.33933 -0.03914 0.85103 210 DG G N9    
564 C C8    . DG C 2  ? 4.59859 4.50260 3.53574 -0.31785 -0.05593 0.84967 210 DG G C8    
565 N N7    . DG C 2  ? 4.50022 4.44105 3.58435 -0.30869 -0.19213 0.88583 210 DG G N7    
566 C C5    . DG C 2  ? 4.58743 4.27590 3.48684 -0.32685 -0.27112 0.91325 210 DG G C5    
567 C C6    . DG C 2  ? 4.52355 4.13273 3.46731 -0.32944 -0.42356 0.95433 210 DG G C6    
568 O O6    . DG C 2  ? 4.37004 4.12513 3.53382 -0.31492 -0.52116 0.97498 210 DG G O6    
569 N N1    . DG C 2  ? 4.64907 3.98285 3.35042 -0.35203 -0.45874 0.96846 210 DG G N1    
570 C C2    . DG C 2  ? 4.82130 3.97993 3.26882 -0.36804 -0.35854 0.94527 210 DG G C2    
571 N N2    . DG C 2  ? 4.92840 3.82860 3.16468 -0.38789 -0.41296 0.96164 210 DG G N2    
572 N N3    . DG C 2  ? 4.87730 4.11241 3.28233 -0.36526 -0.21451 0.90609 210 DG G N3    
573 C C4    . DG C 2  ? 4.75106 4.25178 3.39017 -0.34540 -0.17912 0.89244 210 DG G C4    
574 P P     . DC C 3  ? 5.49171 5.13706 3.68636 -0.27835 0.53119  0.69691 211 DC G P     
575 O OP1   . DC C 3  ? 5.76781 5.23422 3.68384 -0.30899 0.63851  0.65823 211 DC G OP1   
576 O OP2   . DC C 3  ? 5.08188 5.10012 3.59453 -0.20892 0.60066  0.68052 211 DC G OP2   
577 O "O5'" . DC C 3  ? 5.46631 4.97226 3.64262 -0.26130 0.40120  0.74556 211 DC G "O5'" 
578 C "C5'" . DC C 3  ? 5.78197 4.94173 3.69526 -0.32238 0.29576  0.77158 211 DC G "C5'" 
579 C "C4'" . DC C 3  ? 5.68744 4.75503 3.60363 -0.29551 0.19945  0.80858 211 DC G "C4'" 
580 O "O4'" . DC C 3  ? 5.47816 4.61241 3.58246 -0.29675 0.05693  0.85164 211 DC G "O4'" 
581 C "C3'" . DC C 3  ? 5.43355 4.68783 3.48677 -0.21584 0.28120  0.79816 211 DC G "C3'" 
582 O "O3'" . DC C 3  ? 5.54947 4.58495 3.43535 -0.21416 0.23456  0.81488 211 DC G "O3'" 
583 C "C2'" . DC C 3  ? 5.04727 4.57338 3.43251 -0.17285 0.21898  0.82690 211 DC G "C2'" 
584 C "C1'" . DC C 3  ? 5.14183 4.48639 3.47906 -0.22920 0.05144  0.86811 211 DC G "C1'" 
585 N N1    . DC C 3  ? 4.83724 4.40868 3.45713 -0.21531 -0.02009 0.88932 211 DC G N1    
586 C C2    . DC C 3  ? 4.72011 4.25213 3.42890 -0.22154 -0.17070 0.93367 211 DC G C2    
587 O O2    . DC C 3  ? 4.84660 4.14841 3.39179 -0.24026 -0.24181 0.95472 211 DC G O2    
588 N N3    . DC C 3  ? 4.50788 4.25880 3.48117 -0.20730 -0.23423 0.94971 211 DC G N3    
589 C C4    . DC C 3  ? 4.40653 4.40058 3.54781 -0.18723 -0.15366 0.92367 211 DC G C4    
590 N N4    . DC C 3  ? 4.23452 4.44047 3.63460 -0.17219 -0.22062 0.93838 211 DC G N4    
591 C C5    . DC C 3  ? 4.48902 4.52460 3.54271 -0.18196 -0.00009 0.87854 211 DC G C5    
592 C C6    . DC C 3  ? 4.69934 4.52187 3.49401 -0.19667 0.06176  0.86272 211 DC G C6    
593 P P     . DT C 4  ? 6.31934 5.42996 4.21314 -0.14424 0.33784  0.79430 212 DT G P     
594 O OP1   . DT C 4  ? 6.62175 5.41297 4.21179 -0.17295 0.32208  0.79072 212 DT G OP1   
595 O OP2   . DT C 4  ? 6.26578 5.63227 4.27836 -0.10258 0.49129  0.74847 212 DT G OP2   
596 O "O5'" . DT C 4  ? 5.94671 5.22460 4.09831 -0.09167 0.25800  0.83652 212 DT G "O5'" 
597 C "C5'" . DT C 4  ? 5.89063 5.13235 4.02173 -0.04457 0.27004  0.84437 212 DT G "C5'" 
598 C "C4'" . DT C 4  ? 5.91197 4.92097 3.95043 -0.07964 0.11984  0.88886 212 DT G "C4'" 
599 O "O4'" . DT C 4  ? 5.79717 4.84397 3.96298 -0.11837 -0.00275 0.92183 212 DT G "O4'" 
600 C "C3'" . DT C 4  ? 5.63757 4.71750 3.80412 -0.02545 0.09168  0.91654 212 DT G "C3'" 
601 O "O3'" . DT C 4  ? 5.76694 4.57408 3.77361 -0.06419 -0.02655 0.94591 212 DT G "O3'" 
602 C "C2'" . DT C 4  ? 5.24910 4.60928 3.73385 -0.00457 0.04222  0.94434 212 DT G "C2'" 
603 C "C1'" . DT C 4  ? 5.40503 4.63521 3.82551 -0.07831 -0.06610 0.95782 212 DT G "C1'" 
604 N N1    . DT C 4  ? 5.05290 4.54116 3.72976 -0.07309 -0.08543 0.96445 212 DT G N1    
605 C C2    . DT C 4  ? 4.85093 4.37376 3.67515 -0.09167 -0.22399 1.00451 212 DT G C2    
606 O O2    . DT C 4  ? 4.85953 4.21351 3.61714 -0.11410 -0.33281 1.03533 212 DT G O2    
607 N N3    . DT C 4  ? 4.63776 4.40519 3.69410 -0.08306 -0.23101 1.00447 212 DT G N3    
608 C C4    . DT C 4  ? 4.60837 4.58246 3.76197 -0.05992 -0.11625 0.96948 212 DT G C4    
609 O O4    . DT C 4  ? 4.42423 4.60999 3.78921 -0.05352 -0.13452 0.97077 212 DT G O4    
610 C C5    . DT C 4  ? 4.80821 4.73568 3.79978 -0.04358 0.02654  0.92833 212 DT G C5    
611 C C7    . DT C 4  ? 4.77571 4.91959 3.85733 -0.02030 0.15941  0.88501 212 DT G C7    
612 C C6    . DT C 4  ? 5.01621 4.70665 3.77965 -0.05008 0.03509  0.92751 212 DT G C6    
613 P P     . DC C 5  ? 7.58603 6.36218 5.62579 -0.02157 -0.05355 0.97029 213 DC G P     
614 O OP1   . DC C 5  ? 7.77422 6.26261 5.64855 -0.07808 -0.19163 0.99875 213 DC G OP1   
615 O OP2   . DC C 5  ? 7.70965 6.51477 5.67333 0.03447  0.08819  0.93243 213 DC G OP2   
616 O "O5'" . DC C 5  ? 7.09769 6.18985 5.48768 0.02277  -0.08203 1.00292 213 DC G "O5'" 
617 C "C5'" . DC C 5  ? 6.90296 6.02343 5.39545 0.05485  -0.12827 1.03650 213 DC G "C5'" 
618 C "C4'" . DC C 5  ? 6.72742 5.84365 5.34352 0.01436  -0.28300 1.08237 213 DC G "C4'" 
619 O "O4'" . DC C 5  ? 6.62768 5.90890 5.39153 -0.00526 -0.30566 1.08089 213 DC G "O4'" 
620 C "C3'" . DC C 5  ? 6.31388 5.60765 5.16342 0.05639  -0.31539 1.11979 213 DC G "C3'" 
621 O "O3'" . DC C 5  ? 6.26912 5.46174 5.14653 0.00820  -0.46557 1.15791 213 DC G "O3'" 
622 C "C2'" . DC C 5  ? 5.98770 5.62902 5.11092 0.09721  -0.25516 1.11465 213 DC G "C2'" 
623 C "C1'" . DC C 5  ? 6.18335 5.77846 5.25951 0.04068  -0.30138 1.10135 213 DC G "C1'" 
624 N N1    . DC C 5  ? 4.17861 4.01169 3.37830 0.06913  -0.19686 1.06957 213 DC G N1    
625 C C2    . DC C 5  ? 3.94799 4.00669 3.38438 0.06602  -0.24062 1.08047 213 DC G C2    
626 O O2    . DC C 5  ? 3.89845 3.96063 3.44126 0.04072  -0.36620 1.11611 213 DC G O2    
627 N N3    . DC C 5  ? 3.82086 4.09287 3.36590 0.09121  -0.14296 1.04866 213 DC G N3    
628 C C4    . DC C 5  ? 3.90086 4.16999 3.33010 0.11690  -0.00777 1.00745 213 DC G C4    
629 N N4    . DC C 5  ? 3.82239 4.30926 3.36813 0.13879  0.08528  0.97475 213 DC G N4    
630 C C5    . DC C 5  ? 4.07614 4.12326 3.26748 0.12192  0.03872  0.99501 213 DC G C5    
631 C C6    . DC C 5  ? 4.23654 4.06965 3.31976 0.09812  -0.05883 1.02703 213 DC G C6    
632 P P     . DC C 6  ? 5.64818 4.90421 4.67739 0.02999  -0.52511 1.20075 214 DC G P     
633 O OP1   . DC C 6  ? 6.03274 4.96759 4.83755 -0.01628 -0.61260 1.21173 214 DC G OP1   
634 O OP2   . DC C 6  ? 5.38882 4.85448 4.54636 0.10840  -0.40152 1.19525 214 DC G OP2   
635 O "O5'" . DC C 6  ? 5.31931 4.77638 4.60918 0.00941  -0.62787 1.23095 214 DC G "O5'" 
636 C "C5'" . DC C 6  ? 5.13094 4.78340 4.55122 0.01302  -0.59943 1.21376 214 DC G "C5'" 
637 C "C4'" . DC C 6  ? 4.68032 4.68819 4.42163 0.06666  -0.56375 1.22968 214 DC G "C4'" 
638 O "O4'" . DC C 6  ? 4.63244 4.84060 4.47686 0.08623  -0.48942 1.20074 214 DC G "O4'" 
639 C "C3'" . DC C 6  ? 4.52042 4.64320 4.32501 0.13462  -0.46188 1.23395 214 DC G "C3'" 
640 O "O3'" . DC C 6  ? 4.42362 4.45568 4.23675 0.12628  -0.53659 1.27210 214 DC G "O3'" 
641 C "C2'" . DC C 6  ? 4.20887 4.70020 4.31066 0.18430  -0.40751 1.23484 214 DC G "C2'" 
642 C "C1'" . DC C 6  ? 4.30237 4.82560 4.39570 0.15344  -0.41024 1.20557 214 DC G "C1'" 
643 N N1    . DC C 6  ? 4.31653 4.95731 4.39105 0.19533  -0.26434 1.16154 214 DC G N1    
644 C C2    . DC C 6  ? 4.15261 5.06911 4.43378 0.21696  -0.22363 1.14555 214 DC G C2    
645 O O2    . DC C 6  ? 3.92801 4.98352 4.40175 0.20254  -0.31050 1.16825 214 DC G O2    
646 N N3    . DC C 6  ? 4.25060 5.27546 4.51523 0.25298  -0.09007 1.10292 214 DC G N3    
647 C C4    . DC C 6  ? 4.49622 5.36971 4.55184 0.26849  0.00037  1.07635 214 DC G C4    
648 N N4    . DC C 6  ? 4.57447 5.57022 4.62542 0.30307  0.13185  1.03128 214 DC G N4    
649 C C5    . DC C 6  ? 4.67122 5.26357 4.51432 0.24933  -0.03985 1.09194 214 DC G C5    
650 C C6    . DC C 6  ? 4.57180 5.05663 4.43273 0.21282  -0.17170 1.13469 214 DC G C6    
651 O "O5'" . DA D 1  ? 7.86897 7.58491 6.36077 1.13176  -1.27805 0.76921 104 DA H "O5'" 
652 C "C5'" . DA D 1  ? 7.55154 7.48328 6.15405 1.12940  -1.35928 0.85772 104 DA H "C5'" 
653 C "C4'" . DA D 1  ? 7.77693 7.47779 6.26620 1.09444  -1.37212 0.92536 104 DA H "C4'" 
654 O "O4'" . DA D 1  ? 7.39090 7.31827 5.98522 1.07737  -1.45029 1.00722 104 DA H "O4'" 
655 C "C3'" . DA D 1  ? 7.93253 7.39583 6.23965 0.92114  -1.37488 0.88078 104 DA H "C3'" 
656 O "O3'" . DA D 1  ? 8.49204 7.59232 6.63489 0.94694  -1.29394 0.85149 104 DA H "O3'" 
657 C "C2'" . DA D 1  ? 7.77101 7.27121 6.07746 0.84220  -1.44528 0.95855 104 DA H "C2'" 
658 C "C1'" . DA D 1  ? 7.48123 7.21895 5.95114 0.97241  -1.47496 1.04290 104 DA H "C1'" 
659 N N9    . DA D 1  ? 4.84479 4.83313 3.40954 0.88659  -1.55338 1.08602 104 DA H N9    
660 C C8    . DA D 1  ? 4.46460 4.80731 3.20362 0.88726  -1.59487 1.08201 104 DA H C8    
661 N N7    . DA D 1  ? 4.26956 4.79174 3.09607 0.78111  -1.61094 1.10782 104 DA H N7    
662 C C5    . DA D 1  ? 4.51968 4.74720 3.16227 0.72589  -1.65216 1.15213 104 DA H C5    
663 C C6    . DA D 1  ? 4.49095 4.72599 3.12750 0.61327  -1.65472 1.17259 104 DA H C6    
664 N N6    . DA D 1  ? 4.22159 4.71602 3.01762 0.56203  -1.61161 1.11267 104 DA H N6    
665 N N1    . DA D 1  ? 4.78009 4.68955 3.22331 0.56746  -1.68033 1.21865 104 DA H N1    
666 C C2    . DA D 1  ? 5.11401 4.73551 3.42744 0.63347  -1.62385 1.19829 104 DA H C2    
667 N N3    . DA D 1  ? 5.19409 4.78689 3.52309 0.74009  -1.57376 1.15352 104 DA H N3    
668 C C4    . DA D 1  ? 4.87589 4.78693 3.37396 0.78228  -1.59310 1.13314 104 DA H C4    
669 P P     . DG D 2  ? 7.19994 6.03070 5.13331 0.77439  -1.27155 0.77515 105 DG H P     
670 O OP1   . DG D 2  ? 7.73575 6.24595 5.53869 0.83801  -1.16417 0.72416 105 DG H OP1   
671 O OP2   . DG D 2  ? 6.79348 5.84705 4.77744 0.65540  -1.32031 0.71863 105 DG H OP2   
672 O "O5'" . DG D 2  ? 7.27920 5.98728 5.12609 0.67308  -1.32389 0.84133 105 DG H "O5'" 
673 C "C5'" . DG D 2  ? 7.64522 5.98834 5.32221 0.67719  -1.27104 0.85746 105 DG H "C5'" 
674 C "C4'" . DG D 2  ? 7.54452 5.82389 5.15218 0.55849  -1.33261 0.91468 105 DG H "C4'" 
675 O "O4'" . DG D 2  ? 7.01630 5.63169 4.79721 0.55994  -1.41634 0.97755 105 DG H "O4'" 
676 C "C3'" . DG D 2  ? 7.57798 5.74402 5.04611 0.35483  -1.35473 0.85702 105 DG H "C3'" 
677 O "O3'" . DG D 2  ? 7.79951 5.70620 5.11878 0.28051  -1.35662 0.89510 105 DG H "O3'" 
678 C "C2'" . DG D 2  ? 7.00196 5.52792 4.63253 0.27441  -1.44523 0.86852 105 DG H "C2'" 
679 C "C1'" . DG D 2  ? 6.73848 5.43616 4.50489 0.38308  -1.47849 0.96085 105 DG H "C1'" 
680 N N9    . DG D 2  ? 6.18548 5.26933 4.15563 0.37974  -1.54170 0.97584 105 DG H N9    
681 C C8    . DG D 2  ? 5.97484 5.30671 4.08837 0.45388  -1.53965 0.94319 105 DG H C8    
682 N N7    . DG D 2  ? 5.46664 5.11968 3.74996 0.42677  -1.59995 0.96582 105 DG H N7    
683 C C5    . DG D 2  ? 5.33707 4.95148 3.58909 0.32633  -1.64160 1.01376 105 DG H C5    
684 C C6    . DG D 2  ? 4.85691 4.72214 3.24346 0.25196  -1.70214 1.04864 105 DG H C6    
685 O O6    . DG D 2  ? 4.42810 4.62006 3.02741 0.26747  -1.68193 1.01502 105 DG H O6    
686 N N1    . DG D 2  ? 4.91392 4.62719 3.20778 0.15482  -1.72118 1.08767 105 DG H N1    
687 C C2    . DG D 2  ? 5.36938 4.73234 3.46256 0.13509  -1.68927 1.09523 105 DG H C2    
688 N N2    . DG D 2  ? 5.35967 4.62078 3.38544 0.03417  -1.71384 1.13384 105 DG H N2    
689 N N3    . DG D 2  ? 5.81629 4.93995 3.78344 0.20408  -1.63133 1.06257 105 DG H N3    
690 C C4    . DG D 2  ? 5.77481 5.04225 3.83282 0.29762  -1.60895 1.02208 105 DG H C4    
691 P P     . DA D 3  ? 7.88461 5.57954 5.01586 0.07527  -1.36392 0.84209 106 DA H P     
692 O OP1   . DA D 3  ? 8.41308 5.72339 5.35058 0.07774  -1.30222 0.85186 106 DA H OP1   
693 O OP2   . DA D 3  ? 7.82613 5.58642 4.94534 0.00575  -1.35322 0.75396 106 DA H OP2   
694 O "O5'" . DA D 3  ? 7.41683 5.31856 4.63460 -0.04793 -1.46361 0.89411 106 DA H "O5'" 
695 C "C5'" . DA D 3  ? 7.38109 5.25474 4.60745 -0.02352 -1.48877 0.97819 106 DA H "C5'" 
696 C "C4'" . DA D 3  ? 6.94481 4.99618 4.24176 -0.17122 -1.57067 1.00425 106 DA H "C4'" 
697 O "O4'" . DA D 3  ? 6.43698 4.87287 3.96245 -0.13161 -1.62021 1.02154 106 DA H "O4'" 
698 C "C3'" . DA D 3  ? 6.89107 4.88511 4.11078 -0.36014 -1.59657 0.94756 106 DA H "C3'" 
699 O "O3'" . DA D 3  ? 6.77055 4.72735 3.96135 -0.48612 -1.64139 0.98644 106 DA H "O3'" 
700 C "C2'" . DA D 3  ? 6.42969 4.76794 3.84314 -0.37641 -1.64127 0.91792 106 DA H "C2'" 
701 C "C1'" . DA D 3  ? 6.08197 4.68868 3.68371 -0.27267 -1.66955 0.98016 106 DA H "C1'" 
702 N N9    . DA D 3  ? 5.73578 4.65436 3.52631 -0.19960 -1.68422 0.96055 106 DA H N9    
703 C C8    . DA D 3  ? 5.88926 4.81891 3.68447 -0.09749 -1.64122 0.91597 106 DA H C8    
704 N N7    . DA D 3  ? 5.49478 4.74156 3.47983 -0.05078 -1.66748 0.90821 106 DA H N7    
705 C C5    . DA D 3  ? 5.05327 4.50833 3.17028 -0.12707 -1.72817 0.94893 106 DA H C5    
706 C C6    . DA D 3  ? 4.64795 4.46371 3.00044 -0.12667 -1.75839 0.95126 106 DA H C6    
707 N N6    . DA D 3  ? 4.45064 4.49098 2.95360 -0.03893 -1.72369 0.90728 106 DA H N6    
708 N N1    . DA D 3  ? 4.49021 4.43482 2.98178 -0.20412 -1.73729 0.95111 106 DA H N1    
709 C C2    . DA D 3  ? 4.68996 4.41280 3.02933 -0.29537 -1.77205 0.99519 106 DA H C2    
710 N N3    . DA D 3  ? 5.03096 4.40408 3.11210 -0.31284 -1.78421 1.01855 106 DA H N3    
711 C C4    . DA D 3  ? 5.19929 4.45739 3.20049 -0.21954 -1.73814 0.98065 106 DA H C4    
712 P P     . DT D 4  ? 7.04124 4.95140 4.17196 -0.69891 -1.68388 0.95082 107 DT H P     
713 O OP1   . DT D 4  ? 7.31167 4.94482 4.27159 -0.77821 -1.67429 0.97842 107 DT H OP1   
714 O OP2   . DT D 4  ? 7.17752 5.04635 4.24970 -0.74013 -1.66626 0.87878 107 DT H OP2   
715 O "O5'" . DT D 4  ? 6.42188 4.70320 3.79651 -0.76162 -1.76053 0.97738 107 DT H "O5'" 
716 C "C5'" . DT D 4  ? 6.20224 4.52034 3.60305 -0.94277 -1.81436 0.97556 107 DT H "C5'" 
717 C "C4'" . DT D 4  ? 5.66991 4.30569 3.30682 -0.96942 -1.86576 1.01291 107 DT H "C4'" 
718 O "O4'" . DT D 4  ? 5.41837 4.31949 3.22615 -0.83173 -1.86135 1.01458 107 DT H "O4'" 
719 C "C3'" . DT D 4  ? 5.37747 4.17932 3.14838 -1.13580 -1.92759 0.99878 107 DT H "C3'" 
720 O "O3'" . DT D 4  ? 5.18281 4.12826 3.12160 -1.19448 -1.92699 1.02230 107 DT H "O3'" 
721 C "C2'" . DT D 4  ? 5.07992 4.16708 3.07677 -1.06213 -1.90284 0.95386 107 DT H "C2'" 
722 C "C1'" . DT D 4  ? 5.02936 4.23232 3.08545 -0.89054 -1.87600 0.97932 107 DT H "C1'" 
723 N N1    . DT D 4  ? 4.91725 4.27635 3.06266 -0.77159 -1.85060 0.94362 107 DT H N1    
724 C C2    . DT D 4  ? 4.51504 4.21850 2.96753 -0.71612 -1.79820 0.90831 107 DT H C2    
725 O O2    . DT D 4  ? 4.30112 4.17491 2.94848 -0.75841 -1.76932 0.90476 107 DT H O2    
726 N N3    . DT D 4  ? 4.44719 4.26661 2.95113 -0.60937 -1.77571 0.87465 107 DT H N3    
727 C C4    . DT D 4  ? 4.78825 4.42047 3.07566 -0.55792 -1.80503 0.87514 107 DT H C4    
728 O O4    . DT D 4  ? 4.74281 4.50250 3.09688 -0.46629 -1.78376 0.84380 107 DT H O4    
729 C C5    . DT D 4  ? 5.30746 4.56723 3.29454 -0.61285 -1.82860 0.89755 107 DT H C5    
730 C C7    . DT D 4  ? 5.79656 4.81963 3.60253 -0.54236 -1.76608 0.85220 107 DT H C7    
731 C C6    . DT D 4  ? 5.32621 4.46862 3.25630 -0.71460 -1.84861 0.93036 107 DT H C6    
732 P P     . DG D 5  ? 5.30927 4.37185 3.43832 -1.36015 -1.92760 1.00050 108 DG H P     
733 O OP1   . DG D 5  ? 5.39099 4.36656 3.47679 -1.44706 -1.94460 1.04005 108 DG H OP1   
734 O OP2   . DG D 5  ? 5.47855 4.40157 3.48932 -1.44462 -1.94891 0.97200 108 DG H OP2   
735 O "O5'" . DG D 5  ? 4.90297 4.34722 3.40297 -1.29687 -1.86619 0.96871 108 DG H "O5'" 
736 C "C5'" . DG D 5  ? 4.72215 4.35189 3.38939 -1.24799 -1.83151 0.98197 108 DG H "C5'" 
737 C "C4'" . DG D 5  ? 4.37960 4.32329 3.34720 -1.17719 -1.76118 0.93991 108 DG H "C4'" 
738 O "O4'" . DG D 5  ? 4.35253 4.34392 3.30066 -1.05988 -1.74945 0.90816 108 DG H "O4'" 
739 C "C3'" . DG D 5  ? 4.20051 4.25668 3.37099 -1.26460 -1.72374 0.92104 108 DG H "C3'" 
740 O "O3'" . DG D 5  ? 3.93403 4.22714 3.34867 -1.22264 -1.65318 0.90321 108 DG H "O3'" 
741 C "C2'" . DG D 5  ? 4.18563 4.24896 3.34677 -1.22745 -1.71909 0.88618 108 DG H "C2'" 
742 C "C1'" . DG D 5  ? 4.16443 4.29482 3.28660 -1.07655 -1.70991 0.86640 108 DG H "C1'" 
743 N N9    . DG D 5  ? 4.27394 4.32429 3.26411 -1.02577 -1.73101 0.84406 108 DG H N9    
744 C C8    . DG D 5  ? 4.57842 4.36049 3.28862 -1.06739 -1.79271 0.86024 108 DG H C8    
745 N N7    . DG D 5  ? 4.62791 4.38917 3.25977 -1.00611 -1.79525 0.83173 108 DG H N7    
746 C C5    . DG D 5  ? 4.32754 4.37055 3.21171 -0.91430 -1.73304 0.79518 108 DG H C5    
747 C C6    . DG D 5  ? 4.23980 4.39420 3.16943 -0.82248 -1.70667 0.75267 108 DG H C6    
748 O O6    . DG D 5  ? 4.50329 4.53237 3.25780 -0.80766 -1.73643 0.74076 108 DG H O6    
749 N N1    . DG D 5  ? 3.92858 4.34964 3.11994 -0.74803 -1.63554 0.71757 108 DG H N1    
750 C C2    . DG D 5  ? 3.74993 4.29851 3.12149 -0.76354 -1.59363 0.72166 108 DG H C2    
751 N N2    . DG D 5  ? 3.49549 4.25523 3.07122 -0.68580 -1.52193 0.67594 108 DG H N2    
752 N N3    . DG D 5  ? 3.83175 4.28943 3.16841 -0.85187 -1.61903 0.76420 108 DG H N3    
753 C C4    . DG D 5  ? 4.11562 4.32665 3.21157 -0.92275 -1.69010 0.79992 108 DG H C4    
754 P P     . DT D 6  ? 3.75378 4.14961 3.37450 -1.29455 -1.59931 0.90123 109 DT H P     
755 O OP1   . DT D 6  ? 3.63784 4.14944 3.37265 -1.29231 -1.55914 0.90523 109 DT H OP1   
756 O OP2   . DT D 6  ? 3.91975 4.14039 3.43820 -1.41386 -1.64290 0.93450 109 DT H OP2   
757 O "O5'" . DT D 6  ? 3.55377 4.10553 3.33066 -1.20912 -1.53912 0.85094 109 DT H "O5'" 
758 C "C5'" . DT D 6  ? 3.45558 4.12343 3.26141 -1.08355 -1.51246 0.80942 109 DT H "C5'" 
759 C "C4'" . DT D 6  ? 3.30946 4.07695 3.22724 -1.02710 -1.46493 0.76292 109 DT H "C4'" 
760 O "O4'" . DT D 6  ? 3.42152 4.12268 3.20347 -0.98269 -1.50362 0.74969 109 DT H "O4'" 
761 C "C3'" . DT D 6  ? 3.28262 4.02387 3.27439 -1.10540 -1.45015 0.77511 109 DT H "C3'" 
762 O "O3'" . DT D 6  ? 3.06498 3.95751 3.24464 -1.04398 -1.37195 0.73252 109 DT H "O3'" 
763 C "C2'" . DT D 6  ? 3.42142 4.05397 3.28150 -1.12983 -1.49615 0.77777 109 DT H "C2'" 
764 C "C1'" . DT D 6  ? 3.39846 4.09106 3.21406 -1.01474 -1.49364 0.73665 109 DT H "C1'" 
765 N N1    . DT D 6  ? 3.60226 4.15644 3.22094 -1.02529 -1.55395 0.73865 109 DT H N1    
766 C C2    . DT D 6  ? 3.57869 4.20423 3.20265 -0.93892 -1.53556 0.69430 109 DT H C2    
767 O O2    . DT D 6  ? 3.34309 4.13450 3.12364 -0.85256 -1.47285 0.65154 109 DT H O2    
768 N N3    . DT D 6  ? 3.87083 4.34592 3.28854 -0.96028 -1.59330 0.69773 109 DT H N3    
769 C C4    . DT D 6  ? 4.19658 4.44017 3.39191 -1.05837 -1.66347 0.73483 109 DT H C4    
770 O O4    . DT D 6  ? 4.48929 4.57947 3.47728 -1.07342 -1.70716 0.72739 109 DT H O4    
771 C C5    . DT D 6  ? 4.20091 4.37527 3.40298 -1.14504 -1.67907 0.77815 109 DT H C5    
772 C C7    . DT D 6  ? 4.56660 4.47008 3.51761 -1.25739 -1.75021 0.81398 109 DT H C7    
773 C C6    . DT D 6  ? 3.89730 4.23843 3.31601 -1.12444 -1.62502 0.78018 109 DT H C6    
# 
